data_7NOU
#
_entry.id   7NOU
#
_cell.length_a   92.299
_cell.length_b   144.662
_cell.length_c   97.756
_cell.angle_alpha   90.000
_cell.angle_beta   117.800
_cell.angle_gamma   90.000
#
_symmetry.space_group_name_H-M   'P 1 21 1'
#
loop_
_entity.id
_entity.type
_entity.pdbx_description
1 polymer 'Ornithine carbamoyltransferase'
2 non-polymer [3,5-bis(chloranyl)phenyl]-oxidanyl-oxidanylidene-boron
3 non-polymer 'PHOSPHATE ION'
4 water water
#
_entity_poly.entity_id   1
_entity_poly.type   'polypeptide(L)'
_entity_poly.pdbx_seq_one_letter_code
;GSVIRHFLRDDDLSPAEQAEVLELAAELKKDPVSRRPLQGPRGVAVIFDKNSTRTRFSFELGIAQLGGHAVVVDSGSTQL
GRDETLQDTAKVLSRYVDAIVWRTFGQERLDAMASVATVPVINALSDEFHPCQVLADLQTIAERKGALRGLRLSYFGDGA
NNMAHSLLLGGVTAGIHVTVAAPEGFLPDPSVRAAAERRAQDTGASVTVTADAHAAAAGADVLVTDTWTSMGQENDGLDR
VKPFRPFQLNSRLLALADSDAIVLHCLPAHRGDEITDAVMDGPASAVWDEAENRLHAQKALLVWLLERS
;
_entity_poly.pdbx_strand_id   A,B,C,D,E,F
#
loop_
_chem_comp.id
_chem_comp.type
_chem_comp.name
_chem_comp.formula
NMR non-polymer [3,5-bis(chloranyl)phenyl]-oxidanyl-oxidanylidene-boron 'C6 H4 B Cl2 O2'
PO4 non-polymer 'PHOSPHATE ION' 'O4 P -3'
#
# COMPACT_ATOMS: atom_id res chain seq x y z
N SER A 2 29.45 -0.21 5.26
CA SER A 2 29.25 1.15 5.82
C SER A 2 29.38 1.14 7.33
N VAL A 3 29.86 2.23 7.90
CA VAL A 3 29.86 2.35 9.39
C VAL A 3 28.40 2.49 9.79
N ILE A 4 27.97 1.79 10.82
CA ILE A 4 26.60 2.01 11.34
C ILE A 4 26.61 3.32 12.13
N ARG A 5 25.74 4.26 11.77
CA ARG A 5 25.66 5.52 12.50
C ARG A 5 24.65 5.41 13.63
N HIS A 6 24.97 6.03 14.76
CA HIS A 6 24.05 6.14 15.89
C HIS A 6 23.83 7.62 16.20
N PHE A 7 22.77 7.91 16.94
CA PHE A 7 22.49 9.29 17.37
C PHE A 7 22.15 9.26 18.86
N LEU A 8 23.16 9.37 19.70
CA LEU A 8 22.99 9.26 21.17
C LEU A 8 23.12 10.62 21.84
N ARG A 9 23.72 11.57 21.15
CA ARG A 9 23.96 12.94 21.65
C ARG A 9 24.01 13.85 20.42
N ASP A 10 23.80 15.13 20.59
CA ASP A 10 23.64 16.06 19.45
C ASP A 10 24.89 16.18 18.57
N ASP A 11 26.07 16.09 19.16
CA ASP A 11 27.35 16.25 18.43
C ASP A 11 27.68 14.98 17.64
N ASP A 12 26.82 13.95 17.72
CA ASP A 12 27.03 12.80 16.87
C ASP A 12 26.89 13.19 15.40
N LEU A 13 26.19 14.27 15.10
CA LEU A 13 26.15 14.83 13.76
C LEU A 13 27.16 15.96 13.66
N SER A 14 27.95 15.97 12.59
CA SER A 14 28.79 17.12 12.28
C SER A 14 27.88 18.30 11.90
N PRO A 15 28.43 19.52 11.85
CA PRO A 15 27.63 20.66 11.38
C PRO A 15 27.01 20.41 10.00
N ALA A 16 27.77 19.85 9.06
CA ALA A 16 27.21 19.57 7.74
C ALA A 16 26.16 18.47 7.82
N GLU A 17 26.38 17.46 8.66
CA GLU A 17 25.39 16.38 8.73
C GLU A 17 24.11 16.85 9.40
N GLN A 18 24.23 17.70 10.44
CA GLN A 18 23.04 18.27 11.06
C GLN A 18 22.23 19.08 10.07
N ALA A 19 22.90 19.86 9.22
CA ALA A 19 22.19 20.64 8.22
C ALA A 19 21.40 19.76 7.27
N GLU A 20 21.97 18.62 6.86
CA GLU A 20 21.24 17.68 5.99
C GLU A 20 19.98 17.15 6.66
N VAL A 21 20.10 16.74 7.93
CA VAL A 21 18.94 16.22 8.65
C VAL A 21 17.87 17.31 8.78
N LEU A 22 18.28 18.53 9.13
CA LEU A 22 17.29 19.60 9.28
C LEU A 22 16.61 19.94 7.95
N GLU A 23 17.38 19.95 6.86
CA GLU A 23 16.81 20.13 5.53
C GLU A 23 15.81 19.02 5.21
N LEU A 24 16.16 17.78 5.53
CA LEU A 24 15.23 16.69 5.30
C LEU A 24 13.96 16.84 6.15
N ALA A 25 14.10 17.33 7.40
CA ALA A 25 12.92 17.54 8.25
C ALA A 25 11.94 18.53 7.64
N ALA A 26 12.46 19.61 7.04
CA ALA A 26 11.61 20.56 6.32
C ALA A 26 10.93 19.91 5.11
N GLU A 27 11.67 19.10 4.32
CA GLU A 27 11.05 18.42 3.19
C GLU A 27 10.00 17.42 3.64
N LEU A 28 10.26 16.66 4.71
CA LEU A 28 9.26 15.69 5.17
C LEU A 28 8.05 16.38 5.78
N LYS A 29 8.23 17.57 6.35
CA LYS A 29 7.06 18.30 6.83
C LYS A 29 6.14 18.66 5.68
N LYS A 30 6.72 19.05 4.54
CA LYS A 30 5.91 19.39 3.38
C LYS A 30 5.31 18.17 2.68
N ASP A 31 6.02 17.03 2.66
CA ASP A 31 5.59 15.80 1.96
C ASP A 31 5.84 14.61 2.87
N PRO A 32 4.94 14.36 3.82
CA PRO A 32 5.25 13.41 4.90
C PRO A 32 5.21 11.93 4.52
N VAL A 33 4.71 11.54 3.34
CA VAL A 33 4.74 10.13 2.94
C VAL A 33 5.63 9.91 1.72
N SER A 34 6.53 10.85 1.42
CA SER A 34 7.35 10.78 0.22
C SER A 34 8.58 9.90 0.39
N ARG A 35 8.93 9.51 1.61
CA ARG A 35 10.12 8.69 1.86
C ARG A 35 9.68 7.45 2.60
N ARG A 36 9.90 6.28 2.02
CA ARG A 36 9.43 5.02 2.58
C ARG A 36 10.56 4.01 2.68
N PRO A 37 11.63 4.33 3.41
CA PRO A 37 12.74 3.35 3.53
C PRO A 37 12.35 2.12 4.33
N LEU A 38 11.30 2.19 5.16
CA LEU A 38 10.90 1.05 5.97
C LEU A 38 9.68 0.33 5.42
N GLN A 39 9.34 0.57 4.15
CA GLN A 39 8.22 -0.12 3.51
C GLN A 39 8.39 -1.62 3.60
N GLY A 40 7.29 -2.33 3.85
CA GLY A 40 7.34 -3.74 4.11
C GLY A 40 6.10 -4.25 4.84
N PRO A 41 5.93 -3.90 6.13
CA PRO A 41 6.78 -3.00 6.91
C PRO A 41 8.03 -3.64 7.46
N ARG A 42 9.07 -2.84 7.57
CA ARG A 42 10.24 -3.29 8.32
C ARG A 42 10.00 -2.77 9.74
N GLY A 43 10.52 -3.47 10.72
CA GLY A 43 10.32 -3.10 12.12
C GLY A 43 11.33 -2.07 12.61
N VAL A 44 10.89 -1.26 13.58
CA VAL A 44 11.77 -0.43 14.41
C VAL A 44 11.39 -0.68 15.86
N ALA A 45 12.38 -0.98 16.70
CA ALA A 45 12.11 -1.16 18.12
C ALA A 45 12.06 0.19 18.80
N VAL A 46 11.01 0.44 19.58
CA VAL A 46 10.90 1.68 20.36
C VAL A 46 10.77 1.26 21.82
N ILE A 47 11.84 1.44 22.58
CA ILE A 47 12.01 0.81 23.88
C ILE A 47 12.00 1.89 24.95
N PHE A 48 11.23 1.68 26.01
CA PHE A 48 11.12 2.66 27.09
C PHE A 48 11.54 2.00 28.39
N ASP A 49 12.63 2.49 28.98
CA ASP A 49 12.93 2.12 30.36
C ASP A 49 12.04 2.86 31.34
N LYS A 50 11.50 4.00 30.93
CA LYS A 50 10.50 4.76 31.66
C LYS A 50 9.57 5.32 30.59
N ASN A 51 8.27 5.15 30.79
CA ASN A 51 7.33 5.47 29.73
C ASN A 51 7.31 6.97 29.46
N SER A 52 7.08 7.30 28.18
CA SER A 52 7.01 8.70 27.74
C SER A 52 5.99 8.72 26.60
N THR A 53 4.76 9.08 26.94
CA THR A 53 3.66 9.03 25.97
C THR A 53 3.94 9.94 24.77
N ARG A 54 4.48 11.13 25.01
CA ARG A 54 4.79 12.07 23.94
C ARG A 54 5.80 11.50 22.98
N THR A 55 6.86 10.89 23.50
CA THR A 55 7.92 10.29 22.65
C THR A 55 7.32 9.12 21.85
N ARG A 56 6.47 8.33 22.48
CA ARG A 56 5.86 7.16 21.83
C ARG A 56 4.97 7.59 20.67
N PHE A 57 4.04 8.51 20.90
CA PHE A 57 3.15 9.02 19.84
C PHE A 57 3.96 9.47 18.62
N SER A 58 4.96 10.31 18.87
CA SER A 58 5.77 10.90 17.79
C SER A 58 6.47 9.82 16.98
N PHE A 59 7.12 8.89 17.67
CA PHE A 59 7.86 7.85 16.97
C PHE A 59 6.94 6.82 16.33
N GLU A 60 5.88 6.43 17.04
CA GLU A 60 4.97 5.42 16.50
C GLU A 60 4.38 5.89 15.18
N LEU A 61 3.91 7.14 15.14
CA LEU A 61 3.33 7.67 13.91
C LEU A 61 4.40 7.94 12.87
N GLY A 62 5.54 8.50 13.29
CA GLY A 62 6.58 8.82 12.32
C GLY A 62 7.11 7.59 11.62
N ILE A 63 7.38 6.53 12.39
CA ILE A 63 7.84 5.26 11.80
C ILE A 63 6.82 4.71 10.81
N ALA A 64 5.53 4.79 11.15
CA ALA A 64 4.51 4.27 10.23
C ALA A 64 4.46 5.08 8.93
N GLN A 65 4.65 6.40 9.01
CA GLN A 65 4.67 7.23 7.80
C GLN A 65 5.91 7.02 6.94
N LEU A 66 6.93 6.36 7.47
CA LEU A 66 8.07 5.89 6.68
C LEU A 66 7.83 4.50 6.12
N GLY A 67 6.64 3.94 6.29
CA GLY A 67 6.36 2.60 5.81
C GLY A 67 6.53 1.50 6.83
N GLY A 68 7.10 1.81 8.01
CA GLY A 68 7.52 0.80 8.95
C GLY A 68 6.46 0.47 9.99
N HIS A 69 6.85 -0.41 10.91
CA HIS A 69 6.00 -0.77 12.05
C HIS A 69 6.82 -0.60 13.31
N ALA A 70 6.44 0.35 14.17
CA ALA A 70 7.10 0.50 15.44
C ALA A 70 6.68 -0.62 16.37
N VAL A 71 7.64 -1.36 16.92
CA VAL A 71 7.32 -2.33 17.96
C VAL A 71 7.70 -1.70 19.29
N VAL A 72 6.70 -1.33 20.06
CA VAL A 72 6.92 -0.59 21.30
C VAL A 72 7.08 -1.57 22.45
N VAL A 73 8.13 -1.37 23.23
CA VAL A 73 8.38 -2.17 24.42
C VAL A 73 8.40 -1.21 25.61
N ASP A 74 7.40 -1.30 26.48
CA ASP A 74 7.27 -0.35 27.57
C ASP A 74 8.00 -0.83 28.82
N SER A 75 7.98 0.02 29.85
CA SER A 75 8.85 -0.19 31.00
C SER A 75 8.49 -1.44 31.79
N GLY A 76 7.20 -1.79 31.78
CA GLY A 76 6.74 -2.97 32.53
C GLY A 76 7.05 -4.28 31.85
N SER A 77 8.22 -4.39 31.22
CA SER A 77 8.52 -5.62 30.45
C SER A 77 9.89 -6.18 30.82
N THR A 78 10.06 -6.69 32.05
CA THR A 78 11.30 -7.34 32.52
C THR A 78 12.55 -6.45 32.49
N GLN A 79 12.49 -5.22 31.94
CA GLN A 79 13.58 -4.20 31.93
C GLN A 79 14.89 -4.65 31.26
N LEU A 80 15.31 -3.88 30.26
CA LEU A 80 16.56 -4.20 29.52
C LEU A 80 17.72 -4.26 30.51
N GLY A 81 18.43 -5.38 30.56
CA GLY A 81 19.57 -5.55 31.48
C GLY A 81 19.27 -6.59 32.55
N ARG A 82 17.99 -6.93 32.77
CA ARG A 82 17.63 -7.84 33.89
C ARG A 82 17.59 -9.31 33.47
N ASP A 83 16.57 -9.72 32.73
CA ASP A 83 16.39 -11.14 32.32
C ASP A 83 17.44 -11.55 31.28
N GLU A 84 18.06 -10.57 30.64
CA GLU A 84 19.06 -10.85 29.61
C GLU A 84 20.08 -9.75 29.65
N THR A 85 21.29 -10.06 29.20
CA THR A 85 22.30 -9.00 29.11
C THR A 85 21.88 -8.04 28.01
N LEU A 86 22.29 -6.81 28.16
CA LEU A 86 21.99 -5.79 27.14
C LEU A 86 22.58 -6.24 25.79
N GLN A 87 23.70 -6.95 25.83
CA GLN A 87 24.31 -7.33 24.57
C GLN A 87 23.55 -8.45 23.90
N ASP A 88 23.00 -9.39 24.69
CA ASP A 88 22.12 -10.39 24.10
C ASP A 88 20.92 -9.71 23.42
N THR A 89 20.41 -8.65 24.04
CA THR A 89 19.23 -7.98 23.49
C THR A 89 19.55 -7.26 22.19
N ALA A 90 20.70 -6.57 22.13
CA ALA A 90 21.09 -5.91 20.90
C ALA A 90 21.31 -6.91 19.78
N LYS A 91 21.77 -8.12 20.12
CA LYS A 91 22.06 -9.13 19.10
C LYS A 91 20.77 -9.63 18.44
N VAL A 92 19.77 -9.96 19.25
CA VAL A 92 18.52 -10.44 18.67
C VAL A 92 17.77 -9.30 17.97
N LEU A 93 17.68 -8.13 18.62
CA LEU A 93 16.97 -6.99 18.01
C LEU A 93 17.54 -6.67 16.63
N SER A 94 18.86 -6.79 16.46
CA SER A 94 19.47 -6.51 15.16
C SER A 94 18.99 -7.47 14.08
N ARG A 95 18.43 -8.61 14.46
CA ARG A 95 17.84 -9.51 13.47
C ARG A 95 16.40 -9.17 13.12
N TYR A 96 15.70 -8.46 14.01
CA TYR A 96 14.26 -8.21 13.86
C TYR A 96 13.94 -6.87 13.23
N VAL A 97 14.72 -5.83 13.53
CA VAL A 97 14.35 -4.45 13.23
C VAL A 97 15.51 -3.75 12.54
N ASP A 98 15.18 -2.63 11.89
CA ASP A 98 16.15 -1.88 11.10
C ASP A 98 16.78 -0.72 11.88
N ALA A 99 16.27 -0.43 13.08
CA ALA A 99 16.79 0.63 13.94
C ALA A 99 16.24 0.38 15.33
N ILE A 100 16.92 0.91 16.33
CA ILE A 100 16.53 0.77 17.73
C ILE A 100 16.41 2.18 18.32
N VAL A 101 15.20 2.53 18.77
CA VAL A 101 14.93 3.80 19.44
C VAL A 101 14.75 3.50 20.92
N TRP A 102 15.48 4.19 21.79
CA TRP A 102 15.56 3.80 23.20
C TRP A 102 15.48 5.02 24.11
N ARG A 103 14.52 5.03 25.01
CA ARG A 103 14.49 6.01 26.11
C ARG A 103 15.04 5.32 27.35
N THR A 104 16.16 5.81 27.86
CA THR A 104 16.77 5.20 29.02
C THR A 104 17.39 6.29 29.89
N PHE A 105 18.24 5.89 30.83
CA PHE A 105 18.69 6.77 31.89
C PHE A 105 20.14 7.17 31.64
N GLY A 106 21.10 6.39 32.11
CA GLY A 106 22.49 6.77 31.97
C GLY A 106 23.00 6.60 30.55
N GLN A 107 23.91 7.47 30.16
CA GLN A 107 24.46 7.44 28.82
C GLN A 107 25.24 6.16 28.56
N GLU A 108 25.83 5.57 29.59
CA GLU A 108 26.65 4.37 29.39
C GLU A 108 25.83 3.22 28.80
N ARG A 109 24.53 3.19 29.10
CA ARG A 109 23.67 2.14 28.54
C ARG A 109 23.48 2.33 27.05
N LEU A 110 23.27 3.58 26.61
CA LEU A 110 23.15 3.87 25.19
C LEU A 110 24.41 3.52 24.43
N ASP A 111 25.57 3.92 24.98
CA ASP A 111 26.85 3.58 24.39
C ASP A 111 27.03 2.07 24.28
N ALA A 112 26.66 1.34 25.32
CA ALA A 112 26.84 -0.11 25.31
C ALA A 112 25.99 -0.74 24.21
N MET A 113 24.73 -0.30 24.08
CA MET A 113 23.87 -0.83 23.04
C MET A 113 24.41 -0.51 21.66
N ALA A 114 24.82 0.74 21.44
CA ALA A 114 25.32 1.18 20.14
C ALA A 114 26.64 0.50 19.76
N SER A 115 27.40 0.01 20.73
CA SER A 115 28.64 -0.66 20.36
C SER A 115 28.44 -2.08 19.83
N VAL A 116 27.28 -2.71 20.09
CA VAL A 116 27.14 -4.09 19.65
C VAL A 116 26.03 -4.21 18.60
N ALA A 117 25.04 -3.33 18.66
CA ALA A 117 23.95 -3.38 17.67
C ALA A 117 24.51 -3.16 16.27
N THR A 118 24.01 -3.92 15.30
CA THR A 118 24.39 -3.73 13.91
C THR A 118 23.33 -2.97 13.13
N VAL A 119 22.50 -2.22 13.83
CA VAL A 119 21.54 -1.28 13.24
C VAL A 119 21.65 0.02 14.02
N PRO A 120 21.18 1.13 13.45
CA PRO A 120 21.28 2.42 14.16
C PRO A 120 20.53 2.43 15.48
N VAL A 121 21.15 3.04 16.49
CA VAL A 121 20.55 3.28 17.80
C VAL A 121 20.31 4.78 17.94
N ILE A 122 19.10 5.16 18.35
CA ILE A 122 18.73 6.56 18.56
C ILE A 122 18.37 6.75 20.03
N ASN A 123 18.95 7.79 20.66
CA ASN A 123 18.56 8.22 22.00
C ASN A 123 17.26 8.99 21.88
N ALA A 124 16.14 8.37 22.25
CA ALA A 124 14.84 9.04 22.21
C ALA A 124 14.74 10.14 23.27
N LEU A 125 15.48 9.98 24.36
CA LEU A 125 15.45 10.84 25.55
C LEU A 125 16.24 10.13 26.64
N SER A 126 17.17 10.82 27.28
CA SER A 126 17.97 10.23 28.34
C SER A 126 18.17 11.25 29.44
N ASP A 127 18.81 10.80 30.54
CA ASP A 127 19.07 11.73 31.63
C ASP A 127 20.02 12.85 31.21
N GLU A 128 20.94 12.57 30.29
CA GLU A 128 21.97 13.56 29.97
C GLU A 128 21.66 14.39 28.74
N PHE A 129 20.96 13.80 27.77
CA PHE A 129 20.67 14.52 26.51
C PHE A 129 19.24 14.29 26.01
N HIS A 130 18.71 15.26 25.28
CA HIS A 130 17.39 15.10 24.60
C HIS A 130 17.64 15.51 23.15
N PRO A 131 18.48 14.78 22.40
CA PRO A 131 18.89 15.22 21.07
C PRO A 131 17.78 15.39 20.02
N CYS A 132 16.77 14.55 20.08
CA CYS A 132 15.65 14.63 19.13
C CYS A 132 14.82 15.89 19.38
N GLN A 133 14.62 16.25 20.65
CA GLN A 133 13.90 17.50 20.89
C GLN A 133 14.66 18.68 20.30
N VAL A 134 15.98 18.66 20.41
CA VAL A 134 16.71 19.84 19.94
C VAL A 134 16.70 19.90 18.42
N LEU A 135 16.72 18.75 17.74
CA LEU A 135 16.49 18.79 16.29
C LEU A 135 15.15 19.46 15.97
N ALA A 136 14.10 19.09 16.71
CA ALA A 136 12.80 19.74 16.51
C ALA A 136 12.87 21.25 16.83
N ASP A 137 13.59 21.61 17.90
CA ASP A 137 13.79 23.03 18.25
C ASP A 137 14.44 23.79 17.10
N LEU A 138 15.53 23.24 16.55
CA LEU A 138 16.24 23.93 15.46
C LEU A 138 15.37 24.02 14.22
N GLN A 139 14.61 22.97 13.90
CA GLN A 139 13.65 23.06 12.80
C GLN A 139 12.66 24.19 13.02
N THR A 140 12.16 24.32 14.25
CA THR A 140 11.20 25.38 14.58
C THR A 140 11.84 26.75 14.48
N ILE A 141 13.06 26.91 15.00
CA ILE A 141 13.71 28.22 14.90
C ILE A 141 13.91 28.60 13.43
N ALA A 142 14.31 27.64 12.60
CA ALA A 142 14.55 27.91 11.19
C ALA A 142 13.27 28.31 10.46
N GLU A 143 12.14 27.66 10.80
CA GLU A 143 10.85 28.08 10.23
C GLU A 143 10.55 29.54 10.55
N ARG A 144 10.80 29.93 11.79
CA ARG A 144 10.42 31.27 12.22
C ARG A 144 11.45 32.31 11.80
N LYS A 145 12.73 31.94 11.70
CA LYS A 145 13.77 32.96 11.59
C LYS A 145 14.75 32.81 10.43
N GLY A 146 14.69 31.72 9.68
CA GLY A 146 15.57 31.57 8.53
C GLY A 146 16.89 30.93 8.93
N ALA A 147 17.99 31.58 8.59
CA ALA A 147 19.30 31.00 8.86
C ALA A 147 19.56 30.92 10.36
N LEU A 148 20.01 29.74 10.81
CA LEU A 148 20.33 29.56 12.22
C LEU A 148 21.66 30.20 12.59
N ARG A 149 22.61 30.21 11.65
CA ARG A 149 23.94 30.71 11.94
C ARG A 149 23.90 32.14 12.44
N GLY A 150 24.54 32.38 13.59
CA GLY A 150 24.64 33.71 14.14
C GLY A 150 23.53 34.09 15.10
N LEU A 151 22.47 33.29 15.20
CA LEU A 151 21.40 33.60 16.14
C LEU A 151 21.92 33.48 17.56
N ARG A 152 21.24 34.17 18.48
CA ARG A 152 21.58 34.16 19.88
C ARG A 152 20.45 33.49 20.64
N LEU A 153 20.77 32.39 21.32
CA LEU A 153 19.77 31.62 22.05
C LEU A 153 20.14 31.57 23.52
N SER A 154 19.15 31.72 24.39
CA SER A 154 19.37 31.70 25.83
C SER A 154 18.43 30.70 26.48
N TYR A 155 18.98 29.82 27.31
CA TYR A 155 18.23 28.84 28.09
C TYR A 155 18.29 29.22 29.57
N PHE A 156 17.16 29.05 30.28
CA PHE A 156 17.00 29.50 31.66
C PHE A 156 16.53 28.34 32.51
N GLY A 157 17.12 28.19 33.69
CA GLY A 157 16.62 27.24 34.65
C GLY A 157 17.71 26.30 35.14
N ASP A 158 17.44 25.01 35.08
CA ASP A 158 18.40 24.01 35.51
C ASP A 158 19.40 23.82 34.39
N GLY A 159 20.64 24.25 34.60
CA GLY A 159 21.61 24.20 33.53
C GLY A 159 22.27 22.86 33.30
N ALA A 160 21.91 21.82 34.06
CA ALA A 160 22.52 20.50 33.92
C ALA A 160 21.52 19.42 33.52
N ASN A 161 20.33 19.79 33.07
CA ASN A 161 19.40 18.77 32.65
C ASN A 161 19.62 18.47 31.17
N ASN A 162 18.81 17.55 30.63
CA ASN A 162 19.11 17.04 29.29
C ASN A 162 18.92 18.11 28.23
N MET A 163 17.98 19.05 28.43
CA MET A 163 17.74 20.09 27.42
C MET A 163 18.85 21.12 27.39
N ALA A 164 19.34 21.54 28.56
CA ALA A 164 20.46 22.46 28.58
C ALA A 164 21.66 21.86 27.87
N HIS A 165 21.97 20.59 28.17
CA HIS A 165 23.13 19.94 27.54
C HIS A 165 22.94 19.84 26.02
N SER A 166 21.75 19.44 25.58
CA SER A 166 21.53 19.27 24.14
C SER A 166 21.43 20.60 23.42
N LEU A 167 20.87 21.62 24.07
CA LEU A 167 20.84 22.92 23.42
C LEU A 167 22.25 23.47 23.26
N LEU A 168 23.12 23.20 24.24
CA LEU A 168 24.52 23.56 24.07
C LEU A 168 25.12 22.86 22.85
N LEU A 169 25.05 21.53 22.82
CA LEU A 169 25.76 20.78 21.78
C LEU A 169 25.12 20.99 20.42
N GLY A 170 23.79 20.81 20.34
CA GLY A 170 23.11 20.94 19.06
C GLY A 170 23.03 22.37 18.59
N GLY A 171 22.83 23.31 19.53
CA GLY A 171 22.84 24.72 19.18
C GLY A 171 24.15 25.18 18.55
N VAL A 172 25.29 24.86 19.18
CA VAL A 172 26.55 25.34 18.60
C VAL A 172 26.88 24.57 17.32
N THR A 173 26.36 23.35 17.17
CA THR A 173 26.55 22.63 15.92
C THR A 173 25.87 23.36 14.76
N ALA A 174 24.77 24.07 15.05
CA ALA A 174 24.05 24.88 14.07
C ALA A 174 24.59 26.30 13.93
N GLY A 175 25.67 26.64 14.63
CA GLY A 175 26.22 27.98 14.53
C GLY A 175 25.56 29.01 15.42
N ILE A 176 24.74 28.58 16.36
CA ILE A 176 24.01 29.46 17.28
C ILE A 176 24.88 29.76 18.51
N HIS A 177 24.91 31.04 18.92
CA HIS A 177 25.53 31.45 20.19
C HIS A 177 24.59 31.08 21.34
N VAL A 178 24.98 30.09 22.16
CA VAL A 178 24.13 29.56 23.22
C VAL A 178 24.58 30.10 24.57
N THR A 179 23.62 30.58 25.35
CA THR A 179 23.85 31.01 26.72
C THR A 179 22.98 30.15 27.62
N VAL A 180 23.56 29.67 28.70
CA VAL A 180 22.82 28.98 29.75
C VAL A 180 22.82 29.90 30.96
N ALA A 181 21.62 30.33 31.39
CA ALA A 181 21.44 31.07 32.62
C ALA A 181 20.90 30.13 33.69
N ALA A 182 21.68 29.90 34.73
CA ALA A 182 21.37 28.91 35.73
C ALA A 182 21.99 29.33 37.05
N PRO A 183 21.39 28.98 38.18
CA PRO A 183 22.01 29.33 39.46
C PRO A 183 23.18 28.42 39.75
N GLU A 184 24.11 28.92 40.57
CA GLU A 184 25.26 28.12 40.98
C GLU A 184 24.81 26.82 41.63
N GLY A 185 25.55 25.76 41.36
CA GLY A 185 25.18 24.43 41.77
C GLY A 185 24.36 23.67 40.75
N PHE A 186 23.88 24.35 39.72
CA PHE A 186 23.01 23.78 38.70
C PHE A 186 23.57 24.06 37.30
N LEU A 187 24.90 24.00 37.16
CA LEU A 187 25.60 24.37 35.94
C LEU A 187 25.81 23.16 35.04
N PRO A 188 26.00 23.38 33.75
CA PRO A 188 26.20 22.24 32.83
C PRO A 188 27.35 21.35 33.25
N ASP A 189 27.22 20.07 32.92
CA ASP A 189 28.33 19.14 33.12
C ASP A 189 29.59 19.68 32.44
N PRO A 190 30.76 19.61 33.11
CA PRO A 190 32.00 20.14 32.49
C PRO A 190 32.39 19.48 31.18
N SER A 191 32.23 18.16 31.05
CA SER A 191 32.57 17.48 29.80
C SER A 191 31.70 17.96 28.66
N VAL A 192 30.38 18.09 28.88
CA VAL A 192 29.49 18.60 27.85
C VAL A 192 29.86 20.04 27.51
N ARG A 193 30.06 20.87 28.51
CA ARG A 193 30.42 22.26 28.23
C ARG A 193 31.70 22.34 27.41
N ALA A 194 32.69 21.49 27.74
CA ALA A 194 33.95 21.50 26.97
C ALA A 194 33.75 21.00 25.55
N ALA A 195 32.91 19.97 25.36
CA ALA A 195 32.62 19.52 24.00
C ALA A 195 31.92 20.61 23.20
N ALA A 196 30.96 21.32 23.82
CA ALA A 196 30.25 22.38 23.11
C ALA A 196 31.21 23.53 22.75
N GLU A 197 32.09 23.90 23.68
CA GLU A 197 33.06 24.94 23.38
C GLU A 197 33.94 24.54 22.20
N ARG A 198 34.43 23.30 22.18
CA ARG A 198 35.23 22.86 21.04
C ARG A 198 34.42 22.88 19.75
N ARG A 199 33.21 22.34 19.76
CA ARG A 199 32.38 22.35 18.55
C ARG A 199 32.08 23.77 18.09
N ALA A 200 31.78 24.69 19.02
CA ALA A 200 31.51 26.07 18.65
C ALA A 200 32.69 26.72 17.94
N GLN A 201 33.91 26.22 18.20
CA GLN A 201 35.08 26.74 17.49
C GLN A 201 34.99 26.48 15.99
N ASP A 202 34.44 25.32 15.61
CA ASP A 202 34.34 24.94 14.19
C ASP A 202 33.27 25.73 13.47
N THR A 203 32.25 26.20 14.18
CA THR A 203 31.13 26.85 13.51
C THR A 203 31.10 28.36 13.71
N GLY A 204 32.05 28.92 14.47
CA GLY A 204 31.98 30.34 14.80
C GLY A 204 30.97 30.69 15.89
N ALA A 205 30.39 29.68 16.55
CA ALA A 205 29.42 29.90 17.61
C ALA A 205 30.17 30.22 18.91
N SER A 206 29.47 30.23 20.04
CA SER A 206 30.09 30.46 21.33
C SER A 206 29.20 29.88 22.41
N VAL A 207 29.80 29.63 23.57
CA VAL A 207 29.12 29.11 24.76
C VAL A 207 29.28 30.14 25.87
N THR A 208 28.18 30.47 26.53
CA THR A 208 28.19 31.35 27.71
C THR A 208 27.41 30.70 28.83
N VAL A 209 27.93 30.77 30.04
CA VAL A 209 27.21 30.27 31.22
C VAL A 209 27.19 31.38 32.25
N THR A 210 26.00 31.70 32.77
CA THR A 210 25.90 32.87 33.64
C THR A 210 24.79 32.66 34.66
N ALA A 211 24.89 33.37 35.78
CA ALA A 211 23.79 33.39 36.74
C ALA A 211 22.92 34.64 36.62
N ASP A 212 23.21 35.50 35.63
CA ASP A 212 22.48 36.76 35.44
C ASP A 212 21.44 36.56 34.33
N ALA A 213 20.18 36.33 34.72
CA ALA A 213 19.13 36.01 33.75
C ALA A 213 18.81 37.20 32.86
N HIS A 214 18.70 38.38 33.46
CA HIS A 214 18.52 39.61 32.69
C HIS A 214 19.61 39.82 31.64
N ALA A 215 20.87 39.57 31.99
CA ALA A 215 21.89 39.69 30.95
C ALA A 215 21.71 38.62 29.87
N ALA A 216 21.32 37.41 30.27
CA ALA A 216 21.11 36.36 29.28
C ALA A 216 19.93 36.66 28.37
N ALA A 217 18.93 37.41 28.86
CA ALA A 217 17.76 37.68 28.04
C ALA A 217 18.00 38.82 27.05
N ALA A 218 18.86 39.77 27.41
CA ALA A 218 19.09 40.95 26.58
C ALA A 218 19.65 40.57 25.22
N GLY A 219 18.99 41.04 24.16
CA GLY A 219 19.40 40.75 22.80
C GLY A 219 19.21 39.33 22.31
N ALA A 220 18.53 38.47 23.07
CA ALA A 220 18.33 37.10 22.60
C ALA A 220 17.29 37.03 21.47
N ASP A 221 17.53 36.15 20.51
CA ASP A 221 16.57 35.81 19.45
C ASP A 221 15.62 34.69 19.87
N VAL A 222 16.08 33.77 20.70
CA VAL A 222 15.28 32.63 21.15
C VAL A 222 15.50 32.50 22.66
N LEU A 223 14.40 32.40 23.41
CA LEU A 223 14.43 32.13 24.84
C LEU A 223 13.84 30.75 25.07
N VAL A 224 14.54 29.91 25.84
CA VAL A 224 14.14 28.54 26.07
C VAL A 224 14.13 28.29 27.57
N THR A 225 13.16 27.53 28.05
CA THR A 225 13.26 26.99 29.40
C THR A 225 12.68 25.58 29.39
N ASP A 226 12.60 24.97 30.57
CA ASP A 226 12.21 23.57 30.73
C ASP A 226 11.84 23.39 32.20
N THR A 227 11.20 22.27 32.53
CA THR A 227 10.87 22.06 33.93
C THR A 227 12.13 22.11 34.78
N TRP A 228 11.98 22.61 36.01
CA TRP A 228 13.12 22.73 36.91
C TRP A 228 13.48 21.39 37.54
N THR A 229 12.58 20.42 37.51
CA THR A 229 12.79 19.16 38.22
C THR A 229 12.26 18.01 37.37
N SER A 230 13.09 17.01 37.14
CA SER A 230 12.59 15.77 36.52
C SER A 230 12.02 14.87 37.60
N MET A 231 11.36 13.79 37.17
CA MET A 231 10.74 12.86 38.13
C MET A 231 11.77 12.25 39.07
N GLY A 232 12.95 11.91 38.56
CA GLY A 232 13.99 11.35 39.42
C GLY A 232 14.50 12.32 40.48
N GLN A 233 14.42 13.63 40.22
CA GLN A 233 15.01 14.63 41.11
C GLN A 233 14.09 15.06 42.26
N GLU A 234 12.82 14.66 42.24
CA GLU A 234 11.92 15.08 43.30
C GLU A 234 12.32 14.53 44.66
N ASN A 235 13.15 13.50 44.70
CA ASN A 235 13.64 12.92 45.95
C ASN A 235 15.11 13.24 46.23
N ASP A 236 15.69 14.25 45.57
CA ASP A 236 17.11 14.53 45.73
C ASP A 236 17.43 15.37 46.95
N GLY A 237 16.42 15.85 47.67
CA GLY A 237 16.64 16.56 48.90
C GLY A 237 16.72 18.07 48.79
N LEU A 238 16.78 18.62 47.58
CA LEU A 238 16.94 20.05 47.36
C LEU A 238 15.60 20.78 47.30
N ASP A 239 15.60 22.01 47.80
CA ASP A 239 14.61 23.01 47.42
C ASP A 239 14.88 23.34 45.95
N ARG A 240 14.01 22.85 45.06
CA ARG A 240 14.13 23.07 43.63
C ARG A 240 13.13 24.10 43.13
N VAL A 241 12.76 25.06 43.97
CA VAL A 241 11.94 26.18 43.53
C VAL A 241 12.70 27.48 43.81
N LYS A 242 13.08 27.71 45.07
CA LYS A 242 13.73 28.97 45.43
C LYS A 242 14.95 29.32 44.55
N PRO A 243 15.86 28.41 44.21
CA PRO A 243 17.01 28.82 43.37
C PRO A 243 16.61 29.28 41.99
N PHE A 244 15.48 28.80 41.46
CA PHE A 244 15.13 29.01 40.06
C PHE A 244 14.17 30.16 39.83
N ARG A 245 13.51 30.66 40.87
CA ARG A 245 12.53 31.72 40.68
C ARG A 245 13.06 32.92 39.92
N PRO A 246 14.32 33.38 40.12
CA PRO A 246 14.82 34.50 39.31
C PRO A 246 14.98 34.17 37.84
N PHE A 247 14.92 32.89 37.46
CA PHE A 247 15.10 32.46 36.08
C PHE A 247 13.79 32.16 35.38
N GLN A 248 12.66 32.50 35.99
CA GLN A 248 11.36 32.25 35.35
C GLN A 248 11.26 33.02 34.05
N LEU A 249 10.79 32.34 33.01
CA LEU A 249 10.61 32.98 31.70
C LEU A 249 9.21 33.59 31.70
N ASN A 250 9.14 34.87 32.08
CA ASN A 250 7.92 35.64 32.23
C ASN A 250 7.93 36.80 31.25
N SER A 251 6.84 37.58 31.24
CA SER A 251 6.70 38.68 30.29
C SER A 251 7.81 39.72 30.47
N ARG A 252 8.22 39.96 31.71
CA ARG A 252 9.29 40.93 31.96
C ARG A 252 10.60 40.45 31.34
N LEU A 253 10.92 39.17 31.49
CA LEU A 253 12.17 38.67 30.91
C LEU A 253 12.11 38.67 29.38
N LEU A 254 10.96 38.28 28.81
CA LEU A 254 10.83 38.28 27.35
C LEU A 254 10.96 39.69 26.79
N ALA A 255 10.49 40.70 27.51
CA ALA A 255 10.58 42.07 27.03
C ALA A 255 12.02 42.58 26.97
N LEU A 256 12.95 41.95 27.69
CA LEU A 256 14.36 42.31 27.58
C LEU A 256 15.02 41.82 26.30
N ALA A 257 14.41 40.84 25.63
CA ALA A 257 15.02 40.21 24.47
C ALA A 257 14.73 41.03 23.22
N ASP A 258 15.29 40.59 22.10
CA ASP A 258 14.98 41.23 20.82
C ASP A 258 13.46 41.26 20.60
N SER A 259 12.99 42.26 19.86
CA SER A 259 11.55 42.47 19.71
C SER A 259 10.89 41.32 18.96
N ASP A 260 11.63 40.61 18.11
CA ASP A 260 11.13 39.47 17.36
C ASP A 260 11.42 38.12 18.02
N ALA A 261 11.77 38.12 19.30
CA ALA A 261 12.21 36.87 19.93
C ALA A 261 11.08 35.86 19.99
N ILE A 262 11.45 34.58 19.92
CA ILE A 262 10.50 33.48 20.06
C ILE A 262 10.87 32.66 21.29
N VAL A 263 9.91 31.87 21.75
CA VAL A 263 10.02 31.14 23.01
C VAL A 263 9.81 29.65 22.73
N LEU A 264 10.70 28.81 23.26
CA LEU A 264 10.59 27.36 23.16
C LEU A 264 10.53 26.74 24.55
N HIS A 265 9.93 25.55 24.63
CA HIS A 265 9.82 24.84 25.91
C HIS A 265 9.49 23.38 25.58
N CYS A 266 10.37 22.47 25.98
CA CYS A 266 10.06 21.04 25.89
C CYS A 266 8.85 20.74 26.76
N LEU A 267 7.79 20.24 26.16
CA LEU A 267 6.62 19.96 26.99
C LEU A 267 6.82 18.68 27.80
N PRO A 268 6.18 18.56 28.98
CA PRO A 268 5.19 19.45 29.58
C PRO A 268 5.80 20.68 30.29
N ALA A 269 5.02 21.76 30.34
CA ALA A 269 5.35 22.95 31.10
C ALA A 269 4.62 22.93 32.42
N HIS A 270 5.26 23.47 33.47
CA HIS A 270 4.57 23.72 34.75
C HIS A 270 4.32 25.22 34.79
N ARG A 271 3.15 25.62 34.29
CA ARG A 271 2.78 27.01 34.20
C ARG A 271 2.74 27.66 35.57
N GLY A 272 3.40 28.81 35.69
CA GLY A 272 3.56 29.48 36.95
C GLY A 272 4.92 29.27 37.58
N ASP A 273 5.67 28.26 37.13
CA ASP A 273 7.01 27.99 37.62
C ASP A 273 8.03 28.53 36.61
N GLU A 274 8.56 27.65 35.76
CA GLU A 274 9.61 28.06 34.83
C GLU A 274 9.11 29.01 33.75
N ILE A 275 7.79 29.05 33.48
CA ILE A 275 7.22 29.88 32.43
C ILE A 275 5.82 30.32 32.87
N THR A 276 5.38 31.47 32.37
CA THR A 276 4.07 32.00 32.73
C THR A 276 3.07 31.72 31.59
N ASP A 277 1.79 31.80 31.93
CA ASP A 277 0.71 31.62 30.95
C ASP A 277 0.82 32.66 29.84
N ALA A 278 1.06 33.92 30.20
CA ALA A 278 1.14 34.99 29.23
C ALA A 278 2.21 34.70 28.17
N VAL A 279 3.32 34.10 28.59
CA VAL A 279 4.37 33.77 27.64
C VAL A 279 3.99 32.53 26.84
N MET A 280 3.51 31.48 27.52
CA MET A 280 3.18 30.22 26.85
C MET A 280 2.17 30.41 25.73
N ASP A 281 1.21 31.31 25.91
CA ASP A 281 0.11 31.47 24.98
C ASP A 281 0.14 32.78 24.22
N GLY A 282 1.18 33.59 24.41
CA GLY A 282 1.30 34.84 23.69
C GLY A 282 1.86 34.61 22.30
N PRO A 283 2.12 35.70 21.57
CA PRO A 283 2.52 35.57 20.15
C PRO A 283 3.95 35.14 19.93
N ALA A 284 4.84 35.27 20.92
CA ALA A 284 6.21 34.83 20.76
C ALA A 284 6.39 33.33 20.97
N SER A 285 5.39 32.64 21.49
CA SER A 285 5.51 31.22 21.77
C SER A 285 5.55 30.41 20.48
N ALA A 286 6.58 29.57 20.36
CA ALA A 286 6.67 28.58 19.30
C ALA A 286 6.52 27.15 19.82
N VAL A 287 5.99 26.99 21.04
CA VAL A 287 6.06 25.68 21.71
C VAL A 287 5.16 24.66 21.01
N TRP A 288 4.09 25.12 20.35
CA TRP A 288 3.17 24.19 19.71
C TRP A 288 3.73 23.68 18.41
N ASP A 289 4.29 24.56 17.59
CA ASP A 289 5.04 24.12 16.41
C ASP A 289 6.21 23.24 16.82
N GLU A 290 6.88 23.61 17.92
CA GLU A 290 8.01 22.85 18.44
C GLU A 290 7.59 21.41 18.78
N ALA A 291 6.42 21.26 19.41
CA ALA A 291 5.94 19.93 19.73
C ALA A 291 5.64 19.12 18.47
N GLU A 292 4.91 19.72 17.51
CA GLU A 292 4.61 19.06 16.24
C GLU A 292 5.87 18.61 15.52
N ASN A 293 6.92 19.41 15.61
CA ASN A 293 8.11 19.15 14.80
C ASN A 293 8.91 17.97 15.31
N ARG A 294 8.68 17.50 16.54
CA ARG A 294 9.26 16.22 16.94
C ARG A 294 8.98 15.17 15.88
N LEU A 295 7.77 15.15 15.33
CA LEU A 295 7.41 14.13 14.35
C LEU A 295 8.32 14.21 13.12
N HIS A 296 8.48 15.43 12.58
CA HIS A 296 9.19 15.58 11.32
C HIS A 296 10.69 15.40 11.51
N ALA A 297 11.24 15.96 12.60
CA ALA A 297 12.68 15.90 12.84
C ALA A 297 13.11 14.47 13.15
N GLN A 298 12.29 13.72 13.89
CA GLN A 298 12.62 12.32 14.16
C GLN A 298 12.53 11.46 12.91
N LYS A 299 11.52 11.70 12.07
CA LYS A 299 11.46 10.99 10.80
C LYS A 299 12.69 11.28 9.95
N ALA A 300 13.13 12.54 9.90
CA ALA A 300 14.27 12.88 9.07
C ALA A 300 15.53 12.20 9.60
N LEU A 301 15.70 12.20 10.92
CA LEU A 301 16.87 11.55 11.52
C LEU A 301 16.88 10.06 11.19
N LEU A 302 15.73 9.40 11.24
CA LEU A 302 15.65 7.99 10.86
C LEU A 302 15.99 7.75 9.40
N VAL A 303 15.37 8.50 8.47
CA VAL A 303 15.70 8.35 7.06
C VAL A 303 17.20 8.51 6.85
N TRP A 304 17.77 9.52 7.48
CA TRP A 304 19.18 9.83 7.30
C TRP A 304 20.08 8.72 7.82
N LEU A 305 19.82 8.23 9.04
CA LEU A 305 20.63 7.17 9.61
C LEU A 305 20.50 5.88 8.84
N LEU A 306 19.27 5.57 8.40
CA LEU A 306 19.05 4.34 7.67
C LEU A 306 19.83 4.34 6.36
N GLU A 307 19.85 5.47 5.64
CA GLU A 307 20.54 5.45 4.35
C GLU A 307 22.06 5.46 4.48
N ARG A 308 22.58 5.93 5.61
CA ARG A 308 24.00 5.86 5.95
C ARG A 308 24.42 4.54 6.59
N SER A 309 23.49 3.64 6.90
CA SER A 309 23.87 2.43 7.64
C SER A 309 23.40 1.15 6.92
N VAL B 3 -17.93 23.90 12.14
CA VAL B 3 -17.09 23.26 11.09
C VAL B 3 -16.33 22.07 11.70
N ILE B 4 -15.98 22.12 13.00
CA ILE B 4 -15.36 20.94 13.66
C ILE B 4 -16.46 20.23 14.45
N ARG B 5 -17.04 19.20 13.86
CA ARG B 5 -18.15 18.45 14.50
C ARG B 5 -17.65 17.42 15.51
N HIS B 6 -18.28 17.34 16.67
CA HIS B 6 -17.99 16.32 17.66
C HIS B 6 -19.19 15.37 17.79
N PHE B 7 -18.92 14.19 18.32
CA PHE B 7 -19.97 13.20 18.58
C PHE B 7 -19.78 12.76 20.03
N LEU B 8 -20.40 13.49 20.96
CA LEU B 8 -20.25 13.20 22.41
C LEU B 8 -21.54 12.62 22.96
N ARG B 9 -22.64 12.87 22.26
CA ARG B 9 -23.96 12.32 22.67
C ARG B 9 -24.72 12.00 21.39
N ASP B 10 -25.68 11.09 21.46
CA ASP B 10 -26.39 10.62 20.26
C ASP B 10 -27.15 11.76 19.61
N ASP B 11 -27.66 12.69 20.42
CA ASP B 11 -28.37 13.90 19.92
C ASP B 11 -27.40 14.91 19.35
N ASP B 12 -26.09 14.64 19.38
CA ASP B 12 -25.15 15.55 18.67
C ASP B 12 -25.42 15.39 17.18
N LEU B 13 -26.08 14.32 16.75
CA LEU B 13 -26.47 14.15 15.33
C LEU B 13 -27.96 14.44 15.13
N SER B 14 -28.34 15.09 14.04
CA SER B 14 -29.73 15.29 13.67
C SER B 14 -30.28 14.01 13.05
N PRO B 15 -31.61 13.88 12.92
CA PRO B 15 -32.16 12.68 12.26
C PRO B 15 -31.59 12.44 10.88
N ALA B 16 -31.42 13.50 10.09
CA ALA B 16 -30.86 13.34 8.75
C ALA B 16 -29.41 12.91 8.82
N GLU B 17 -28.65 13.46 9.78
CA GLU B 17 -27.23 13.11 9.90
C GLU B 17 -27.05 11.68 10.39
N GLN B 18 -27.89 11.26 11.34
CA GLN B 18 -27.80 9.87 11.81
C GLN B 18 -28.09 8.89 10.69
N ALA B 19 -29.09 9.19 9.87
CA ALA B 19 -29.39 8.34 8.71
C ALA B 19 -28.20 8.25 7.78
N GLU B 20 -27.47 9.35 7.61
CA GLU B 20 -26.26 9.34 6.79
C GLU B 20 -25.21 8.38 7.34
N VAL B 21 -24.97 8.46 8.65
CA VAL B 21 -23.94 7.60 9.25
C VAL B 21 -24.35 6.13 9.14
N LEU B 22 -25.64 5.84 9.33
CA LEU B 22 -26.09 4.44 9.32
C LEU B 22 -26.03 3.85 7.92
N GLU B 23 -26.36 4.64 6.90
CA GLU B 23 -26.18 4.22 5.52
C GLU B 23 -24.72 3.93 5.22
N LEU B 24 -23.83 4.80 5.70
CA LEU B 24 -22.40 4.57 5.46
C LEU B 24 -21.93 3.34 6.22
N ALA B 25 -22.47 3.08 7.41
CA ALA B 25 -22.07 1.86 8.12
C ALA B 25 -22.43 0.61 7.31
N ALA B 26 -23.57 0.64 6.63
CA ALA B 26 -23.96 -0.53 5.83
C ALA B 26 -23.06 -0.69 4.61
N GLU B 27 -22.69 0.42 3.95
CA GLU B 27 -21.76 0.34 2.85
C GLU B 27 -20.40 -0.17 3.31
N LEU B 28 -19.93 0.30 4.46
CA LEU B 28 -18.62 -0.12 4.95
C LEU B 28 -18.63 -1.57 5.39
N LYS B 29 -19.77 -2.08 5.87
CA LYS B 29 -19.80 -3.50 6.21
C LYS B 29 -19.59 -4.34 4.97
N LYS B 30 -20.14 -3.91 3.84
CA LYS B 30 -20.04 -4.63 2.58
C LYS B 30 -18.66 -4.50 1.95
N ASP B 31 -18.04 -3.32 2.05
CA ASP B 31 -16.76 -3.03 1.39
C ASP B 31 -15.84 -2.42 2.44
N PRO B 32 -15.22 -3.25 3.28
CA PRO B 32 -14.60 -2.73 4.51
C PRO B 32 -13.33 -1.91 4.30
N VAL B 33 -12.69 -1.97 3.15
CA VAL B 33 -11.45 -1.22 2.94
C VAL B 33 -11.56 -0.27 1.74
N SER B 34 -12.78 0.08 1.34
CA SER B 34 -12.96 0.95 0.18
C SER B 34 -12.78 2.43 0.50
N ARG B 35 -12.94 2.83 1.76
CA ARG B 35 -12.80 4.23 2.15
C ARG B 35 -11.50 4.38 2.93
N ARG B 36 -10.61 5.24 2.45
CA ARG B 36 -9.29 5.41 3.08
C ARG B 36 -8.98 6.88 3.36
N PRO B 37 -9.81 7.56 4.16
CA PRO B 37 -9.52 8.99 4.44
C PRO B 37 -8.29 9.20 5.32
N LEU B 38 -7.83 8.18 6.03
CA LEU B 38 -6.64 8.27 6.87
C LEU B 38 -5.40 7.63 6.23
N GLN B 39 -5.43 7.35 4.93
CA GLN B 39 -4.26 6.81 4.24
C GLN B 39 -3.03 7.67 4.50
N GLY B 40 -1.88 7.03 4.74
CA GLY B 40 -0.68 7.77 5.09
C GLY B 40 0.38 6.90 5.75
N PRO B 41 0.12 6.43 6.98
CA PRO B 41 -1.09 6.66 7.76
C PRO B 41 -1.11 7.97 8.48
N ARG B 42 -2.34 8.48 8.53
CA ARG B 42 -2.59 9.63 9.40
C ARG B 42 -3.01 9.02 10.72
N GLY B 43 -2.78 9.72 11.79
CA GLY B 43 -3.07 9.21 13.13
C GLY B 43 -4.46 9.55 13.65
N VAL B 44 -4.97 8.69 14.53
CA VAL B 44 -6.15 8.95 15.36
C VAL B 44 -5.79 8.59 16.79
N ALA B 45 -6.00 9.52 17.72
CA ALA B 45 -5.76 9.24 19.13
C ALA B 45 -6.94 8.46 19.69
N VAL B 46 -6.66 7.36 20.40
CA VAL B 46 -7.68 6.59 21.12
C VAL B 46 -7.27 6.56 22.58
N ILE B 47 -7.99 7.32 23.42
CA ILE B 47 -7.55 7.65 24.79
C ILE B 47 -8.56 7.07 25.77
N PHE B 48 -8.04 6.42 26.79
CA PHE B 48 -8.89 5.76 27.79
C PHE B 48 -8.57 6.32 29.18
N ASP B 49 -9.54 6.91 29.88
CA ASP B 49 -9.33 7.34 31.29
C ASP B 49 -9.57 6.09 32.11
N LYS B 50 -10.31 5.14 31.53
CA LYS B 50 -10.48 3.79 32.13
C LYS B 50 -10.49 2.87 30.93
N ASN B 51 -9.79 1.76 31.01
CA ASN B 51 -9.65 0.90 29.82
C ASN B 51 -10.95 0.21 29.40
N SER B 52 -11.14 -0.03 28.09
CA SER B 52 -12.27 -0.81 27.55
C SER B 52 -11.72 -1.60 26.36
N THR B 53 -11.38 -2.87 26.56
CA THR B 53 -10.80 -3.71 25.50
C THR B 53 -11.69 -3.72 24.27
N ARG B 54 -13.01 -3.89 24.46
CA ARG B 54 -13.96 -3.94 23.34
C ARG B 54 -13.92 -2.65 22.52
N THR B 55 -13.96 -1.50 23.18
CA THR B 55 -13.88 -0.20 22.48
C THR B 55 -12.53 -0.10 21.74
N ARG B 56 -11.44 -0.46 22.41
CA ARG B 56 -10.10 -0.34 21.79
C ARG B 56 -9.99 -1.24 20.57
N PHE B 57 -10.33 -2.51 20.73
CA PHE B 57 -10.27 -3.50 19.63
C PHE B 57 -11.01 -2.96 18.41
N SER B 58 -12.26 -2.53 18.60
CA SER B 58 -13.11 -2.06 17.48
C SER B 58 -12.50 -0.84 16.78
N PHE B 59 -12.08 0.14 17.56
CA PHE B 59 -11.55 1.38 16.96
C PHE B 59 -10.19 1.12 16.31
N GLU B 60 -9.32 0.37 16.98
CA GLU B 60 -7.95 0.07 16.46
C GLU B 60 -8.02 -0.56 15.07
N LEU B 61 -8.83 -1.60 14.93
CA LEU B 61 -8.96 -2.29 13.62
C LEU B 61 -9.65 -1.37 12.61
N GLY B 62 -10.71 -0.70 13.03
CA GLY B 62 -11.46 0.18 12.12
C GLY B 62 -10.60 1.29 11.55
N ILE B 63 -9.88 1.98 12.41
CA ILE B 63 -8.98 3.07 11.96
C ILE B 63 -7.96 2.52 10.94
N ALA B 64 -7.41 1.35 11.23
CA ALA B 64 -6.44 0.72 10.32
C ALA B 64 -7.08 0.42 8.96
N GLN B 65 -8.35 0.00 8.97
CA GLN B 65 -9.08 -0.31 7.71
C GLN B 65 -9.45 0.98 6.98
N LEU B 66 -9.40 2.11 7.64
CA LEU B 66 -9.59 3.43 6.98
C LEU B 66 -8.22 3.97 6.52
N GLY B 67 -7.18 3.15 6.59
CA GLY B 67 -5.83 3.52 6.15
C GLY B 67 -4.98 4.17 7.21
N GLY B 68 -5.50 4.37 8.39
CA GLY B 68 -4.77 5.09 9.43
C GLY B 68 -4.08 4.28 10.49
N HIS B 69 -3.61 4.97 11.50
CA HIS B 69 -2.89 4.32 12.61
C HIS B 69 -3.43 4.86 13.93
N ALA B 70 -3.97 3.96 14.73
CA ALA B 70 -4.49 4.38 16.03
C ALA B 70 -3.36 4.47 17.06
N VAL B 71 -3.20 5.65 17.61
CA VAL B 71 -2.24 5.76 18.74
C VAL B 71 -3.07 5.60 20.01
N VAL B 72 -2.91 4.45 20.63
CA VAL B 72 -3.71 4.13 21.83
C VAL B 72 -3.00 4.62 23.08
N VAL B 73 -3.71 5.41 23.88
CA VAL B 73 -3.18 5.86 25.19
C VAL B 73 -4.09 5.30 26.27
N ASP B 74 -3.58 4.38 27.07
CA ASP B 74 -4.35 3.74 28.16
C ASP B 74 -4.59 4.66 29.36
N SER B 75 -5.36 4.17 30.33
CA SER B 75 -5.70 4.94 31.55
C SER B 75 -4.45 5.42 32.28
N GLY B 76 -3.43 4.57 32.37
CA GLY B 76 -2.17 4.91 33.07
C GLY B 76 -1.49 6.14 32.51
N SER B 77 -1.54 6.33 31.20
CA SER B 77 -0.81 7.45 30.58
C SER B 77 -1.74 8.63 30.47
N THR B 78 -3.03 8.35 30.49
CA THR B 78 -4.03 9.41 30.27
C THR B 78 -4.37 10.14 31.55
N GLN B 79 -5.46 9.73 32.21
CA GLN B 79 -6.00 10.53 33.34
C GLN B 79 -6.13 11.96 32.84
N LEU B 80 -6.20 12.16 31.50
CA LEU B 80 -6.14 13.49 30.86
C LEU B 80 -6.09 14.63 31.86
N GLY B 81 -4.91 15.17 32.05
CA GLY B 81 -4.73 16.21 33.06
C GLY B 81 -3.59 15.71 33.90
N ARG B 82 -3.06 14.56 33.48
CA ARG B 82 -1.96 13.94 34.26
C ARG B 82 -0.82 14.93 34.50
N ASP B 83 -0.17 15.43 33.45
CA ASP B 83 1.06 16.24 33.68
C ASP B 83 0.98 17.61 33.00
N GLU B 84 -0.13 17.85 32.33
CA GLU B 84 -0.32 19.14 31.69
C GLU B 84 -1.81 19.39 31.52
N THR B 85 -2.17 20.66 31.44
CA THR B 85 -3.56 21.06 31.29
C THR B 85 -4.21 20.35 30.10
N LEU B 86 -5.54 20.18 30.18
CA LEU B 86 -6.32 19.50 29.15
C LEU B 86 -6.13 20.14 27.80
N GLN B 87 -6.19 21.47 27.86
CA GLN B 87 -6.04 22.29 26.65
C GLN B 87 -4.62 22.18 26.16
N ASP B 88 -3.64 22.08 27.07
CA ASP B 88 -2.33 21.91 26.44
C ASP B 88 -2.28 20.62 25.65
N THR B 89 -2.92 19.57 26.14
CA THR B 89 -2.97 18.29 25.44
C THR B 89 -3.76 18.38 24.14
N ALA B 90 -4.94 19.00 24.17
CA ALA B 90 -5.76 19.10 22.98
C ALA B 90 -5.05 19.85 21.86
N LYS B 91 -4.29 20.87 22.21
CA LYS B 91 -3.67 21.70 21.18
C LYS B 91 -2.57 20.91 20.45
N VAL B 92 -1.81 20.09 21.18
CA VAL B 92 -0.77 19.33 20.49
C VAL B 92 -1.37 18.16 19.72
N LEU B 93 -2.30 17.42 20.35
CA LEU B 93 -2.95 16.31 19.65
C LEU B 93 -3.54 16.76 18.32
N SER B 94 -4.10 17.97 18.28
CA SER B 94 -4.65 18.48 17.02
C SER B 94 -3.61 18.63 15.92
N ARG B 95 -2.31 18.70 16.26
CA ARG B 95 -1.29 18.74 15.23
C ARG B 95 -0.84 17.36 14.77
N TYR B 96 -1.07 16.33 15.59
CA TYR B 96 -0.57 14.99 15.35
C TYR B 96 -1.61 14.07 14.73
N VAL B 97 -2.88 14.22 15.07
CA VAL B 97 -3.93 13.28 14.68
C VAL B 97 -5.08 14.04 14.05
N ASP B 98 -5.92 13.28 13.35
CA ASP B 98 -7.05 13.86 12.65
C ASP B 98 -8.35 13.69 13.41
N ALA B 99 -8.36 12.89 14.48
CA ALA B 99 -9.50 12.81 15.37
C ALA B 99 -9.03 12.27 16.70
N ILE B 100 -9.83 12.53 17.72
CA ILE B 100 -9.59 12.09 19.09
C ILE B 100 -10.76 11.24 19.55
N VAL B 101 -10.48 9.98 19.85
CA VAL B 101 -11.49 9.06 20.38
C VAL B 101 -11.18 8.89 21.86
N TRP B 102 -12.14 9.22 22.72
CA TRP B 102 -11.87 9.29 24.15
C TRP B 102 -12.90 8.52 24.94
N ARG B 103 -12.43 7.73 25.90
CA ARG B 103 -13.29 7.07 26.90
C ARG B 103 -12.91 7.76 28.24
N THR B 104 -13.82 8.49 28.86
CA THR B 104 -13.63 9.17 30.16
C THR B 104 -14.92 9.01 30.94
N PHE B 105 -14.90 9.41 32.20
CA PHE B 105 -16.07 9.19 33.06
C PHE B 105 -17.11 10.26 32.84
N GLY B 106 -16.90 11.42 33.43
CA GLY B 106 -17.91 12.47 33.34
C GLY B 106 -18.00 13.12 32.00
N GLN B 107 -19.14 13.71 31.71
CA GLN B 107 -19.27 14.43 30.44
C GLN B 107 -18.48 15.72 30.53
N GLU B 108 -18.45 16.40 31.69
CA GLU B 108 -17.78 17.70 31.69
C GLU B 108 -16.36 17.60 31.16
N ARG B 109 -15.68 16.47 31.39
CA ARG B 109 -14.36 16.27 30.81
C ARG B 109 -14.43 16.25 29.28
N LEU B 110 -15.33 15.43 28.73
CA LEU B 110 -15.57 15.38 27.29
C LEU B 110 -15.87 16.76 26.72
N ASP B 111 -16.69 17.52 27.43
CA ASP B 111 -17.17 18.80 26.92
C ASP B 111 -16.02 19.78 26.77
N ALA B 112 -15.11 19.79 27.74
CA ALA B 112 -13.96 20.68 27.67
C ALA B 112 -13.09 20.38 26.46
N MET B 113 -12.64 19.12 26.33
CA MET B 113 -11.84 18.69 25.19
C MET B 113 -12.43 19.16 23.85
N ALA B 114 -13.73 18.98 23.67
CA ALA B 114 -14.38 19.38 22.42
C ALA B 114 -14.40 20.90 22.24
N SER B 115 -14.37 21.67 23.32
CA SER B 115 -14.45 23.11 23.14
C SER B 115 -13.12 23.70 22.68
N VAL B 116 -12.01 22.97 22.79
CA VAL B 116 -10.69 23.49 22.44
C VAL B 116 -10.06 22.74 21.27
N ALA B 117 -10.27 21.42 21.18
CA ALA B 117 -9.65 20.65 20.10
C ALA B 117 -10.14 21.14 18.74
N THR B 118 -9.25 21.08 17.75
CA THR B 118 -9.56 21.51 16.39
C THR B 118 -9.60 20.33 15.41
N VAL B 119 -9.78 19.12 15.94
CA VAL B 119 -10.16 17.93 15.17
C VAL B 119 -11.38 17.34 15.86
N PRO B 120 -12.15 16.49 15.18
CA PRO B 120 -13.34 15.91 15.83
C PRO B 120 -13.01 15.10 17.07
N VAL B 121 -13.84 15.24 18.10
CA VAL B 121 -13.76 14.45 19.32
C VAL B 121 -14.95 13.49 19.34
N ILE B 122 -14.71 12.21 19.66
CA ILE B 122 -15.73 11.16 19.69
C ILE B 122 -15.78 10.58 21.09
N ASN B 123 -17.00 10.45 21.64
CA ASN B 123 -17.18 9.74 22.93
C ASN B 123 -17.24 8.26 22.58
N ALA B 124 -16.21 7.54 22.99
CA ALA B 124 -16.16 6.10 22.71
C ALA B 124 -17.06 5.36 23.69
N LEU B 125 -17.24 5.90 24.89
CA LEU B 125 -18.04 5.30 25.99
C LEU B 125 -17.88 6.25 27.18
N SER B 126 -18.98 6.75 27.74
CA SER B 126 -18.93 7.62 28.95
C SER B 126 -19.78 7.04 30.06
N ASP B 127 -19.75 7.68 31.22
CA ASP B 127 -20.55 7.21 32.37
C ASP B 127 -22.03 7.54 32.10
N GLU B 128 -22.29 8.51 31.21
CA GLU B 128 -23.67 8.94 30.92
C GLU B 128 -24.18 8.47 29.56
N PHE B 129 -23.31 8.30 28.57
CA PHE B 129 -23.76 7.92 27.21
C PHE B 129 -22.86 6.86 26.55
N HIS B 130 -23.41 6.02 25.68
CA HIS B 130 -22.62 5.04 24.88
C HIS B 130 -23.14 5.18 23.47
N PRO B 131 -22.88 6.31 22.80
CA PRO B 131 -23.46 6.56 21.51
C PRO B 131 -23.01 5.77 20.28
N CYS B 132 -21.79 5.24 20.33
CA CYS B 132 -21.27 4.41 19.23
C CYS B 132 -21.95 3.04 19.30
N GLN B 133 -22.14 2.53 20.52
CA GLN B 133 -22.86 1.27 20.58
C GLN B 133 -24.27 1.41 20.01
N VAL B 134 -24.91 2.55 20.26
CA VAL B 134 -26.27 2.71 19.77
C VAL B 134 -26.29 2.84 18.25
N LEU B 135 -25.28 3.50 17.66
CA LEU B 135 -25.16 3.45 16.21
C LEU B 135 -25.07 2.00 15.71
N ALA B 136 -24.27 1.16 16.39
CA ALA B 136 -24.19 -0.25 16.02
C ALA B 136 -25.53 -0.97 16.23
N ASP B 137 -26.26 -0.63 17.29
CA ASP B 137 -27.60 -1.19 17.52
C ASP B 137 -28.54 -0.84 16.39
N LEU B 138 -28.62 0.45 16.04
CA LEU B 138 -29.50 0.87 14.95
C LEU B 138 -29.12 0.19 13.64
N GLN B 139 -27.83 0.03 13.36
CA GLN B 139 -27.41 -0.74 12.18
C GLN B 139 -27.90 -2.18 12.26
N THR B 140 -27.82 -2.79 13.45
CA THR B 140 -28.23 -4.19 13.58
C THR B 140 -29.73 -4.34 13.39
N ILE B 141 -30.50 -3.40 13.94
CA ILE B 141 -31.96 -3.42 13.78
C ILE B 141 -32.32 -3.26 12.31
N ALA B 142 -31.72 -2.27 11.64
CA ALA B 142 -32.02 -2.05 10.23
C ALA B 142 -31.72 -3.28 9.37
N GLU B 143 -30.63 -3.99 9.66
CA GLU B 143 -30.33 -5.11 8.77
C GLU B 143 -31.28 -6.30 8.99
N ARG B 144 -31.96 -6.33 10.12
CA ARG B 144 -32.91 -7.42 10.41
C ARG B 144 -34.36 -6.98 10.19
N LYS B 145 -34.69 -5.69 10.36
CA LYS B 145 -36.09 -5.25 10.35
C LYS B 145 -36.43 -4.34 9.18
N GLY B 146 -35.44 -3.80 8.49
CA GLY B 146 -35.69 -2.82 7.45
C GLY B 146 -35.70 -1.41 8.03
N ALA B 147 -36.75 -0.66 7.72
CA ALA B 147 -36.82 0.73 8.15
C ALA B 147 -36.96 0.81 9.66
N LEU B 148 -36.26 1.77 10.27
CA LEU B 148 -36.28 1.98 11.71
C LEU B 148 -37.54 2.73 12.15
N ARG B 149 -38.02 3.65 11.31
CA ARG B 149 -39.08 4.55 11.72
C ARG B 149 -40.36 3.76 11.99
N GLY B 150 -40.95 4.02 13.16
CA GLY B 150 -42.17 3.35 13.57
C GLY B 150 -41.98 2.14 14.44
N LEU B 151 -40.75 1.61 14.54
CA LEU B 151 -40.53 0.44 15.39
C LEU B 151 -40.71 0.81 16.85
N ARG B 152 -41.02 -0.19 17.66
CA ARG B 152 -41.15 -0.05 19.10
C ARG B 152 -40.01 -0.79 19.78
N LEU B 153 -39.18 -0.05 20.51
CA LEU B 153 -38.04 -0.62 21.22
C LEU B 153 -38.26 -0.41 22.70
N SER B 154 -37.96 -1.46 23.47
CA SER B 154 -38.03 -1.35 24.92
C SER B 154 -36.68 -1.75 25.51
N TYR B 155 -36.18 -0.92 26.42
CA TYR B 155 -34.99 -1.23 27.20
C TYR B 155 -35.42 -1.64 28.60
N PHE B 156 -34.79 -2.68 29.12
CA PHE B 156 -35.17 -3.22 30.42
C PHE B 156 -33.98 -3.21 31.36
N GLY B 157 -34.24 -2.92 32.63
CA GLY B 157 -33.22 -2.99 33.65
C GLY B 157 -32.89 -1.66 34.26
N ASP B 158 -31.61 -1.29 34.26
CA ASP B 158 -31.15 -0.04 34.85
C ASP B 158 -31.36 1.08 33.85
N GLY B 159 -32.40 1.87 34.08
CA GLY B 159 -32.71 3.01 33.26
C GLY B 159 -31.86 4.23 33.51
N ALA B 160 -30.91 4.16 34.45
CA ALA B 160 -30.04 5.29 34.76
C ALA B 160 -28.63 5.14 34.20
N ASN B 161 -28.36 4.13 33.39
CA ASN B 161 -27.01 3.92 32.87
C ASN B 161 -26.90 4.43 31.43
N ASN B 162 -25.69 4.35 30.87
CA ASN B 162 -25.40 5.02 29.62
C ASN B 162 -26.21 4.47 28.44
N MET B 163 -26.44 3.15 28.39
CA MET B 163 -27.21 2.60 27.28
C MET B 163 -28.65 3.10 27.29
N ALA B 164 -29.27 3.19 28.46
CA ALA B 164 -30.65 3.66 28.53
C ALA B 164 -30.73 5.08 27.99
N HIS B 165 -29.81 5.94 28.43
CA HIS B 165 -29.79 7.32 27.94
C HIS B 165 -29.59 7.39 26.44
N SER B 166 -28.67 6.57 25.91
CA SER B 166 -28.36 6.65 24.49
C SER B 166 -29.42 5.96 23.62
N LEU B 167 -30.07 4.91 24.13
CA LEU B 167 -31.19 4.35 23.36
C LEU B 167 -32.34 5.33 23.28
N LEU B 168 -32.57 6.09 24.36
CA LEU B 168 -33.58 7.15 24.28
C LEU B 168 -33.21 8.14 23.20
N LEU B 169 -32.00 8.72 23.27
CA LEU B 169 -31.67 9.82 22.37
C LEU B 169 -31.46 9.33 20.95
N GLY B 170 -30.66 8.26 20.78
CA GLY B 170 -30.44 7.73 19.45
C GLY B 170 -31.68 7.08 18.87
N GLY B 171 -32.46 6.40 19.71
CA GLY B 171 -33.68 5.76 19.23
C GLY B 171 -34.70 6.76 18.69
N VAL B 172 -35.01 7.80 19.48
CA VAL B 172 -36.00 8.76 18.98
C VAL B 172 -35.45 9.47 17.76
N THR B 173 -34.13 9.73 17.72
CA THR B 173 -33.53 10.36 16.55
C THR B 173 -33.79 9.57 15.28
N ALA B 174 -33.82 8.24 15.38
CA ALA B 174 -34.18 7.37 14.26
C ALA B 174 -35.69 7.21 14.06
N GLY B 175 -36.51 7.82 14.91
CA GLY B 175 -37.95 7.67 14.77
C GLY B 175 -38.51 6.41 15.40
N ILE B 176 -37.84 5.89 16.43
CA ILE B 176 -38.26 4.67 17.12
C ILE B 176 -38.99 5.07 18.40
N HIS B 177 -40.13 4.42 18.66
CA HIS B 177 -40.81 4.60 19.94
C HIS B 177 -40.04 3.84 21.00
N VAL B 178 -39.46 4.57 21.95
CA VAL B 178 -38.57 4.01 22.95
C VAL B 178 -39.30 3.96 24.28
N THR B 179 -39.30 2.79 24.92
CA THR B 179 -39.76 2.61 26.27
C THR B 179 -38.60 2.15 27.14
N VAL B 180 -38.50 2.70 28.34
CA VAL B 180 -37.55 2.25 29.35
C VAL B 180 -38.35 1.64 30.50
N ALA B 181 -38.05 0.38 30.83
CA ALA B 181 -38.66 -0.31 31.97
C ALA B 181 -37.60 -0.49 33.04
N ALA B 182 -37.76 0.21 34.17
CA ALA B 182 -36.76 0.25 35.23
C ALA B 182 -37.46 0.37 36.59
N PRO B 183 -36.87 -0.18 37.65
CA PRO B 183 -37.41 0.07 39.00
C PRO B 183 -37.20 1.52 39.41
N GLU B 184 -37.93 1.93 40.45
CA GLU B 184 -38.03 3.35 40.81
C GLU B 184 -36.67 3.95 41.14
N GLY B 185 -35.80 3.21 41.83
CA GLY B 185 -34.52 3.79 42.20
C GLY B 185 -33.55 3.98 41.04
N PHE B 186 -33.80 3.36 39.90
CA PHE B 186 -32.82 3.31 38.83
C PHE B 186 -33.44 3.79 37.50
N LEU B 187 -33.88 5.06 37.49
CA LEU B 187 -34.65 5.68 36.41
C LEU B 187 -33.78 6.63 35.57
N PRO B 188 -34.22 6.99 34.36
CA PRO B 188 -33.44 7.90 33.51
C PRO B 188 -33.15 9.24 34.18
N ASP B 189 -32.03 9.86 33.75
CA ASP B 189 -31.71 11.23 34.16
C ASP B 189 -32.74 12.18 33.58
N PRO B 190 -33.30 13.09 34.39
CA PRO B 190 -34.40 13.94 33.89
C PRO B 190 -34.01 14.81 32.71
N SER B 191 -32.76 15.29 32.65
CA SER B 191 -32.34 16.17 31.56
C SER B 191 -32.22 15.41 30.23
N VAL B 192 -31.75 14.17 30.28
CA VAL B 192 -31.77 13.31 29.10
C VAL B 192 -33.20 13.04 28.66
N ARG B 193 -34.07 12.73 29.62
CA ARG B 193 -35.45 12.37 29.27
C ARG B 193 -36.14 13.50 28.50
N ALA B 194 -36.15 14.72 29.08
CA ALA B 194 -36.76 15.85 28.35
C ALA B 194 -36.01 16.12 27.07
N ALA B 195 -34.71 15.89 27.06
CA ALA B 195 -34.00 16.04 25.80
C ALA B 195 -34.54 15.05 24.77
N ALA B 196 -34.69 13.78 25.13
CA ALA B 196 -35.24 12.78 24.19
C ALA B 196 -36.69 13.11 23.80
N GLU B 197 -37.53 13.37 24.81
CA GLU B 197 -38.87 13.92 24.58
C GLU B 197 -38.93 15.06 23.58
N ARG B 198 -37.89 15.90 23.43
CA ARG B 198 -38.01 16.97 22.46
C ARG B 198 -37.63 16.51 21.02
N ARG B 199 -36.58 15.71 20.82
CA ARG B 199 -36.30 15.17 19.47
C ARG B 199 -37.41 14.25 19.01
N ALA B 200 -38.05 13.51 19.92
CA ALA B 200 -39.16 12.65 19.51
C ALA B 200 -40.25 13.46 18.79
N GLN B 201 -40.50 14.70 19.23
CA GLN B 201 -41.50 15.56 18.59
C GLN B 201 -41.14 15.79 17.13
N ASP B 202 -39.84 15.95 16.82
CA ASP B 202 -39.43 16.19 15.44
C ASP B 202 -39.54 14.97 14.54
N THR B 203 -39.51 13.75 15.10
CA THR B 203 -39.46 12.54 14.28
C THR B 203 -40.72 11.69 14.35
N GLY B 204 -41.67 12.01 15.23
CA GLY B 204 -42.85 11.18 15.39
C GLY B 204 -42.70 10.02 16.34
N ALA B 205 -41.64 9.97 17.14
CA ALA B 205 -41.41 8.89 18.08
C ALA B 205 -41.98 9.26 19.45
N SER B 206 -41.58 8.56 20.49
CA SER B 206 -42.16 8.76 21.80
C SER B 206 -41.24 8.16 22.86
N VAL B 207 -41.46 8.57 24.10
CA VAL B 207 -40.67 8.14 25.25
C VAL B 207 -41.63 7.66 26.31
N THR B 208 -41.41 6.44 26.82
CA THR B 208 -42.18 5.95 27.95
C THR B 208 -41.23 5.39 29.00
N VAL B 209 -41.55 5.62 30.28
CA VAL B 209 -40.77 5.09 31.41
C VAL B 209 -41.76 4.42 32.37
N THR B 210 -41.65 3.10 32.52
CA THR B 210 -42.55 2.35 33.38
C THR B 210 -41.77 1.42 34.29
N ALA B 211 -42.42 1.03 35.40
CA ALA B 211 -42.02 -0.15 36.13
C ALA B 211 -42.73 -1.40 35.63
N ASP B 212 -43.58 -1.27 34.61
CA ASP B 212 -44.33 -2.41 34.04
C ASP B 212 -43.54 -3.08 32.93
N ALA B 213 -42.82 -4.14 33.29
CA ALA B 213 -42.03 -4.87 32.29
C ALA B 213 -42.93 -5.59 31.31
N HIS B 214 -43.98 -6.24 31.82
CA HIS B 214 -44.91 -6.97 30.97
C HIS B 214 -45.46 -6.03 29.89
N ALA B 215 -45.82 -4.81 30.26
CA ALA B 215 -46.37 -3.84 29.30
C ALA B 215 -45.31 -3.32 28.34
N ALA B 216 -44.08 -3.13 28.81
CA ALA B 216 -43.05 -2.67 27.90
C ALA B 216 -42.71 -3.74 26.87
N ALA B 217 -42.84 -5.02 27.23
CA ALA B 217 -42.49 -6.08 26.29
C ALA B 217 -43.60 -6.34 25.28
N ALA B 218 -44.85 -6.14 25.69
CA ALA B 218 -46.00 -6.37 24.83
C ALA B 218 -45.94 -5.52 23.57
N GLY B 219 -45.93 -6.19 22.42
CA GLY B 219 -45.88 -5.52 21.14
C GLY B 219 -44.51 -5.01 20.72
N ALA B 220 -43.48 -5.22 21.52
CA ALA B 220 -42.17 -4.66 21.19
C ALA B 220 -41.58 -5.34 19.96
N ASP B 221 -40.87 -4.57 19.14
CA ASP B 221 -40.14 -5.12 18.00
C ASP B 221 -38.68 -5.37 18.33
N VAL B 222 -38.14 -4.66 19.31
CA VAL B 222 -36.75 -4.78 19.73
C VAL B 222 -36.76 -4.74 21.25
N LEU B 223 -36.15 -5.73 21.88
CA LEU B 223 -36.01 -5.74 23.33
C LEU B 223 -34.53 -5.67 23.64
N VAL B 224 -34.15 -4.76 24.53
CA VAL B 224 -32.76 -4.46 24.79
C VAL B 224 -32.57 -4.50 26.30
N THR B 225 -31.43 -5.02 26.75
CA THR B 225 -31.04 -4.91 28.15
C THR B 225 -29.51 -4.74 28.20
N ASP B 226 -28.99 -4.67 29.42
CA ASP B 226 -27.60 -4.33 29.70
C ASP B 226 -27.31 -4.82 31.11
N THR B 227 -26.03 -4.84 31.48
CA THR B 227 -25.71 -5.33 32.83
C THR B 227 -26.33 -4.44 33.89
N TRP B 228 -26.68 -5.05 35.02
CA TRP B 228 -27.20 -4.31 36.17
C TRP B 228 -26.09 -3.59 36.93
N THR B 229 -24.84 -4.03 36.81
CA THR B 229 -23.72 -3.41 37.52
C THR B 229 -22.73 -2.77 36.54
N ASP B 239 -27.79 -8.38 49.13
CA ASP B 239 -28.01 -8.38 47.69
C ASP B 239 -28.44 -7.00 47.20
N ARG B 240 -27.49 -6.29 46.59
CA ARG B 240 -27.76 -4.99 45.97
C ARG B 240 -28.39 -5.12 44.59
N VAL B 241 -28.77 -6.32 44.18
CA VAL B 241 -29.23 -6.57 42.81
C VAL B 241 -30.59 -7.24 42.86
N LYS B 242 -31.42 -6.82 43.82
CA LYS B 242 -32.78 -7.30 43.98
C LYS B 242 -33.82 -6.58 43.11
N PRO B 243 -33.78 -5.25 42.98
CA PRO B 243 -34.90 -4.55 42.30
C PRO B 243 -34.96 -4.75 40.78
N PHE B 244 -33.98 -5.41 40.16
CA PHE B 244 -33.98 -5.52 38.69
C PHE B 244 -34.52 -6.84 38.17
N ARG B 245 -34.59 -7.87 39.00
CA ARG B 245 -34.91 -9.20 38.51
C ARG B 245 -36.36 -9.35 38.04
N PRO B 246 -37.31 -8.44 38.32
CA PRO B 246 -38.56 -8.48 37.53
C PRO B 246 -38.40 -7.98 36.11
N PHE B 247 -37.22 -7.45 35.78
CA PHE B 247 -36.93 -6.91 34.46
C PHE B 247 -36.00 -7.81 33.67
N GLN B 248 -35.66 -8.97 34.22
CA GLN B 248 -34.80 -9.90 33.50
C GLN B 248 -35.43 -10.28 32.18
N LEU B 249 -34.66 -10.16 31.11
CA LEU B 249 -35.14 -10.42 29.76
C LEU B 249 -35.05 -11.93 29.52
N ASN B 250 -36.13 -12.63 29.87
CA ASN B 250 -36.23 -14.09 29.82
C ASN B 250 -37.24 -14.50 28.77
N SER B 251 -37.42 -15.80 28.58
CA SER B 251 -38.31 -16.29 27.52
C SER B 251 -39.75 -15.81 27.73
N ARG B 252 -40.14 -15.56 28.98
CA ARG B 252 -41.53 -15.14 29.28
C ARG B 252 -41.82 -13.75 28.72
N LEU B 253 -40.90 -12.81 28.96
CA LEU B 253 -41.08 -11.43 28.45
C LEU B 253 -41.05 -11.46 26.94
N LEU B 254 -40.12 -12.21 26.40
CA LEU B 254 -39.95 -12.21 24.92
C LEU B 254 -41.23 -12.74 24.26
N ALA B 255 -41.88 -13.72 24.89
CA ALA B 255 -43.06 -14.29 24.27
C ALA B 255 -44.18 -13.29 24.12
N LEU B 256 -44.12 -12.17 24.84
CA LEU B 256 -45.10 -11.09 24.75
C LEU B 256 -44.83 -10.16 23.57
N ALA B 257 -43.63 -10.21 22.99
CA ALA B 257 -43.24 -9.26 21.96
C ALA B 257 -43.95 -9.55 20.65
N ASP B 258 -43.82 -8.60 19.72
CA ASP B 258 -44.22 -8.86 18.34
C ASP B 258 -43.47 -10.07 17.78
N SER B 259 -44.11 -10.75 16.81
CA SER B 259 -43.40 -11.82 16.12
C SER B 259 -42.15 -11.25 15.42
N ASP B 260 -41.13 -12.09 15.30
CA ASP B 260 -39.83 -11.74 14.72
C ASP B 260 -39.14 -10.59 15.45
N ALA B 261 -39.47 -10.37 16.71
CA ALA B 261 -38.75 -9.36 17.48
C ALA B 261 -37.29 -9.78 17.62
N ILE B 262 -36.44 -8.81 17.92
CA ILE B 262 -35.02 -9.11 18.10
C ILE B 262 -34.57 -8.61 19.46
N VAL B 263 -33.50 -9.23 19.95
CA VAL B 263 -32.97 -8.92 21.27
C VAL B 263 -31.55 -8.40 21.10
N LEU B 264 -31.25 -7.30 21.80
CA LEU B 264 -29.94 -6.68 21.82
C LEU B 264 -29.42 -6.59 23.24
N HIS B 265 -28.11 -6.51 23.35
CA HIS B 265 -27.46 -6.46 24.65
C HIS B 265 -26.03 -6.02 24.41
N CYS B 266 -25.68 -4.81 24.87
CA CYS B 266 -24.29 -4.39 24.88
C CYS B 266 -23.47 -5.36 25.72
N LEU B 267 -22.45 -5.97 25.11
CA LEU B 267 -21.67 -6.99 25.78
C LEU B 267 -20.66 -6.37 26.74
N PRO B 268 -20.33 -7.05 27.85
CA PRO B 268 -20.63 -8.46 28.15
C PRO B 268 -22.00 -8.66 28.79
N ALA B 269 -22.53 -9.86 28.64
CA ALA B 269 -23.74 -10.27 29.32
C ALA B 269 -23.39 -11.20 30.48
N HIS B 270 -24.08 -11.02 31.61
CA HIS B 270 -23.95 -11.89 32.77
C HIS B 270 -25.12 -12.87 32.71
N ARG B 271 -24.87 -14.02 32.08
CA ARG B 271 -25.92 -14.99 31.80
C ARG B 271 -26.52 -15.52 33.10
N GLY B 272 -27.84 -15.52 33.16
CA GLY B 272 -28.56 -15.89 34.36
C GLY B 272 -29.01 -14.71 35.20
N ASP B 273 -28.45 -13.53 34.97
CA ASP B 273 -28.89 -12.36 35.72
C ASP B 273 -29.83 -11.52 34.85
N GLU B 274 -29.30 -10.53 34.11
CA GLU B 274 -30.19 -9.65 33.34
C GLU B 274 -30.76 -10.32 32.10
N ILE B 275 -30.27 -11.49 31.71
CA ILE B 275 -30.72 -12.18 30.51
C ILE B 275 -30.39 -13.65 30.69
N THR B 276 -31.19 -14.52 30.07
CA THR B 276 -31.04 -15.96 30.21
C THR B 276 -30.39 -16.55 28.96
N ASP B 277 -29.79 -17.73 29.14
CA ASP B 277 -29.19 -18.45 28.01
C ASP B 277 -30.20 -18.63 26.89
N ALA B 278 -31.43 -19.01 27.24
CA ALA B 278 -32.44 -19.31 26.23
C ALA B 278 -32.68 -18.12 25.31
N VAL B 279 -32.69 -16.91 25.86
CA VAL B 279 -32.86 -15.73 25.02
C VAL B 279 -31.56 -15.37 24.32
N MET B 280 -30.42 -15.55 25.01
CA MET B 280 -29.12 -15.13 24.47
C MET B 280 -28.71 -15.96 23.26
N ASP B 281 -29.02 -17.25 23.27
CA ASP B 281 -28.62 -18.16 22.20
C ASP B 281 -29.77 -18.54 21.26
N GLY B 282 -30.95 -17.96 21.46
CA GLY B 282 -32.12 -18.27 20.65
C GLY B 282 -32.22 -17.46 19.37
N PRO B 283 -33.26 -17.72 18.57
CA PRO B 283 -33.35 -17.09 17.24
C PRO B 283 -33.62 -15.59 17.26
N ALA B 284 -34.11 -15.04 18.37
CA ALA B 284 -34.34 -13.59 18.41
C ALA B 284 -33.06 -12.80 18.71
N SER B 285 -32.05 -13.44 19.29
CA SER B 285 -30.83 -12.76 19.69
C SER B 285 -30.08 -12.20 18.49
N ALA B 286 -29.76 -10.92 18.53
CA ALA B 286 -28.85 -10.33 17.54
C ALA B 286 -27.57 -9.82 18.18
N VAL B 287 -27.19 -10.35 19.36
CA VAL B 287 -26.12 -9.72 20.13
C VAL B 287 -24.76 -9.91 19.46
N TRP B 288 -24.59 -10.99 18.69
CA TRP B 288 -23.30 -11.23 18.04
C TRP B 288 -23.09 -10.29 16.85
N ASP B 289 -24.11 -10.14 16.00
CA ASP B 289 -24.04 -9.15 14.92
C ASP B 289 -23.89 -7.74 15.51
N GLU B 290 -24.61 -7.47 16.60
CA GLU B 290 -24.55 -6.16 17.25
C GLU B 290 -23.13 -5.82 17.67
N ALA B 291 -22.42 -6.81 18.24
CA ALA B 291 -21.05 -6.60 18.67
C ALA B 291 -20.12 -6.36 17.48
N GLU B 292 -20.30 -7.13 16.41
CA GLU B 292 -19.50 -6.93 15.21
C GLU B 292 -19.74 -5.55 14.62
N ASN B 293 -20.97 -5.04 14.69
CA ASN B 293 -21.32 -3.79 14.01
C ASN B 293 -20.72 -2.55 14.69
N ARG B 294 -20.20 -2.67 15.92
CA ARG B 294 -19.43 -1.55 16.46
C ARG B 294 -18.29 -1.19 15.52
N LEU B 295 -17.66 -2.21 14.92
CA LEU B 295 -16.57 -1.96 13.98
C LEU B 295 -17.03 -1.10 12.81
N HIS B 296 -18.13 -1.49 12.17
CA HIS B 296 -18.59 -0.81 10.97
C HIS B 296 -19.21 0.55 11.30
N ALA B 297 -20.02 0.63 12.36
CA ALA B 297 -20.69 1.87 12.69
C ALA B 297 -19.69 2.93 13.14
N GLN B 298 -18.64 2.53 13.85
CA GLN B 298 -17.62 3.48 14.27
C GLN B 298 -16.78 3.95 13.10
N LYS B 299 -16.49 3.07 12.16
CA LYS B 299 -15.79 3.51 10.96
C LYS B 299 -16.62 4.53 10.20
N ALA B 300 -17.92 4.27 10.07
CA ALA B 300 -18.79 5.21 9.38
C ALA B 300 -18.82 6.55 10.09
N LEU B 301 -18.90 6.53 11.42
CA LEU B 301 -18.90 7.77 12.18
C LEU B 301 -17.61 8.55 11.96
N LEU B 302 -16.48 7.85 11.96
CA LEU B 302 -15.20 8.53 11.70
C LEU B 302 -15.14 9.10 10.30
N VAL B 303 -15.47 8.29 9.29
CA VAL B 303 -15.48 8.77 7.91
C VAL B 303 -16.34 10.03 7.79
N TRP B 304 -17.50 10.03 8.46
CA TRP B 304 -18.44 11.13 8.33
C TRP B 304 -17.95 12.38 9.06
N LEU B 305 -17.38 12.21 10.27
CA LEU B 305 -16.83 13.35 10.98
C LEU B 305 -15.63 13.93 10.26
N LEU B 306 -14.80 13.09 9.64
CA LEU B 306 -13.56 13.55 9.02
C LEU B 306 -13.84 14.36 7.75
N GLU B 307 -14.86 13.98 6.98
CA GLU B 307 -15.03 14.66 5.70
C GLU B 307 -15.79 15.98 5.82
N ARG B 308 -16.38 16.27 6.98
CA ARG B 308 -16.96 17.57 7.26
C ARG B 308 -16.08 18.45 8.11
N SER B 309 -15.11 17.87 8.81
CA SER B 309 -14.25 18.62 9.71
C SER B 309 -12.84 18.71 9.14
N VAL C 3 -12.89 -27.59 6.94
CA VAL C 3 -12.52 -27.78 8.34
C VAL C 3 -11.57 -26.67 8.78
N ILE C 4 -11.79 -26.13 9.98
CA ILE C 4 -10.94 -25.09 10.54
C ILE C 4 -9.80 -25.77 11.31
N ARG C 5 -8.57 -25.45 10.93
CA ARG C 5 -7.39 -26.06 11.53
C ARG C 5 -6.87 -25.23 12.68
N HIS C 6 -6.38 -25.90 13.72
CA HIS C 6 -5.76 -25.25 14.85
C HIS C 6 -4.37 -25.81 15.07
N PHE C 7 -3.57 -25.08 15.87
CA PHE C 7 -2.21 -25.50 16.21
C PHE C 7 -2.02 -25.25 17.71
N LEU C 8 -2.45 -26.23 18.50
CA LEU C 8 -2.37 -26.16 19.95
C LEU C 8 -1.20 -26.92 20.52
N ARG C 9 -0.68 -27.88 19.77
CA ARG C 9 0.46 -28.70 20.15
C ARG C 9 1.10 -29.20 18.86
N ASP C 10 2.34 -29.66 18.99
CA ASP C 10 3.23 -29.89 17.84
C ASP C 10 2.66 -30.93 16.87
N ASP C 11 2.00 -31.97 17.38
CA ASP C 11 1.47 -33.06 16.55
C ASP C 11 0.10 -32.74 15.95
N ASP C 12 -0.42 -31.53 16.14
CA ASP C 12 -1.57 -31.09 15.36
C ASP C 12 -1.25 -31.03 13.87
N LEU C 13 0.03 -30.91 13.52
CA LEU C 13 0.48 -31.08 12.13
C LEU C 13 0.98 -32.50 11.91
N SER C 14 0.57 -33.10 10.81
CA SER C 14 1.12 -34.40 10.43
C SER C 14 2.54 -34.19 9.92
N PRO C 15 3.32 -35.27 9.82
CA PRO C 15 4.68 -35.12 9.26
C PRO C 15 4.70 -34.38 7.91
N ALA C 16 3.78 -34.73 7.00
CA ALA C 16 3.75 -34.04 5.71
C ALA C 16 3.35 -32.57 5.87
N GLU C 17 2.38 -32.29 6.73
CA GLU C 17 1.97 -30.90 6.95
C GLU C 17 3.08 -30.09 7.62
N GLN C 18 3.75 -30.66 8.61
CA GLN C 18 4.86 -29.95 9.25
C GLN C 18 5.93 -29.60 8.23
N ALA C 19 6.23 -30.53 7.31
CA ALA C 19 7.20 -30.25 6.26
C ALA C 19 6.76 -29.08 5.39
N GLU C 20 5.47 -29.02 5.05
CA GLU C 20 4.94 -27.87 4.31
C GLU C 20 5.15 -26.56 5.06
N VAL C 21 4.89 -26.54 6.37
CA VAL C 21 5.04 -25.32 7.14
C VAL C 21 6.52 -24.91 7.21
N LEU C 22 7.42 -25.89 7.38
CA LEU C 22 8.84 -25.57 7.48
C LEU C 22 9.38 -25.07 6.15
N GLU C 23 8.91 -25.63 5.04
CA GLU C 23 9.30 -25.15 3.73
C GLU C 23 8.83 -23.70 3.52
N LEU C 24 7.58 -23.42 3.89
CA LEU C 24 7.06 -22.07 3.84
C LEU C 24 7.89 -21.10 4.67
N ALA C 25 8.32 -21.53 5.86
CA ALA C 25 9.10 -20.68 6.75
C ALA C 25 10.44 -20.31 6.10
N ALA C 26 11.04 -21.25 5.38
CA ALA C 26 12.26 -20.93 4.65
C ALA C 26 11.99 -19.96 3.50
N GLU C 27 10.86 -20.14 2.81
CA GLU C 27 10.50 -19.22 1.73
C GLU C 27 10.22 -17.83 2.26
N LEU C 28 9.55 -17.73 3.41
CA LEU C 28 9.21 -16.43 3.98
C LEU C 28 10.45 -15.74 4.54
N LYS C 29 11.44 -16.50 5.00
CA LYS C 29 12.66 -15.85 5.44
C LYS C 29 13.39 -15.18 4.27
N LYS C 30 13.31 -15.79 3.08
CA LYS C 30 13.92 -15.18 1.90
C LYS C 30 13.08 -14.03 1.35
N ASP C 31 11.76 -14.12 1.42
CA ASP C 31 10.88 -13.11 0.85
C ASP C 31 9.81 -12.76 1.88
N PRO C 32 10.12 -11.84 2.80
CA PRO C 32 9.28 -11.69 4.00
C PRO C 32 7.95 -10.99 3.77
N VAL C 33 7.76 -10.27 2.67
CA VAL C 33 6.54 -9.49 2.50
C VAL C 33 5.75 -9.91 1.26
N SER C 34 6.09 -11.04 0.64
CA SER C 34 5.42 -11.43 -0.61
C SER C 34 4.11 -12.15 -0.39
N ARG C 35 3.82 -12.65 0.81
CA ARG C 35 2.56 -13.32 1.11
C ARG C 35 1.71 -12.38 1.95
N ARG C 36 0.55 -12.00 1.43
CA ARG C 36 -0.30 -10.99 2.08
C ARG C 36 -1.70 -11.53 2.27
N PRO C 37 -1.87 -12.67 2.95
CA PRO C 37 -3.23 -13.19 3.15
C PRO C 37 -4.06 -12.32 4.09
N LEU C 38 -3.45 -11.45 4.90
CA LEU C 38 -4.18 -10.59 5.79
C LEU C 38 -4.29 -9.14 5.29
N GLN C 39 -4.01 -8.90 4.00
CA GLN C 39 -4.09 -7.54 3.45
C GLN C 39 -5.45 -6.91 3.71
N GLY C 40 -5.45 -5.65 4.13
CA GLY C 40 -6.68 -4.97 4.45
C GLY C 40 -6.46 -3.70 5.25
N PRO C 41 -5.97 -3.82 6.50
CA PRO C 41 -5.61 -5.08 7.17
C PRO C 41 -6.79 -5.81 7.74
N ARG C 42 -6.72 -7.13 7.63
CA ARG C 42 -7.52 -7.98 8.49
C ARG C 42 -6.82 -8.14 9.82
N GLY C 43 -7.63 -8.33 10.87
CA GLY C 43 -7.10 -8.42 12.21
C GLY C 43 -6.69 -9.83 12.57
N VAL C 44 -5.76 -9.93 13.51
CA VAL C 44 -5.43 -11.15 14.23
C VAL C 44 -5.40 -10.80 15.72
N ALA C 45 -6.14 -11.54 16.54
CA ALA C 45 -6.09 -11.31 17.98
C ALA C 45 -4.85 -12.00 18.55
N VAL C 46 -4.09 -11.27 19.37
CA VAL C 46 -2.91 -11.82 20.05
C VAL C 46 -3.09 -11.59 21.54
N ILE C 47 -3.42 -12.65 22.27
CA ILE C 47 -3.97 -12.55 23.62
C ILE C 47 -3.00 -13.18 24.61
N PHE C 48 -2.73 -12.46 25.70
CA PHE C 48 -1.80 -12.89 26.74
C PHE C 48 -2.53 -12.96 28.08
N ASP C 49 -2.75 -14.18 28.59
CA ASP C 49 -3.14 -14.32 29.99
C ASP C 49 -1.98 -13.96 30.90
N LYS C 50 -0.77 -14.10 30.35
CA LYS C 50 0.48 -13.68 31.03
C LYS C 50 1.35 -13.10 29.91
N ASN C 51 1.95 -11.93 30.11
CA ASN C 51 2.69 -11.29 29.04
C ASN C 51 3.98 -12.07 28.71
N SER C 52 4.35 -12.01 27.43
CA SER C 52 5.60 -12.58 26.92
C SER C 52 6.06 -11.58 25.85
N THR C 53 7.02 -10.73 26.22
CA THR C 53 7.47 -9.70 25.28
C THR C 53 8.00 -10.32 23.98
N ARG C 54 8.74 -11.43 24.09
CA ARG C 54 9.32 -12.05 22.88
C ARG C 54 8.23 -12.58 21.97
N THR C 55 7.24 -13.23 22.55
CA THR C 55 6.10 -13.73 21.79
C THR C 55 5.34 -12.56 21.15
N ARG C 56 5.11 -11.48 21.87
CA ARG C 56 4.28 -10.39 21.31
C ARG C 56 5.07 -9.73 20.19
N PHE C 57 6.32 -9.45 20.47
CA PHE C 57 7.18 -8.77 19.50
C PHE C 57 7.16 -9.51 18.16
N SER C 58 7.45 -10.81 18.20
CA SER C 58 7.58 -11.58 16.97
C SER C 58 6.24 -11.73 16.24
N PHE C 59 5.15 -11.96 16.97
CA PHE C 59 3.85 -12.09 16.30
C PHE C 59 3.37 -10.74 15.75
N GLU C 60 3.57 -9.66 16.52
CA GLU C 60 3.11 -8.35 16.06
C GLU C 60 3.74 -7.96 14.73
N LEU C 61 5.08 -8.03 14.65
CA LEU C 61 5.79 -7.76 13.40
C LEU C 61 5.43 -8.75 12.31
N GLY C 62 5.38 -10.04 12.64
CA GLY C 62 5.08 -11.01 11.60
C GLY C 62 3.72 -10.81 10.97
N ILE C 63 2.71 -10.54 11.82
CA ILE C 63 1.36 -10.31 11.30
C ILE C 63 1.35 -9.08 10.40
N ALA C 64 2.10 -8.03 10.76
CA ALA C 64 2.14 -6.83 9.92
C ALA C 64 2.73 -7.16 8.56
N GLN C 65 3.73 -8.02 8.52
CA GLN C 65 4.37 -8.34 7.25
C GLN C 65 3.52 -9.26 6.38
N LEU C 66 2.46 -9.85 6.93
CA LEU C 66 1.43 -10.55 6.16
C LEU C 66 0.32 -9.62 5.72
N GLY C 67 0.47 -8.30 5.95
CA GLY C 67 -0.53 -7.32 5.58
C GLY C 67 -1.58 -7.06 6.63
N GLY C 68 -1.51 -7.74 7.77
CA GLY C 68 -2.56 -7.66 8.77
C GLY C 68 -2.23 -6.69 9.89
N HIS C 69 -3.12 -6.65 10.87
CA HIS C 69 -2.96 -5.81 12.05
C HIS C 69 -3.18 -6.67 13.28
N ALA C 70 -2.16 -6.79 14.12
CA ALA C 70 -2.29 -7.55 15.35
C ALA C 70 -2.96 -6.68 16.39
N VAL C 71 -4.06 -7.16 16.97
CA VAL C 71 -4.67 -6.49 18.11
C VAL C 71 -4.23 -7.26 19.35
N VAL C 72 -3.36 -6.63 20.14
CA VAL C 72 -2.74 -7.28 21.29
C VAL C 72 -3.61 -7.02 22.51
N VAL C 73 -3.86 -8.06 23.29
CA VAL C 73 -4.63 -7.95 24.53
C VAL C 73 -3.74 -8.52 25.62
N ASP C 74 -3.15 -7.65 26.44
CA ASP C 74 -2.20 -8.05 27.46
C ASP C 74 -2.91 -8.54 28.72
N SER C 75 -2.11 -8.99 29.68
CA SER C 75 -2.65 -9.54 30.91
C SER C 75 -3.31 -8.48 31.77
N GLY C 76 -2.98 -7.19 31.58
CA GLY C 76 -3.68 -6.13 32.29
C GLY C 76 -5.16 -6.11 32.00
N SER C 77 -5.53 -6.16 30.71
CA SER C 77 -6.93 -6.26 30.32
C SER C 77 -7.58 -7.45 31.01
N THR C 78 -8.84 -7.27 31.43
CA THR C 78 -9.58 -8.27 32.18
C THR C 78 -9.33 -9.68 31.64
N GLN C 79 -8.86 -10.57 32.50
CA GLN C 79 -8.45 -11.90 32.07
C GLN C 79 -9.61 -12.62 31.40
N LEU C 80 -9.27 -13.34 30.31
CA LEU C 80 -10.27 -14.07 29.47
C LEU C 80 -11.03 -15.09 30.28
N GLY C 81 -12.35 -14.99 30.21
CA GLY C 81 -13.17 -15.88 30.99
C GLY C 81 -13.75 -15.26 32.25
N ARG C 82 -13.35 -14.04 32.59
CA ARG C 82 -13.75 -13.42 33.85
C ARG C 82 -15.10 -12.72 33.75
N ASP C 83 -15.26 -11.80 32.80
CA ASP C 83 -16.51 -11.06 32.64
C ASP C 83 -17.41 -11.68 31.58
N GLU C 84 -16.97 -12.74 30.92
CA GLU C 84 -17.82 -13.46 29.99
C GLU C 84 -17.17 -14.82 29.72
N THR C 85 -17.96 -15.71 29.15
CA THR C 85 -17.52 -17.08 28.86
C THR C 85 -16.56 -17.11 27.67
N LEU C 86 -15.61 -18.02 27.69
CA LEU C 86 -14.62 -18.17 26.60
C LEU C 86 -15.42 -18.36 25.31
N GLN C 87 -16.52 -19.07 25.40
CA GLN C 87 -17.37 -19.36 24.22
C GLN C 87 -17.90 -18.04 23.67
N ASP C 88 -18.34 -17.15 24.56
CA ASP C 88 -18.91 -15.86 24.12
C ASP C 88 -17.79 -15.07 23.43
N THR C 89 -16.60 -15.05 24.04
CA THR C 89 -15.47 -14.31 23.48
C THR C 89 -15.05 -14.89 22.13
N ALA C 90 -14.94 -16.22 22.05
CA ALA C 90 -14.61 -16.89 20.80
C ALA C 90 -15.57 -16.48 19.69
N LYS C 91 -16.87 -16.44 19.98
CA LYS C 91 -17.88 -16.12 18.95
C LYS C 91 -17.68 -14.69 18.43
N VAL C 92 -17.47 -13.76 19.34
CA VAL C 92 -17.30 -12.38 18.87
C VAL C 92 -15.96 -12.21 18.16
N LEU C 93 -14.89 -12.78 18.73
CA LEU C 93 -13.59 -12.69 18.07
C LEU C 93 -13.65 -13.25 16.66
N SER C 94 -14.41 -14.35 16.48
CA SER C 94 -14.53 -14.94 15.15
C SER C 94 -15.10 -13.97 14.11
N ARG C 95 -15.85 -12.95 14.53
CA ARG C 95 -16.33 -11.91 13.62
C ARG C 95 -15.37 -10.76 13.43
N TYR C 96 -14.37 -10.61 14.30
CA TYR C 96 -13.45 -9.47 14.23
C TYR C 96 -12.12 -9.80 13.57
N VAL C 97 -11.59 -11.01 13.78
CA VAL C 97 -10.24 -11.34 13.37
C VAL C 97 -10.26 -12.61 12.51
N ASP C 98 -9.14 -12.86 11.81
CA ASP C 98 -9.03 -14.06 10.97
C ASP C 98 -8.25 -15.18 11.64
N ALA C 99 -7.61 -14.91 12.78
CA ALA C 99 -6.97 -15.95 13.58
C ALA C 99 -6.88 -15.44 15.00
N ILE C 100 -6.73 -16.39 15.93
CA ILE C 100 -6.60 -16.10 17.35
C ILE C 100 -5.30 -16.72 17.83
N VAL C 101 -4.36 -15.88 18.27
CA VAL C 101 -3.10 -16.31 18.86
C VAL C 101 -3.19 -16.09 20.37
N TRP C 102 -2.91 -17.14 21.16
CA TRP C 102 -3.23 -17.09 22.59
C TRP C 102 -2.10 -17.67 23.41
N ARG C 103 -1.58 -16.89 24.34
CA ARG C 103 -0.65 -17.37 25.36
C ARG C 103 -1.48 -17.61 26.63
N THR C 104 -1.62 -18.86 27.03
CA THR C 104 -2.44 -19.15 28.20
C THR C 104 -1.72 -20.23 29.00
N PHE C 105 -2.41 -20.80 30.00
CA PHE C 105 -1.73 -21.72 30.89
C PHE C 105 -2.11 -23.17 30.61
N GLY C 106 -3.24 -23.62 31.15
CA GLY C 106 -3.65 -24.99 30.93
C GLY C 106 -4.14 -25.24 29.50
N GLN C 107 -3.88 -26.46 29.03
CA GLN C 107 -4.24 -26.83 27.67
C GLN C 107 -5.76 -26.91 27.48
N GLU C 108 -6.51 -27.20 28.56
CA GLU C 108 -7.96 -27.29 28.42
C GLU C 108 -8.58 -25.98 27.94
N ARG C 109 -7.97 -24.86 28.30
CA ARG C 109 -8.47 -23.56 27.84
C ARG C 109 -8.30 -23.41 26.33
N LEU C 110 -7.12 -23.76 25.81
CA LEU C 110 -6.93 -23.73 24.36
C LEU C 110 -7.90 -24.65 23.65
N ASP C 111 -8.09 -25.87 24.19
CA ASP C 111 -9.03 -26.80 23.58
C ASP C 111 -10.44 -26.21 23.53
N ALA C 112 -10.89 -25.63 24.64
CA ALA C 112 -12.23 -25.02 24.68
C ALA C 112 -12.37 -23.93 23.63
N MET C 113 -11.35 -23.08 23.48
CA MET C 113 -11.43 -22.02 22.50
C MET C 113 -11.51 -22.57 21.08
N ALA C 114 -10.65 -23.54 20.77
CA ALA C 114 -10.61 -24.08 19.41
C ALA C 114 -11.86 -24.87 19.07
N SER C 115 -12.56 -25.39 20.07
CA SER C 115 -13.76 -26.17 19.78
C SER C 115 -14.93 -25.27 19.36
N VAL C 116 -14.87 -23.98 19.66
CA VAL C 116 -15.96 -23.05 19.41
C VAL C 116 -15.58 -22.02 18.33
N ALA C 117 -14.33 -21.55 18.32
CA ALA C 117 -13.96 -20.51 17.37
C ALA C 117 -14.08 -21.02 15.95
N THR C 118 -14.49 -20.15 15.04
CA THR C 118 -14.57 -20.50 13.63
C THR C 118 -13.41 -19.92 12.84
N VAL C 119 -12.33 -19.56 13.51
CA VAL C 119 -11.07 -19.17 12.87
C VAL C 119 -9.96 -19.96 13.54
N PRO C 120 -8.81 -20.08 12.90
CA PRO C 120 -7.72 -20.87 13.50
C PRO C 120 -7.28 -20.31 14.83
N VAL C 121 -7.03 -21.21 15.78
CA VAL C 121 -6.48 -20.86 17.07
C VAL C 121 -5.05 -21.39 17.13
N ILE C 122 -4.13 -20.55 17.58
CA ILE C 122 -2.72 -20.88 17.70
C ILE C 122 -2.32 -20.77 19.17
N ASN C 123 -1.61 -21.77 19.66
CA ASN C 123 -0.98 -21.72 20.99
C ASN C 123 0.35 -20.99 20.84
N ALA C 124 0.40 -19.74 21.27
CA ALA C 124 1.64 -18.93 21.17
C ALA C 124 2.68 -19.43 22.16
N LEU C 125 2.24 -20.03 23.26
CA LEU C 125 3.10 -20.51 24.37
C LEU C 125 2.15 -20.93 25.50
N SER C 126 2.35 -22.10 26.06
CA SER C 126 1.49 -22.62 27.15
C SER C 126 2.36 -23.30 28.21
N ASP C 127 1.73 -23.71 29.29
CA ASP C 127 2.46 -24.46 30.34
C ASP C 127 2.90 -25.81 29.78
N GLU C 128 2.11 -26.48 28.96
CA GLU C 128 2.45 -27.84 28.50
C GLU C 128 3.27 -27.83 27.20
N PHE C 129 3.03 -26.86 26.33
CA PHE C 129 3.70 -26.86 24.99
C PHE C 129 4.22 -25.49 24.54
N HIS C 130 5.25 -25.47 23.70
CA HIS C 130 5.78 -24.23 23.08
C HIS C 130 5.95 -24.59 21.60
N PRO C 131 4.86 -24.89 20.88
CA PRO C 131 4.98 -25.42 19.53
C PRO C 131 5.56 -24.47 18.47
N CYS C 132 5.33 -23.18 18.64
CA CYS C 132 5.85 -22.19 17.69
C CYS C 132 7.38 -22.09 17.83
N GLN C 133 7.89 -22.15 19.05
CA GLN C 133 9.34 -22.13 19.23
C GLN C 133 9.98 -23.39 18.66
N VAL C 134 9.28 -24.52 18.73
CA VAL C 134 9.90 -25.72 18.17
C VAL C 134 9.86 -25.71 16.63
N LEU C 135 8.84 -25.12 16.01
CA LEU C 135 8.91 -24.89 14.56
C LEU C 135 10.13 -24.06 14.21
N ALA C 136 10.38 -22.98 14.96
CA ALA C 136 11.58 -22.18 14.74
C ALA C 136 12.85 -23.00 14.94
N ASP C 137 12.89 -23.85 15.99
CA ASP C 137 14.03 -24.75 16.23
C ASP C 137 14.28 -25.67 15.04
N LEU C 138 13.22 -26.31 14.51
CA LEU C 138 13.38 -27.18 13.36
C LEU C 138 13.83 -26.40 12.12
N GLN C 139 13.29 -25.20 11.92
CA GLN C 139 13.78 -24.38 10.82
C GLN C 139 15.27 -24.13 10.96
N THR C 140 15.73 -23.85 12.18
CA THR C 140 17.14 -23.55 12.44
C THR C 140 18.02 -24.77 12.22
N ILE C 141 17.58 -25.93 12.72
CA ILE C 141 18.34 -27.15 12.48
C ILE C 141 18.44 -27.44 10.98
N ALA C 142 17.34 -27.26 10.25
CA ALA C 142 17.38 -27.58 8.82
C ALA C 142 18.37 -26.68 8.09
N GLU C 143 18.44 -25.39 8.45
CA GLU C 143 19.38 -24.54 7.73
C GLU C 143 20.83 -24.83 8.13
N ARG C 144 21.08 -25.36 9.32
CA ARG C 144 22.46 -25.65 9.68
C ARG C 144 22.85 -27.12 9.52
N LYS C 145 21.90 -28.01 9.24
CA LYS C 145 22.21 -29.43 9.13
C LYS C 145 21.70 -30.10 7.86
N GLY C 146 20.80 -29.47 7.12
CA GLY C 146 20.20 -30.16 5.99
C GLY C 146 18.95 -30.92 6.41
N ALA C 147 18.78 -32.14 5.91
CA ALA C 147 17.56 -32.89 6.17
C ALA C 147 17.44 -33.22 7.66
N LEU C 148 16.20 -33.24 8.16
CA LEU C 148 15.98 -33.46 9.60
C LEU C 148 15.91 -34.95 9.94
N ARG C 149 15.35 -35.76 9.05
CA ARG C 149 15.19 -37.22 9.30
C ARG C 149 16.51 -37.90 9.64
N GLY C 150 16.52 -38.65 10.75
CA GLY C 150 17.72 -39.39 11.16
C GLY C 150 18.61 -38.64 12.12
N LEU C 151 18.36 -37.34 12.26
CA LEU C 151 19.17 -36.54 13.22
C LEU C 151 18.90 -37.01 14.65
N ARG C 152 19.88 -36.82 15.52
CA ARG C 152 19.75 -37.18 16.93
C ARG C 152 19.80 -35.90 17.76
N LEU C 153 18.73 -35.64 18.49
CA LEU C 153 18.61 -34.41 19.28
C LEU C 153 18.44 -34.80 20.75
N SER C 154 19.21 -34.16 21.62
CA SER C 154 19.08 -34.39 23.05
C SER C 154 18.72 -33.09 23.77
N TYR C 155 17.70 -33.17 24.63
CA TYR C 155 17.30 -32.08 25.50
C TYR C 155 17.76 -32.37 26.93
N PHE C 156 18.23 -31.34 27.62
CA PHE C 156 18.78 -31.47 28.96
C PHE C 156 18.08 -30.51 29.91
N GLY C 157 17.78 -31.01 31.10
CA GLY C 157 17.24 -30.15 32.14
C GLY C 157 15.91 -30.63 32.66
N ASP C 158 14.93 -29.74 32.66
CA ASP C 158 13.59 -30.08 33.17
C ASP C 158 12.85 -30.80 32.07
N GLY C 159 12.70 -32.11 32.22
CA GLY C 159 12.06 -32.90 31.19
C GLY C 159 10.57 -32.71 31.07
N ALA C 160 9.92 -31.95 31.96
CA ALA C 160 8.47 -31.83 31.89
C ALA C 160 7.99 -30.42 31.59
N ASN C 161 8.88 -29.53 31.14
CA ASN C 161 8.45 -28.19 30.80
C ASN C 161 8.01 -28.16 29.33
N ASN C 162 7.58 -26.98 28.86
CA ASN C 162 6.91 -26.93 27.57
C ASN C 162 7.87 -27.23 26.43
N MET C 163 9.14 -26.84 26.57
CA MET C 163 10.11 -27.11 25.52
C MET C 163 10.40 -28.60 25.38
N ALA C 164 10.57 -29.32 26.50
CA ALA C 164 10.82 -30.75 26.38
C ALA C 164 9.66 -31.45 25.69
N HIS C 165 8.42 -31.12 26.08
CA HIS C 165 7.25 -31.75 25.49
C HIS C 165 7.12 -31.45 24.00
N SER C 166 7.34 -30.19 23.60
CA SER C 166 7.25 -29.85 22.18
C SER C 166 8.39 -30.42 21.37
N LEU C 167 9.61 -30.46 21.94
CA LEU C 167 10.72 -31.07 21.21
C LEU C 167 10.45 -32.55 20.98
N LEU C 168 9.90 -33.24 21.98
CA LEU C 168 9.45 -34.61 21.80
C LEU C 168 8.47 -34.72 20.63
N LEU C 169 7.36 -33.99 20.69
CA LEU C 169 6.30 -34.14 19.69
C LEU C 169 6.73 -33.61 18.32
N GLY C 170 7.23 -32.38 18.27
CA GLY C 170 7.64 -31.81 17.00
C GLY C 170 8.85 -32.53 16.43
N GLY C 171 9.78 -32.92 17.30
CA GLY C 171 10.98 -33.61 16.83
C GLY C 171 10.67 -34.92 16.13
N VAL C 172 9.84 -35.77 16.76
CA VAL C 172 9.55 -37.06 16.12
C VAL C 172 8.68 -36.89 14.90
N THR C 173 7.81 -35.88 14.88
CA THR C 173 7.06 -35.55 13.66
C THR C 173 8.00 -35.27 12.48
N ALA C 174 9.13 -34.64 12.75
CA ALA C 174 10.15 -34.38 11.75
C ALA C 174 11.06 -35.59 11.48
N GLY C 175 10.86 -36.70 12.18
CA GLY C 175 11.72 -37.86 11.98
C GLY C 175 13.04 -37.83 12.72
N ILE C 176 13.16 -36.98 13.76
CA ILE C 176 14.34 -36.85 14.60
C ILE C 176 14.26 -37.82 15.78
N HIS C 177 15.40 -38.44 16.11
CA HIS C 177 15.54 -39.27 17.31
C HIS C 177 15.74 -38.37 18.51
N VAL C 178 14.75 -38.29 19.40
CA VAL C 178 14.77 -37.32 20.48
C VAL C 178 15.09 -38.04 21.78
N THR C 179 16.07 -37.51 22.52
CA THR C 179 16.41 -37.93 23.86
C THR C 179 16.13 -36.79 24.84
N VAL C 180 15.50 -37.11 25.95
CA VAL C 180 15.33 -36.18 27.06
C VAL C 180 16.17 -36.71 28.21
N ALA C 181 17.15 -35.91 28.64
CA ALA C 181 17.99 -36.21 29.80
C ALA C 181 17.52 -35.31 30.92
N ALA C 182 16.93 -35.91 31.95
CA ALA C 182 16.35 -35.18 33.06
C ALA C 182 16.48 -36.02 34.32
N PRO C 183 16.59 -35.37 35.49
CA PRO C 183 16.68 -36.14 36.74
C PRO C 183 15.34 -36.73 37.13
N GLU C 184 15.40 -37.72 38.03
CA GLU C 184 14.20 -38.36 38.56
C GLU C 184 13.23 -37.34 39.13
N GLY C 185 11.94 -37.52 38.84
CA GLY C 185 10.93 -36.61 39.29
C GLY C 185 10.68 -35.43 38.37
N PHE C 186 11.50 -35.26 37.34
CA PHE C 186 11.34 -34.17 36.37
C PHE C 186 11.18 -34.72 34.96
N LEU C 187 10.40 -35.78 34.82
CA LEU C 187 10.36 -36.50 33.55
C LEU C 187 9.17 -36.05 32.71
N PRO C 188 9.20 -36.29 31.40
CA PRO C 188 8.10 -35.85 30.54
C PRO C 188 6.77 -36.44 30.97
N ASP C 189 5.72 -35.66 30.76
CA ASP C 189 4.36 -36.11 31.07
C ASP C 189 4.07 -37.42 30.33
N PRO C 190 3.59 -38.46 31.02
CA PRO C 190 3.41 -39.76 30.36
C PRO C 190 2.55 -39.70 29.12
N SER C 191 1.52 -38.86 29.13
CA SER C 191 0.63 -38.77 27.97
C SER C 191 1.37 -38.17 26.78
N VAL C 192 2.23 -37.17 27.01
CA VAL C 192 2.99 -36.57 25.91
C VAL C 192 3.98 -37.58 25.35
N ARG C 193 4.72 -38.26 26.22
CA ARG C 193 5.68 -39.27 25.79
C ARG C 193 5.02 -40.37 24.96
N ALA C 194 3.83 -40.83 25.35
CA ALA C 194 3.18 -41.90 24.59
C ALA C 194 2.70 -41.39 23.23
N ALA C 195 2.22 -40.14 23.18
CA ALA C 195 1.87 -39.54 21.89
C ALA C 195 3.09 -39.42 20.99
N ALA C 196 4.24 -39.06 21.57
CA ALA C 196 5.47 -38.98 20.77
C ALA C 196 5.89 -40.36 20.27
N GLU C 197 5.78 -41.37 21.15
CA GLU C 197 6.17 -42.72 20.75
C GLU C 197 5.27 -43.22 19.63
N ARG C 198 3.97 -42.95 19.69
CA ARG C 198 3.06 -43.32 18.61
C ARG C 198 3.42 -42.61 17.31
N ARG C 199 3.63 -41.30 17.38
CA ARG C 199 3.93 -40.55 16.17
C ARG C 199 5.29 -41.00 15.61
N ALA C 200 6.24 -41.31 16.49
CA ALA C 200 7.55 -41.80 16.05
C ALA C 200 7.45 -43.06 15.20
N GLN C 201 6.46 -43.91 15.45
CA GLN C 201 6.32 -45.13 14.67
C GLN C 201 5.97 -44.86 13.21
N ASP C 202 5.42 -43.68 12.90
CA ASP C 202 5.10 -43.30 11.54
C ASP C 202 6.28 -42.68 10.79
N THR C 203 7.28 -42.19 11.50
CA THR C 203 8.35 -41.41 10.89
C THR C 203 9.71 -42.08 10.96
N GLY C 204 9.84 -43.22 11.63
CA GLY C 204 11.13 -43.83 11.86
C GLY C 204 11.93 -43.19 12.98
N ALA C 205 11.35 -42.24 13.70
CA ALA C 205 12.04 -41.58 14.81
C ALA C 205 12.00 -42.50 16.02
N SER C 206 12.42 -41.97 17.17
CA SER C 206 12.41 -42.73 18.41
C SER C 206 12.39 -41.74 19.55
N VAL C 207 12.03 -42.25 20.73
CA VAL C 207 11.96 -41.47 21.96
C VAL C 207 12.86 -42.16 22.98
N THR C 208 13.69 -41.39 23.67
CA THR C 208 14.51 -41.90 24.77
C THR C 208 14.42 -40.92 25.94
N VAL C 209 14.24 -41.44 27.15
CA VAL C 209 14.31 -40.64 28.37
C VAL C 209 15.34 -41.30 29.29
N THR C 210 16.31 -40.52 29.75
CA THR C 210 17.38 -41.06 30.57
C THR C 210 17.82 -40.01 31.59
N ALA C 211 18.46 -40.47 32.66
CA ALA C 211 19.08 -39.58 33.63
C ALA C 211 20.59 -39.50 33.46
N ASP C 212 21.13 -40.17 32.44
CA ASP C 212 22.55 -40.19 32.15
C ASP C 212 22.82 -39.12 31.10
N ALA C 213 23.25 -37.94 31.55
CA ALA C 213 23.48 -36.84 30.62
C ALA C 213 24.60 -37.17 29.63
N HIS C 214 25.66 -37.82 30.10
CA HIS C 214 26.77 -38.12 29.21
C HIS C 214 26.34 -39.04 28.08
N ALA C 215 25.56 -40.07 28.39
CA ALA C 215 25.02 -40.93 27.34
C ALA C 215 24.13 -40.16 26.38
N ALA C 216 23.37 -39.20 26.89
CA ALA C 216 22.47 -38.45 26.02
C ALA C 216 23.26 -37.55 25.07
N ALA C 217 24.41 -37.04 25.51
CA ALA C 217 25.19 -36.15 24.64
C ALA C 217 26.02 -36.92 23.61
N ALA C 218 26.39 -38.17 23.90
CA ALA C 218 27.25 -38.92 22.97
C ALA C 218 26.52 -39.15 21.64
N GLY C 219 27.17 -38.78 20.54
CA GLY C 219 26.57 -38.93 19.23
C GLY C 219 25.47 -37.94 18.89
N ALA C 220 25.16 -36.98 19.77
CA ALA C 220 24.10 -36.04 19.48
C ALA C 220 24.51 -35.07 18.37
N ASP C 221 23.57 -34.80 17.47
CA ASP C 221 23.72 -33.76 16.45
C ASP C 221 23.22 -32.41 16.92
N VAL C 222 22.27 -32.37 17.85
CA VAL C 222 21.68 -31.14 18.37
C VAL C 222 21.56 -31.28 19.89
N LEU C 223 22.08 -30.31 20.63
CA LEU C 223 21.91 -30.23 22.08
C LEU C 223 21.02 -29.05 22.41
N VAL C 224 20.01 -29.28 23.25
CA VAL C 224 19.04 -28.24 23.59
C VAL C 224 18.93 -28.17 25.10
N THR C 225 18.76 -26.97 25.63
CA THR C 225 18.35 -26.83 27.01
C THR C 225 17.44 -25.59 27.13
N ASP C 226 17.02 -25.31 28.35
CA ASP C 226 16.03 -24.29 28.64
C ASP C 226 16.20 -23.95 30.11
N THR C 227 15.64 -22.82 30.54
CA THR C 227 15.77 -22.49 31.96
C THR C 227 15.21 -23.64 32.81
N TRP C 228 15.77 -23.79 34.01
CA TRP C 228 15.35 -24.86 34.90
C TRP C 228 14.05 -24.55 35.64
N THR C 229 13.68 -23.27 35.69
CA THR C 229 12.49 -22.86 36.45
C THR C 229 11.65 -21.84 35.69
N SER C 230 10.37 -22.11 35.51
CA SER C 230 9.44 -21.10 34.97
C SER C 230 9.02 -20.19 36.12
N MET C 231 8.36 -19.07 35.83
CA MET C 231 7.99 -18.13 36.91
C MET C 231 6.95 -18.78 37.82
N GLY C 232 6.06 -19.59 37.26
CA GLY C 232 5.04 -20.29 38.07
C GLY C 232 5.60 -21.44 38.87
N GLN C 233 6.92 -21.65 38.86
CA GLN C 233 7.54 -22.78 39.57
C GLN C 233 8.46 -22.24 40.67
N GLU C 234 8.63 -20.93 40.74
CA GLU C 234 9.55 -20.36 41.74
C GLU C 234 9.03 -20.63 43.17
N ASN C 235 7.72 -20.77 43.35
CA ASN C 235 7.24 -21.03 44.68
C ASN C 235 6.78 -22.46 44.85
N ASP C 236 7.30 -23.40 44.05
CA ASP C 236 6.81 -24.77 44.15
C ASP C 236 7.45 -25.57 45.29
N GLY C 237 8.42 -25.01 46.00
CA GLY C 237 8.98 -25.66 47.16
C GLY C 237 10.24 -26.49 46.91
N LEU C 238 10.56 -26.78 45.66
CA LEU C 238 11.69 -27.61 45.29
C LEU C 238 12.98 -26.81 45.21
N ASP C 239 14.09 -27.43 45.62
CA ASP C 239 15.40 -27.01 45.15
C ASP C 239 15.48 -27.29 43.65
N ARG C 240 15.46 -26.24 42.83
CA ARG C 240 15.45 -26.39 41.38
C ARG C 240 16.79 -26.04 40.76
N VAL C 241 17.87 -26.23 41.52
CA VAL C 241 19.24 -26.06 41.00
C VAL C 241 19.98 -27.37 41.17
N LYS C 242 20.08 -27.86 42.41
CA LYS C 242 20.86 -29.07 42.69
C LYS C 242 20.53 -30.25 41.78
N PRO C 243 19.27 -30.60 41.51
CA PRO C 243 19.02 -31.76 40.64
C PRO C 243 19.54 -31.59 39.21
N PHE C 244 19.64 -30.35 38.72
CA PHE C 244 19.93 -30.12 37.30
C PHE C 244 21.40 -29.85 36.99
N ARG C 245 22.21 -29.56 38.00
CA ARG C 245 23.65 -29.32 37.80
C ARG C 245 24.33 -30.37 36.91
N PRO C 246 24.15 -31.70 37.06
CA PRO C 246 24.76 -32.66 36.12
C PRO C 246 24.29 -32.54 34.67
N PHE C 247 23.25 -31.75 34.43
CA PHE C 247 22.64 -31.66 33.07
C PHE C 247 22.99 -30.33 32.40
N GLN C 248 23.89 -29.58 33.00
CA GLN C 248 24.30 -28.27 32.44
C GLN C 248 24.92 -28.46 31.06
N LEU C 249 24.45 -27.69 30.09
CA LEU C 249 25.06 -27.71 28.75
C LEU C 249 26.37 -26.93 28.84
N ASN C 250 27.46 -27.64 29.03
CA ASN C 250 28.79 -27.01 29.19
C ASN C 250 29.73 -27.51 28.08
N SER C 251 30.93 -27.00 28.06
CA SER C 251 31.92 -27.39 27.04
C SER C 251 32.22 -28.90 27.11
N ARG C 252 32.37 -29.43 28.33
CA ARG C 252 32.64 -30.86 28.46
C ARG C 252 31.51 -31.69 27.85
N LEU C 253 30.26 -31.31 28.14
CA LEU C 253 29.14 -32.07 27.61
C LEU C 253 29.08 -31.95 26.09
N LEU C 254 29.28 -30.73 25.57
CA LEU C 254 29.23 -30.54 24.13
C LEU C 254 30.31 -31.34 23.39
N ALA C 255 31.49 -31.48 23.99
CA ALA C 255 32.57 -32.22 23.31
C ALA C 255 32.28 -33.71 23.20
N LEU C 256 31.30 -34.22 23.93
CA LEU C 256 30.93 -35.61 23.77
C LEU C 256 30.05 -35.83 22.54
N ALA C 257 29.47 -34.77 21.99
CA ALA C 257 28.54 -34.90 20.87
C ALA C 257 29.31 -35.06 19.55
N ASP C 258 28.56 -35.32 18.47
CA ASP C 258 29.15 -35.27 17.14
C ASP C 258 29.86 -33.93 16.91
N SER C 259 30.88 -33.96 16.06
CA SER C 259 31.84 -32.86 16.01
C SER C 259 31.21 -31.56 15.50
N ASP C 260 30.22 -31.65 14.61
CA ASP C 260 29.50 -30.46 14.13
C ASP C 260 28.12 -30.35 14.76
N ALA C 261 27.99 -30.74 16.02
CA ALA C 261 26.73 -30.58 16.74
C ALA C 261 26.43 -29.09 16.94
N ILE C 262 25.13 -28.77 16.95
CA ILE C 262 24.69 -27.40 17.18
C ILE C 262 23.91 -27.38 18.49
N VAL C 263 23.81 -26.18 19.07
CA VAL C 263 23.22 -25.94 20.39
C VAL C 263 22.06 -24.98 20.23
N LEU C 264 20.91 -25.34 20.80
CA LEU C 264 19.73 -24.49 20.84
C LEU C 264 19.30 -24.18 22.27
N HIS C 265 18.58 -23.07 22.43
CA HIS C 265 18.08 -22.63 23.73
C HIS C 265 17.03 -21.54 23.51
N CYS C 266 15.77 -21.83 23.79
CA CYS C 266 14.72 -20.82 23.83
C CYS C 266 15.11 -19.68 24.77
N LEU C 267 15.16 -18.45 24.26
CA LEU C 267 15.58 -17.37 25.15
C LEU C 267 14.42 -16.90 26.05
N PRO C 268 14.72 -16.33 27.23
CA PRO C 268 16.03 -16.00 27.80
C PRO C 268 16.82 -17.21 28.32
N ALA C 269 18.14 -17.09 28.30
CA ALA C 269 19.04 -18.06 28.92
C ALA C 269 19.64 -17.44 30.18
N HIS C 270 19.83 -18.27 31.20
CA HIS C 270 20.50 -17.83 32.43
C HIS C 270 21.92 -18.38 32.36
N ARG C 271 22.82 -17.56 31.80
CA ARG C 271 24.22 -17.95 31.63
C ARG C 271 24.81 -18.33 32.98
N GLY C 272 25.53 -19.44 33.01
CA GLY C 272 26.08 -19.99 34.24
C GLY C 272 25.24 -21.06 34.88
N ASP C 273 23.95 -21.17 34.54
CA ASP C 273 23.11 -22.23 35.09
C ASP C 273 22.96 -23.38 34.09
N GLU C 274 21.87 -23.39 33.31
CA GLU C 274 21.63 -24.49 32.39
C GLU C 274 22.61 -24.51 31.20
N ILE C 275 23.33 -23.43 30.95
CA ILE C 275 24.20 -23.30 29.80
C ILE C 275 25.31 -22.33 30.19
N THR C 276 26.51 -22.53 29.64
CA THR C 276 27.65 -21.68 29.95
C THR C 276 27.88 -20.65 28.85
N ASP C 277 28.62 -19.60 29.20
CA ASP C 277 29.00 -18.57 28.23
C ASP C 277 29.75 -19.14 27.04
N ALA C 278 30.69 -20.07 27.29
CA ALA C 278 31.49 -20.60 26.19
C ALA C 278 30.64 -21.32 25.18
N VAL C 279 29.60 -22.02 25.62
CA VAL C 279 28.68 -22.72 24.69
C VAL C 279 27.76 -21.71 23.99
N MET C 280 27.19 -20.77 24.72
CA MET C 280 26.26 -19.77 24.14
C MET C 280 26.97 -18.92 23.09
N ASP C 281 28.26 -18.66 23.28
CA ASP C 281 28.98 -17.72 22.40
C ASP C 281 29.90 -18.43 21.40
N GLY C 282 30.08 -19.75 21.48
CA GLY C 282 30.97 -20.45 20.60
C GLY C 282 30.32 -20.75 19.26
N PRO C 283 31.10 -21.42 18.39
CA PRO C 283 30.63 -21.67 17.02
C PRO C 283 29.49 -22.67 16.90
N ALA C 284 29.27 -23.56 17.89
CA ALA C 284 28.15 -24.49 17.80
C ALA C 284 26.80 -23.85 18.12
N SER C 285 26.79 -22.67 18.73
CA SER C 285 25.55 -22.05 19.15
C SER C 285 24.73 -21.58 17.96
N ALA C 286 23.46 -21.94 17.93
CA ALA C 286 22.55 -21.42 16.91
C ALA C 286 21.42 -20.63 17.56
N VAL C 287 21.61 -20.14 18.79
CA VAL C 287 20.53 -19.52 19.56
C VAL C 287 20.06 -18.23 18.90
N TRP C 288 20.95 -17.52 18.19
CA TRP C 288 20.59 -16.22 17.63
C TRP C 288 19.69 -16.37 16.41
N ASP C 289 20.08 -17.27 15.49
CA ASP C 289 19.21 -17.62 14.36
C ASP C 289 17.91 -18.24 14.83
N GLU C 290 17.96 -19.02 15.92
CA GLU C 290 16.76 -19.66 16.45
C GLU C 290 15.76 -18.61 16.95
N ALA C 291 16.27 -17.58 17.63
CA ALA C 291 15.41 -16.48 18.06
C ALA C 291 14.79 -15.76 16.86
N GLU C 292 15.62 -15.43 15.86
CA GLU C 292 15.11 -14.76 14.66
C GLU C 292 14.04 -15.59 13.96
N ASN C 293 14.22 -16.91 13.90
CA ASN C 293 13.31 -17.76 13.14
C ASN C 293 11.94 -17.89 13.77
N ARG C 294 11.76 -17.45 15.03
CA ARG C 294 10.41 -17.33 15.57
C ARG C 294 9.55 -16.49 14.65
N LEU C 295 10.10 -15.40 14.14
CA LEU C 295 9.34 -14.52 13.26
C LEU C 295 8.89 -15.28 12.01
N HIS C 296 9.84 -15.96 11.36
CA HIS C 296 9.55 -16.58 10.07
C HIS C 296 8.66 -17.81 10.26
N ALA C 297 8.92 -18.61 11.30
CA ALA C 297 8.16 -19.85 11.48
C ALA C 297 6.70 -19.56 11.86
N GLN C 298 6.48 -18.52 12.68
CA GLN C 298 5.12 -18.13 13.06
C GLN C 298 4.35 -17.54 11.88
N LYS C 299 5.02 -16.78 11.01
CA LYS C 299 4.36 -16.30 9.79
C LYS C 299 3.95 -17.46 8.91
N ALA C 300 4.84 -18.44 8.72
CA ALA C 300 4.54 -19.60 7.90
C ALA C 300 3.31 -20.33 8.41
N LEU C 301 3.28 -20.58 9.72
CA LEU C 301 2.16 -21.28 10.35
C LEU C 301 0.84 -20.54 10.12
N LEU C 302 0.84 -19.21 10.30
CA LEU C 302 -0.35 -18.41 10.01
C LEU C 302 -0.77 -18.53 8.55
N VAL C 303 0.18 -18.38 7.64
CA VAL C 303 -0.13 -18.49 6.22
C VAL C 303 -0.75 -19.84 5.92
N TRP C 304 -0.17 -20.89 6.46
CA TRP C 304 -0.64 -22.24 6.17
C TRP C 304 -2.02 -22.49 6.79
N LEU C 305 -2.22 -22.04 8.04
CA LEU C 305 -3.52 -22.21 8.67
C LEU C 305 -4.61 -21.41 7.95
N LEU C 306 -4.29 -20.17 7.55
CA LEU C 306 -5.28 -19.37 6.84
C LEU C 306 -5.63 -19.98 5.48
N GLU C 307 -4.63 -20.56 4.78
CA GLU C 307 -4.87 -21.24 3.50
C GLU C 307 -5.93 -22.33 3.64
N ARG C 308 -5.91 -23.07 4.74
CA ARG C 308 -6.71 -24.28 4.93
C ARG C 308 -7.95 -24.05 5.77
N SER C 309 -8.36 -22.79 5.97
CA SER C 309 -9.46 -22.50 6.87
C SER C 309 -10.32 -21.35 6.35
N VAL D 3 18.93 -22.19 -11.34
CA VAL D 3 18.46 -22.43 -12.71
C VAL D 3 17.22 -21.58 -13.02
N ILE D 4 17.23 -20.93 -14.18
CA ILE D 4 16.10 -20.10 -14.60
C ILE D 4 15.11 -20.99 -15.36
N ARG D 5 13.87 -20.99 -14.91
CA ARG D 5 12.84 -21.83 -15.53
C ARG D 5 12.05 -21.03 -16.56
N HIS D 6 11.78 -21.66 -17.70
CA HIS D 6 10.97 -21.07 -18.75
C HIS D 6 9.75 -21.95 -19.00
N PHE D 7 8.77 -21.37 -19.71
CA PHE D 7 7.53 -22.07 -20.05
C PHE D 7 7.21 -21.77 -21.51
N LEU D 8 7.82 -22.55 -22.40
CA LEU D 8 7.68 -22.35 -23.84
C LEU D 8 6.72 -23.34 -24.47
N ARG D 9 6.50 -24.48 -23.83
CA ARG D 9 5.56 -25.49 -24.31
C ARG D 9 5.09 -26.26 -23.08
N ASP D 10 4.00 -27.00 -23.22
CA ASP D 10 3.30 -27.50 -22.03
C ASP D 10 4.16 -28.44 -21.21
N ASP D 11 5.01 -29.24 -21.86
CA ASP D 11 5.80 -30.22 -21.14
C ASP D 11 7.06 -29.63 -20.52
N ASP D 12 7.23 -28.30 -20.56
CA ASP D 12 8.30 -27.67 -19.80
C ASP D 12 8.07 -27.85 -18.30
N LEU D 13 6.82 -28.10 -17.88
CA LEU D 13 6.52 -28.52 -16.52
C LEU D 13 6.45 -30.05 -16.46
N SER D 14 7.09 -30.61 -15.44
CA SER D 14 6.92 -32.03 -15.15
C SER D 14 5.49 -32.28 -14.68
N PRO D 15 5.07 -33.54 -14.60
CA PRO D 15 3.75 -33.84 -14.01
C PRO D 15 3.58 -33.25 -12.62
N ALA D 16 4.57 -33.40 -11.74
CA ALA D 16 4.43 -32.84 -10.40
C ALA D 16 4.44 -31.32 -10.43
N GLU D 17 5.26 -30.72 -11.28
CA GLU D 17 5.29 -29.26 -11.34
C GLU D 17 3.98 -28.70 -11.87
N GLN D 18 3.38 -29.37 -12.87
CA GLN D 18 2.09 -28.90 -13.39
C GLN D 18 1.02 -28.93 -12.30
N ALA D 19 0.97 -30.00 -11.51
CA ALA D 19 0.02 -30.05 -10.40
C ALA D 19 0.25 -28.90 -9.41
N GLU D 20 1.51 -28.55 -9.14
CA GLU D 20 1.78 -27.40 -8.27
C GLU D 20 1.22 -26.10 -8.87
N VAL D 21 1.42 -25.88 -10.16
CA VAL D 21 0.92 -24.66 -10.77
C VAL D 21 -0.60 -24.64 -10.75
N LEU D 22 -1.24 -25.77 -11.05
CA LEU D 22 -2.69 -25.83 -11.09
C LEU D 22 -3.30 -25.67 -9.71
N GLU D 23 -2.65 -26.22 -8.67
CA GLU D 23 -3.12 -25.97 -7.31
C GLU D 23 -2.99 -24.49 -6.94
N LEU D 24 -1.90 -23.85 -7.35
CA LEU D 24 -1.75 -22.43 -7.09
C LEU D 24 -2.81 -21.62 -7.83
N ALA D 25 -3.22 -22.07 -9.01
CA ALA D 25 -4.23 -21.33 -9.77
C ALA D 25 -5.58 -21.34 -9.05
N ALA D 26 -5.94 -22.47 -8.44
CA ALA D 26 -7.16 -22.51 -7.64
C ALA D 26 -7.05 -21.60 -6.41
N GLU D 27 -5.88 -21.58 -5.78
CA GLU D 27 -5.66 -20.72 -4.62
C GLU D 27 -5.75 -19.24 -5.00
N LEU D 28 -5.12 -18.87 -6.11
CA LEU D 28 -5.17 -17.49 -6.57
C LEU D 28 -6.57 -17.09 -7.00
N LYS D 29 -7.35 -18.03 -7.55
CA LYS D 29 -8.74 -17.70 -7.86
C LYS D 29 -9.49 -17.36 -6.58
N LYS D 30 -9.22 -18.08 -5.50
CA LYS D 30 -9.92 -17.81 -4.25
C LYS D 30 -9.45 -16.52 -3.60
N ASP D 31 -8.14 -16.26 -3.60
CA ASP D 31 -7.55 -15.08 -2.96
C ASP D 31 -6.65 -14.39 -3.97
N PRO D 32 -7.23 -13.52 -4.81
CA PRO D 32 -6.51 -13.02 -5.99
C PRO D 32 -5.40 -12.01 -5.71
N VAL D 33 -5.31 -11.43 -4.52
CA VAL D 33 -4.23 -10.49 -4.25
C VAL D 33 -3.39 -10.93 -3.05
N SER D 34 -3.42 -12.23 -2.73
CA SER D 34 -2.68 -12.72 -1.58
C SER D 34 -1.21 -13.02 -1.88
N ARG D 35 -0.80 -13.00 -3.16
CA ARG D 35 0.59 -13.25 -3.53
C ARG D 35 1.08 -12.03 -4.30
N ARG D 36 2.11 -11.37 -3.78
CA ARG D 36 2.59 -10.12 -4.38
C ARG D 36 4.10 -10.18 -4.62
N PRO D 37 4.59 -11.21 -5.33
CA PRO D 37 6.03 -11.29 -5.60
C PRO D 37 6.55 -10.12 -6.42
N LEU D 38 5.68 -9.43 -7.15
CA LEU D 38 6.13 -8.34 -8.01
C LEU D 38 5.89 -6.96 -7.39
N GLN D 39 5.56 -6.89 -6.10
CA GLN D 39 5.32 -5.61 -5.45
C GLN D 39 6.53 -4.69 -5.64
N GLY D 40 6.24 -3.40 -5.86
CA GLY D 40 7.28 -2.47 -6.22
C GLY D 40 6.73 -1.18 -6.80
N PRO D 41 6.24 -1.16 -8.08
CA PRO D 41 6.09 -2.31 -8.98
C PRO D 41 7.35 -2.83 -9.65
N ARG D 42 7.53 -4.15 -9.60
CA ARG D 42 8.61 -4.71 -10.42
C ARG D 42 7.97 -4.91 -11.78
N GLY D 43 8.76 -4.95 -12.82
CA GLY D 43 8.14 -5.03 -14.13
C GLY D 43 8.12 -6.39 -14.78
N VAL D 44 7.15 -6.61 -15.64
CA VAL D 44 7.13 -7.77 -16.54
C VAL D 44 6.95 -7.24 -17.95
N ALA D 45 7.80 -7.70 -18.87
CA ALA D 45 7.64 -7.36 -20.28
C ALA D 45 6.58 -8.26 -20.91
N VAL D 46 5.62 -7.65 -21.63
CA VAL D 46 4.60 -8.40 -22.37
C VAL D 46 4.71 -7.96 -23.82
N ILE D 47 5.26 -8.84 -24.67
CA ILE D 47 5.67 -8.49 -26.03
C ILE D 47 4.72 -9.18 -27.00
N PHE D 48 4.27 -8.45 -28.03
CA PHE D 48 3.39 -9.00 -29.06
C PHE D 48 4.01 -8.79 -30.44
N ASP D 49 4.47 -9.88 -31.06
CA ASP D 49 4.78 -9.81 -32.49
C ASP D 49 3.52 -9.65 -33.32
N LYS D 50 2.38 -10.12 -32.81
CA LYS D 50 1.08 -9.87 -33.39
C LYS D 50 0.13 -9.58 -32.25
N ASN D 51 -0.64 -8.50 -32.36
CA ASN D 51 -1.52 -8.09 -31.28
C ASN D 51 -2.55 -9.15 -30.95
N SER D 52 -2.86 -9.26 -29.66
CA SER D 52 -3.87 -10.19 -29.14
C SER D 52 -4.48 -9.49 -27.92
N THR D 53 -5.60 -8.79 -28.16
CA THR D 53 -6.23 -8.01 -27.11
C THR D 53 -6.68 -8.89 -25.95
N ARG D 54 -7.19 -10.09 -26.24
CA ARG D 54 -7.62 -10.99 -25.17
C ARG D 54 -6.43 -11.38 -24.29
N THR D 55 -5.33 -11.76 -24.92
CA THR D 55 -4.12 -12.09 -24.18
C THR D 55 -3.64 -10.91 -23.36
N ARG D 56 -3.83 -9.70 -23.87
CA ARG D 56 -3.28 -8.53 -23.19
C ARG D 56 -4.08 -8.18 -21.94
N PHE D 57 -5.38 -8.35 -22.02
CA PHE D 57 -6.19 -8.15 -20.82
C PHE D 57 -5.74 -9.11 -19.73
N SER D 58 -5.67 -10.42 -20.01
CA SER D 58 -5.37 -11.38 -18.95
C SER D 58 -4.01 -11.12 -18.32
N PHE D 59 -2.99 -10.80 -19.14
CA PHE D 59 -1.66 -10.62 -18.56
C PHE D 59 -1.52 -9.28 -17.87
N GLU D 60 -2.04 -8.22 -18.48
CA GLU D 60 -1.84 -6.89 -17.90
C GLU D 60 -2.53 -6.81 -16.54
N LEU D 61 -3.74 -7.38 -16.42
CA LEU D 61 -4.43 -7.39 -15.14
C LEU D 61 -3.80 -8.36 -14.15
N GLY D 62 -3.41 -9.54 -14.62
CA GLY D 62 -2.85 -10.53 -13.73
C GLY D 62 -1.54 -10.08 -13.12
N ILE D 63 -0.65 -9.49 -13.94
CA ILE D 63 0.63 -8.99 -13.43
C ILE D 63 0.40 -7.90 -12.38
N ALA D 64 -0.60 -7.05 -12.60
CA ALA D 64 -0.84 -5.98 -11.65
C ALA D 64 -1.36 -6.51 -10.32
N GLN D 65 -2.16 -7.57 -10.34
CA GLN D 65 -2.66 -8.19 -9.12
C GLN D 65 -1.59 -8.97 -8.37
N LEU D 66 -0.44 -9.25 -9.00
CA LEU D 66 0.74 -9.74 -8.31
C LEU D 66 1.61 -8.61 -7.78
N GLY D 67 1.14 -7.36 -7.92
CA GLY D 67 1.88 -6.21 -7.48
C GLY D 67 2.71 -5.55 -8.55
N GLY D 68 2.79 -6.15 -9.74
CA GLY D 68 3.72 -5.72 -10.76
C GLY D 68 3.18 -4.67 -11.71
N HIS D 69 4.02 -4.31 -12.67
CA HIS D 69 3.59 -3.42 -13.75
C HIS D 69 3.95 -4.05 -15.08
N ALA D 70 2.95 -4.33 -15.90
CA ALA D 70 3.17 -4.91 -17.22
C ALA D 70 3.59 -3.81 -18.19
N VAL D 71 4.76 -3.95 -18.79
CA VAL D 71 5.18 -3.03 -19.84
C VAL D 71 4.89 -3.73 -21.17
N VAL D 72 3.87 -3.25 -21.87
CA VAL D 72 3.36 -3.89 -23.08
C VAL D 72 4.09 -3.31 -24.28
N VAL D 73 4.59 -4.20 -25.15
CA VAL D 73 5.25 -3.82 -26.39
C VAL D 73 4.49 -4.51 -27.51
N ASP D 74 3.81 -3.73 -28.35
CA ASP D 74 2.99 -4.36 -29.38
C ASP D 74 3.70 -4.31 -30.73
N SER D 75 2.97 -4.66 -31.80
CA SER D 75 3.61 -5.06 -33.06
C SER D 75 4.25 -3.88 -33.77
N GLY D 76 3.75 -2.67 -33.56
CA GLY D 76 4.35 -1.49 -34.17
C GLY D 76 5.44 -0.86 -33.32
N GLY D 81 13.03 -8.98 -33.40
CA GLY D 81 14.31 -8.29 -33.31
C GLY D 81 14.88 -7.85 -34.63
N ARG D 82 14.64 -6.58 -35.00
CA ARG D 82 15.12 -6.03 -36.26
C ARG D 82 16.27 -5.02 -36.07
N ASP D 83 16.14 -4.08 -35.13
CA ASP D 83 17.20 -3.08 -34.93
C ASP D 83 18.31 -3.57 -34.01
N GLU D 84 18.11 -4.68 -33.31
CA GLU D 84 19.16 -5.35 -32.56
C GLU D 84 18.83 -6.83 -32.51
N THR D 85 19.84 -7.63 -32.20
CA THR D 85 19.63 -9.08 -32.10
C THR D 85 18.66 -9.40 -30.98
N LEU D 86 18.07 -10.60 -31.07
CA LEU D 86 17.19 -11.04 -29.99
C LEU D 86 17.96 -11.24 -28.69
N GLN D 87 19.22 -11.67 -28.80
CA GLN D 87 20.03 -11.93 -27.61
C GLN D 87 20.31 -10.64 -26.87
N ASP D 88 20.62 -9.56 -27.61
CA ASP D 88 20.79 -8.24 -27.02
C ASP D 88 19.54 -7.81 -26.26
N THR D 89 18.38 -7.89 -26.92
CA THR D 89 17.14 -7.50 -26.25
C THR D 89 16.91 -8.34 -25.00
N ALA D 90 17.27 -9.62 -25.05
CA ALA D 90 17.02 -10.49 -23.91
C ALA D 90 17.93 -10.13 -22.72
N LYS D 91 19.17 -9.78 -22.99
CA LYS D 91 20.10 -9.37 -21.92
C LYS D 91 19.64 -8.07 -21.26
N VAL D 92 19.16 -7.09 -22.04
CA VAL D 92 18.76 -5.83 -21.44
C VAL D 92 17.45 -5.99 -20.67
N LEU D 93 16.47 -6.68 -21.28
CA LEU D 93 15.22 -6.93 -20.58
C LEU D 93 15.45 -7.61 -19.25
N SER D 94 16.43 -8.52 -19.18
CA SER D 94 16.70 -9.23 -17.94
C SER D 94 17.18 -8.31 -16.83
N ARG D 95 17.66 -7.10 -17.18
CA ARG D 95 17.99 -6.11 -16.16
C ARG D 95 16.81 -5.27 -15.75
N TYR D 96 15.78 -5.17 -16.60
CA TYR D 96 14.64 -4.28 -16.40
C TYR D 96 13.43 -4.95 -15.75
N VAL D 97 13.15 -6.20 -16.10
CA VAL D 97 11.92 -6.87 -15.70
C VAL D 97 12.27 -8.21 -15.08
N ASP D 98 11.29 -8.79 -14.37
CA ASP D 98 11.50 -10.07 -13.69
C ASP D 98 11.01 -11.26 -14.48
N ALA D 99 10.31 -11.03 -15.59
CA ALA D 99 9.82 -12.10 -16.44
C ALA D 99 9.47 -11.49 -17.79
N ILE D 100 9.52 -12.32 -18.83
CA ILE D 100 9.27 -11.90 -20.20
C ILE D 100 8.13 -12.75 -20.76
N VAL D 101 7.03 -12.11 -21.12
CA VAL D 101 5.88 -12.77 -21.71
C VAL D 101 5.85 -12.40 -23.19
N TRP D 102 5.81 -13.40 -24.06
CA TRP D 102 6.02 -13.16 -25.48
C TRP D 102 5.00 -13.94 -26.30
N ARG D 103 4.22 -13.22 -27.11
CA ARG D 103 3.40 -13.81 -28.16
C ARG D 103 4.17 -13.68 -29.46
N THR D 104 4.62 -14.80 -30.02
CA THR D 104 5.40 -14.74 -31.25
C THR D 104 4.96 -15.89 -32.16
N PHE D 105 5.77 -16.16 -33.18
CA PHE D 105 5.36 -17.09 -34.23
C PHE D 105 6.16 -18.38 -34.12
N GLY D 106 7.38 -18.38 -34.62
CA GLY D 106 8.17 -19.61 -34.67
C GLY D 106 8.71 -19.96 -33.30
N GLN D 107 8.71 -21.27 -33.02
CA GLN D 107 9.16 -21.74 -31.72
C GLN D 107 10.63 -21.43 -31.49
N GLU D 108 11.43 -21.33 -32.55
CA GLU D 108 12.86 -21.12 -32.38
C GLU D 108 13.16 -19.73 -31.83
N ARG D 109 12.31 -18.75 -32.14
CA ARG D 109 12.48 -17.42 -31.55
C ARG D 109 12.36 -17.49 -30.03
N LEU D 110 11.37 -18.25 -29.53
CA LEU D 110 11.22 -18.43 -28.09
C LEU D 110 12.45 -19.08 -27.47
N ASP D 111 12.96 -20.14 -28.13
CA ASP D 111 14.15 -20.83 -27.63
C ASP D 111 15.34 -19.90 -27.55
N ALA D 112 15.50 -19.03 -28.54
CA ALA D 112 16.62 -18.08 -28.55
C ALA D 112 16.52 -17.13 -27.36
N MET D 113 15.33 -16.57 -27.14
CA MET D 113 15.13 -15.69 -25.99
C MET D 113 15.46 -16.42 -24.69
N ALA D 114 14.96 -17.66 -24.55
CA ALA D 114 15.12 -18.42 -23.30
C ALA D 114 16.56 -18.89 -23.10
N SER D 115 17.32 -19.06 -24.18
CA SER D 115 18.71 -19.48 -24.03
C SER D 115 19.55 -18.44 -23.28
N VAL D 116 19.19 -17.15 -23.34
CA VAL D 116 20.14 -16.15 -22.86
C VAL D 116 19.50 -15.35 -21.73
N ALA D 117 18.17 -15.21 -21.75
CA ALA D 117 17.52 -14.41 -20.71
C ALA D 117 17.79 -15.03 -19.34
N THR D 118 18.06 -14.19 -18.35
CA THR D 118 18.27 -14.64 -16.99
C THR D 118 17.02 -14.46 -16.13
N VAL D 119 15.87 -14.31 -16.77
CA VAL D 119 14.57 -14.27 -16.10
C VAL D 119 13.64 -15.20 -16.87
N PRO D 120 12.57 -15.66 -16.23
CA PRO D 120 11.67 -16.61 -16.92
C PRO D 120 11.06 -16.00 -18.18
N VAL D 121 11.00 -16.82 -19.23
CA VAL D 121 10.33 -16.49 -20.48
C VAL D 121 9.07 -17.34 -20.58
N ILE D 122 7.96 -16.71 -20.94
CA ILE D 122 6.66 -17.38 -21.04
C ILE D 122 6.11 -17.20 -22.43
N ASN D 123 5.64 -18.31 -23.03
CA ASN D 123 4.97 -18.28 -24.34
C ASN D 123 3.50 -17.95 -24.10
N ALA D 124 3.10 -16.74 -24.46
CA ALA D 124 1.71 -16.29 -24.28
C ALA D 124 0.82 -16.96 -25.30
N LEU D 125 1.37 -17.30 -26.46
CA LEU D 125 0.63 -17.88 -27.61
C LEU D 125 1.64 -17.92 -28.75
N SER D 126 1.75 -19.06 -29.42
CA SER D 126 2.72 -19.23 -30.53
C SER D 126 2.08 -20.00 -31.66
N ASP D 127 2.77 -20.08 -32.79
CA ASP D 127 2.25 -20.88 -33.90
C ASP D 127 2.08 -22.33 -33.50
N GLU D 128 2.99 -22.86 -32.69
CA GLU D 128 3.02 -24.30 -32.45
C GLU D 128 2.38 -24.70 -31.12
N PHE D 129 2.32 -23.80 -30.14
CA PHE D 129 1.80 -24.14 -28.83
C PHE D 129 0.99 -22.98 -28.28
N HIS D 130 0.10 -23.31 -27.34
CA HIS D 130 -0.63 -22.27 -26.61
C HIS D 130 -0.82 -22.78 -25.18
N PRO D 131 0.29 -22.89 -24.44
CA PRO D 131 0.26 -23.66 -23.19
C PRO D 131 -0.36 -22.92 -22.02
N CYS D 132 -0.48 -21.59 -22.07
CA CYS D 132 -1.20 -20.89 -21.02
C CYS D 132 -2.70 -21.13 -21.10
N GLN D 133 -3.24 -21.18 -22.32
CA GLN D 133 -4.65 -21.56 -22.48
C GLN D 133 -4.91 -22.95 -21.91
N VAL D 134 -3.99 -23.90 -22.17
CA VAL D 134 -4.22 -25.26 -21.71
C VAL D 134 -4.10 -25.36 -20.19
N LEU D 135 -3.25 -24.54 -19.56
CA LEU D 135 -3.27 -24.45 -18.10
C LEU D 135 -4.65 -23.99 -17.62
N ALA D 136 -5.21 -22.96 -18.26
CA ALA D 136 -6.56 -22.52 -17.91
C ALA D 136 -7.58 -23.62 -18.20
N ASP D 137 -7.40 -24.38 -19.29
CA ASP D 137 -8.30 -25.50 -19.57
C ASP D 137 -8.26 -26.53 -18.46
N LEU D 138 -7.05 -26.91 -18.03
CA LEU D 138 -6.90 -27.92 -16.99
C LEU D 138 -7.47 -27.46 -15.66
N GLN D 139 -7.28 -26.17 -15.33
CA GLN D 139 -7.92 -25.59 -14.15
C GLN D 139 -9.44 -25.69 -14.26
N THR D 140 -10.00 -25.42 -15.44
CA THR D 140 -11.45 -25.46 -15.63
C THR D 140 -11.99 -26.88 -15.47
N ILE D 141 -11.32 -27.87 -16.08
CA ILE D 141 -11.75 -29.27 -15.95
C ILE D 141 -11.71 -29.69 -14.49
N ALA D 142 -10.64 -29.35 -13.77
CA ALA D 142 -10.52 -29.75 -12.38
C ALA D 142 -11.64 -29.14 -11.53
N GLU D 143 -12.00 -27.88 -11.82
CA GLU D 143 -13.15 -27.23 -11.21
C GLU D 143 -14.43 -28.04 -11.35
N ARG D 144 -14.69 -28.55 -12.56
CA ARG D 144 -15.95 -29.21 -12.84
C ARG D 144 -15.94 -30.67 -12.42
N LYS D 145 -14.77 -31.31 -12.47
CA LYS D 145 -14.71 -32.76 -12.41
C LYS D 145 -13.76 -33.33 -11.37
N GLY D 146 -13.00 -32.51 -10.66
CA GLY D 146 -12.12 -33.04 -9.65
C GLY D 146 -10.77 -33.45 -10.22
N ALA D 147 -10.28 -34.61 -9.81
CA ALA D 147 -8.96 -35.06 -10.23
C ALA D 147 -8.91 -35.30 -11.73
N LEU D 148 -7.79 -34.94 -12.35
CA LEU D 148 -7.65 -34.98 -13.80
C LEU D 148 -7.20 -36.34 -14.32
N ARG D 149 -6.45 -37.10 -13.50
CA ARG D 149 -5.83 -38.32 -14.00
C ARG D 149 -6.90 -39.33 -14.36
N GLY D 150 -6.77 -39.92 -15.56
CA GLY D 150 -7.70 -40.92 -16.04
C GLY D 150 -8.87 -40.38 -16.84
N LEU D 151 -9.10 -39.06 -16.81
CA LEU D 151 -10.16 -38.48 -17.62
C LEU D 151 -9.86 -38.68 -19.10
N ARG D 152 -10.91 -38.67 -19.90
CA ARG D 152 -10.80 -38.79 -21.35
C ARG D 152 -11.14 -37.44 -21.97
N LEU D 153 -10.23 -36.92 -22.78
CA LEU D 153 -10.40 -35.63 -23.45
C LEU D 153 -10.30 -35.86 -24.95
N SER D 154 -11.21 -35.28 -25.72
CA SER D 154 -11.19 -35.37 -27.18
C SER D 154 -11.18 -33.98 -27.79
N TYR D 155 -10.23 -33.74 -28.68
CA TYR D 155 -10.16 -32.49 -29.43
C TYR D 155 -10.56 -32.75 -30.87
N PHE D 156 -11.36 -31.83 -31.43
CA PHE D 156 -11.95 -31.97 -32.76
C PHE D 156 -11.57 -30.79 -33.63
N GLY D 157 -11.20 -31.06 -34.88
CA GLY D 157 -11.00 -30.01 -35.85
C GLY D 157 -9.64 -30.09 -36.50
N ASP D 158 -8.91 -28.98 -36.47
CA ASP D 158 -7.56 -28.86 -37.02
C ASP D 158 -6.56 -29.43 -36.02
N GLY D 159 -6.19 -30.68 -36.21
CA GLY D 159 -5.26 -31.34 -35.31
C GLY D 159 -3.82 -30.91 -35.44
N ALA D 160 -3.53 -29.92 -36.28
CA ALA D 160 -2.17 -29.46 -36.50
C ALA D 160 -1.90 -28.10 -35.88
N ASN D 161 -2.87 -27.50 -35.20
CA ASN D 161 -2.69 -26.15 -34.68
C ASN D 161 -2.20 -26.17 -33.23
N ASN D 162 -1.99 -24.97 -32.67
CA ASN D 162 -1.33 -24.84 -31.39
C ASN D 162 -2.16 -25.42 -30.26
N MET D 163 -3.49 -25.35 -30.34
CA MET D 163 -4.31 -25.94 -29.29
C MET D 163 -4.23 -27.47 -29.30
N ALA D 164 -4.21 -28.08 -30.48
CA ALA D 164 -4.11 -29.54 -30.53
C ALA D 164 -2.81 -30.01 -29.91
N HIS D 165 -1.70 -29.34 -30.23
CA HIS D 165 -0.39 -29.71 -29.69
C HIS D 165 -0.34 -29.53 -28.18
N SER D 166 -0.92 -28.43 -27.68
CA SER D 166 -0.85 -28.14 -26.25
C SER D 166 -1.79 -29.05 -25.46
N LEU D 167 -2.96 -29.39 -26.01
CA LEU D 167 -3.82 -30.36 -25.34
C LEU D 167 -3.16 -31.74 -25.29
N LEU D 168 -2.45 -32.13 -26.35
CA LEU D 168 -1.66 -33.36 -26.30
C LEU D 168 -0.64 -33.30 -25.17
N LEU D 169 0.22 -32.28 -25.19
CA LEU D 169 1.32 -32.23 -24.24
C LEU D 169 0.85 -31.88 -22.83
N GLY D 170 0.05 -30.83 -22.70
CA GLY D 170 -0.47 -30.49 -21.39
C GLY D 170 -1.37 -31.58 -20.84
N GLY D 171 -2.17 -32.21 -21.71
CA GLY D 171 -3.10 -33.24 -21.28
C GLY D 171 -2.41 -34.47 -20.72
N VAL D 172 -1.45 -35.03 -21.47
CA VAL D 172 -0.78 -36.23 -20.97
C VAL D 172 0.01 -35.92 -19.69
N THR D 173 0.55 -34.70 -19.58
CA THR D 173 1.25 -34.31 -18.37
C THR D 173 0.34 -34.35 -17.15
N ALA D 174 -0.95 -34.10 -17.36
CA ALA D 174 -1.93 -34.20 -16.29
C ALA D 174 -2.49 -35.62 -16.11
N GLY D 175 -2.07 -36.57 -16.94
CA GLY D 175 -2.56 -37.93 -16.84
C GLY D 175 -3.83 -38.18 -17.61
N ILE D 176 -4.20 -37.28 -18.52
CA ILE D 176 -5.43 -37.36 -19.29
C ILE D 176 -5.17 -38.17 -20.55
N HIS D 177 -6.12 -39.06 -20.90
CA HIS D 177 -6.11 -39.75 -22.18
C HIS D 177 -6.64 -38.78 -23.24
N VAL D 178 -5.75 -38.32 -24.12
CA VAL D 178 -6.08 -37.31 -25.11
C VAL D 178 -6.29 -37.98 -26.45
N THR D 179 -7.41 -37.67 -27.10
CA THR D 179 -7.67 -38.08 -28.47
C THR D 179 -7.79 -36.83 -29.35
N VAL D 180 -7.15 -36.88 -30.52
CA VAL D 180 -7.29 -35.84 -31.53
C VAL D 180 -8.04 -36.44 -32.71
N ALA D 181 -9.20 -35.86 -33.03
CA ALA D 181 -9.98 -36.26 -34.19
C ALA D 181 -9.81 -35.17 -35.24
N ALA D 182 -9.15 -35.52 -36.35
CA ALA D 182 -8.72 -34.55 -37.35
C ALA D 182 -8.62 -35.23 -38.70
N PRO D 183 -8.82 -34.50 -39.79
CA PRO D 183 -8.68 -35.10 -41.12
C PRO D 183 -7.22 -35.19 -41.53
N GLU D 184 -6.97 -36.03 -42.54
CA GLU D 184 -5.64 -36.14 -43.15
C GLU D 184 -5.17 -34.79 -43.65
N GLY D 185 -3.86 -34.58 -43.59
CA GLY D 185 -3.27 -33.30 -43.93
C GLY D 185 -3.32 -32.27 -42.82
N PHE D 186 -3.98 -32.57 -41.70
CA PHE D 186 -4.12 -31.63 -40.59
C PHE D 186 -3.99 -32.41 -39.28
N LEU D 187 -2.95 -33.23 -39.20
CA LEU D 187 -2.68 -34.10 -38.05
C LEU D 187 -1.53 -33.51 -37.22
N PRO D 188 -1.42 -33.90 -35.95
CA PRO D 188 -0.39 -33.29 -35.09
C PRO D 188 1.02 -33.49 -35.63
N ASP D 189 1.86 -32.50 -35.35
CA ASP D 189 3.27 -32.56 -35.72
C ASP D 189 3.89 -33.84 -35.18
N PRO D 190 4.59 -34.62 -36.02
CA PRO D 190 5.12 -35.91 -35.53
C PRO D 190 6.07 -35.79 -34.34
N SER D 191 6.84 -34.70 -34.28
CA SER D 191 7.71 -34.46 -33.13
C SER D 191 6.91 -34.24 -31.86
N VAL D 192 5.84 -33.45 -31.95
CA VAL D 192 4.98 -33.20 -30.79
C VAL D 192 4.30 -34.49 -30.37
N ARG D 193 3.78 -35.25 -31.33
CA ARG D 193 3.08 -36.49 -31.00
C ARG D 193 3.99 -37.45 -30.26
N ALA D 194 5.22 -37.63 -30.74
CA ALA D 194 6.16 -38.52 -30.06
C ALA D 194 6.48 -38.01 -28.66
N ALA D 195 6.65 -36.70 -28.49
CA ALA D 195 6.95 -36.18 -27.16
C ALA D 195 5.77 -36.42 -26.21
N ALA D 196 4.54 -36.29 -26.71
CA ALA D 196 3.37 -36.56 -25.87
C ALA D 196 3.28 -38.04 -25.54
N GLU D 197 3.58 -38.90 -26.51
CA GLU D 197 3.54 -40.33 -26.23
C GLU D 197 4.57 -40.71 -25.18
N ARG D 198 5.77 -40.11 -25.26
CA ARG D 198 6.77 -40.35 -24.23
C ARG D 198 6.25 -39.90 -22.86
N ARG D 199 5.78 -38.66 -22.76
CA ARG D 199 5.34 -38.13 -21.47
C ARG D 199 4.21 -38.96 -20.88
N ALA D 200 3.30 -39.43 -21.74
CA ALA D 200 2.18 -40.25 -21.27
C ALA D 200 2.64 -41.55 -20.61
N GLN D 201 3.78 -42.10 -21.02
CA GLN D 201 4.28 -43.30 -20.36
C GLN D 201 4.56 -43.06 -18.89
N ASP D 202 4.99 -41.84 -18.53
CA ASP D 202 5.24 -41.55 -17.12
C ASP D 202 3.98 -41.30 -16.32
N THR D 203 2.85 -41.04 -16.97
CA THR D 203 1.67 -40.58 -16.24
C THR D 203 0.49 -41.53 -16.35
N GLY D 204 0.60 -42.61 -17.10
CA GLY D 204 -0.53 -43.49 -17.34
C GLY D 204 -1.51 -42.98 -18.36
N ALA D 205 -1.19 -41.89 -19.05
CA ALA D 205 -2.06 -41.32 -20.07
C ALA D 205 -1.85 -42.04 -21.40
N SER D 206 -2.45 -41.53 -22.47
CA SER D 206 -2.32 -42.14 -23.80
C SER D 206 -2.58 -41.07 -24.84
N VAL D 207 -2.10 -41.33 -26.05
CA VAL D 207 -2.33 -40.48 -27.22
C VAL D 207 -3.06 -41.31 -28.27
N THR D 208 -4.16 -40.79 -28.79
CA THR D 208 -4.87 -41.37 -29.91
C THR D 208 -5.13 -40.28 -30.95
N VAL D 209 -4.95 -40.65 -32.23
CA VAL D 209 -5.28 -39.77 -33.35
C VAL D 209 -6.15 -40.55 -34.30
N THR D 210 -7.32 -40.00 -34.64
CA THR D 210 -8.30 -40.68 -35.47
C THR D 210 -8.97 -39.68 -36.38
N ALA D 211 -9.52 -40.18 -37.49
CA ALA D 211 -10.34 -39.36 -38.36
C ALA D 211 -11.83 -39.58 -38.11
N ASP D 212 -12.18 -40.40 -37.12
CA ASP D 212 -13.56 -40.78 -36.84
C ASP D 212 -14.07 -39.95 -35.66
N ALA D 213 -14.81 -38.88 -35.97
CA ALA D 213 -15.29 -37.97 -34.95
C ALA D 213 -16.20 -38.68 -33.94
N HIS D 214 -17.12 -39.51 -34.42
CA HIS D 214 -18.06 -40.17 -33.54
C HIS D 214 -17.36 -41.15 -32.60
N ALA D 215 -16.33 -41.85 -33.09
CA ALA D 215 -15.57 -42.73 -32.21
C ALA D 215 -14.83 -41.94 -31.14
N ALA D 216 -14.29 -40.77 -31.51
CA ALA D 216 -13.54 -39.97 -30.54
C ALA D 216 -14.45 -39.44 -29.44
N ALA D 217 -15.73 -39.28 -29.73
CA ALA D 217 -16.62 -38.72 -28.74
C ALA D 217 -17.02 -39.74 -27.69
N ALA D 218 -16.93 -41.03 -28.01
CA ALA D 218 -17.37 -42.09 -27.11
C ALA D 218 -16.57 -42.12 -25.83
N GLY D 219 -17.26 -42.11 -24.69
CA GLY D 219 -16.59 -42.18 -23.41
C GLY D 219 -15.89 -40.92 -22.96
N ALA D 220 -15.96 -39.82 -23.71
CA ALA D 220 -15.19 -38.63 -23.37
C ALA D 220 -15.82 -37.85 -22.22
N ASP D 221 -14.96 -37.39 -21.30
CA ASP D 221 -15.39 -36.48 -20.25
C ASP D 221 -15.33 -35.02 -20.67
N VAL D 222 -14.51 -34.71 -21.67
CA VAL D 222 -14.28 -33.34 -22.10
C VAL D 222 -14.17 -33.36 -23.62
N LEU D 223 -14.91 -32.48 -24.27
CA LEU D 223 -14.81 -32.28 -25.71
C LEU D 223 -14.33 -30.86 -25.94
N VAL D 224 -13.31 -30.70 -26.78
CA VAL D 224 -12.72 -29.39 -27.08
C VAL D 224 -12.69 -29.18 -28.58
N THR D 225 -12.89 -27.93 -29.01
CA THR D 225 -12.58 -27.58 -30.38
C THR D 225 -12.00 -26.16 -30.39
N ASP D 226 -11.67 -25.69 -31.59
CA ASP D 226 -10.95 -24.43 -31.81
C ASP D 226 -11.24 -24.00 -33.24
N THR D 227 -10.96 -22.73 -33.55
CA THR D 227 -11.30 -22.26 -34.89
C THR D 227 -10.53 -23.05 -35.95
N TRP D 228 -11.16 -23.17 -37.11
CA TRP D 228 -10.58 -23.94 -38.21
C TRP D 228 -9.52 -23.16 -38.97
N THR D 229 -9.49 -21.84 -38.82
CA THR D 229 -8.51 -21.04 -39.54
C THR D 229 -7.55 -20.35 -38.58
N ARG D 240 -9.40 -24.86 -47.83
CA ARG D 240 -10.58 -24.18 -47.22
C ARG D 240 -10.94 -24.82 -45.88
N VAL D 241 -12.23 -25.00 -45.62
CA VAL D 241 -12.69 -25.51 -44.31
C VAL D 241 -13.47 -26.82 -44.53
N LYS D 242 -13.64 -27.22 -45.78
CA LYS D 242 -14.31 -28.50 -46.10
C LYS D 242 -13.75 -29.67 -45.27
N PRO D 243 -12.43 -29.92 -45.20
CA PRO D 243 -11.93 -31.07 -44.45
C PRO D 243 -12.40 -31.13 -42.99
N PHE D 244 -12.84 -30.02 -42.42
CA PHE D 244 -13.18 -30.00 -41.01
C PHE D 244 -14.68 -30.10 -40.72
N ARG D 245 -15.53 -29.90 -41.72
CA ARG D 245 -16.98 -29.90 -41.49
C ARG D 245 -17.52 -31.12 -40.74
N PRO D 246 -17.10 -32.37 -41.00
CA PRO D 246 -17.65 -33.49 -40.22
C PRO D 246 -17.20 -33.51 -38.77
N PHE D 247 -16.18 -32.73 -38.41
CA PHE D 247 -15.69 -32.68 -37.04
C PHE D 247 -16.32 -31.58 -36.22
N GLN D 248 -17.39 -30.97 -36.70
CA GLN D 248 -18.05 -29.89 -35.97
C GLN D 248 -18.53 -30.40 -34.61
N LEU D 249 -18.33 -29.61 -33.58
CA LEU D 249 -18.76 -30.01 -32.25
C LEU D 249 -20.22 -29.56 -32.13
N ASN D 250 -21.16 -30.45 -32.47
CA ASN D 250 -22.57 -30.12 -32.43
C ASN D 250 -23.27 -30.95 -31.33
N SER D 251 -24.57 -30.74 -31.21
CA SER D 251 -25.35 -31.43 -30.19
C SER D 251 -25.32 -32.95 -30.37
N ARG D 252 -25.36 -33.42 -31.60
CA ARG D 252 -25.36 -34.87 -31.81
C ARG D 252 -24.03 -35.48 -31.38
N LEU D 253 -22.93 -34.76 -31.60
CA LEU D 253 -21.62 -35.28 -31.21
C LEU D 253 -21.46 -35.28 -29.69
N LEU D 254 -21.95 -34.22 -29.04
CA LEU D 254 -21.90 -34.17 -27.58
C LEU D 254 -22.74 -35.27 -26.95
N ALA D 255 -23.84 -35.67 -27.59
CA ALA D 255 -24.70 -36.72 -27.08
C ALA D 255 -24.02 -38.10 -27.07
N LEU D 256 -22.97 -38.27 -27.88
CA LEU D 256 -22.24 -39.53 -27.88
C LEU D 256 -21.25 -39.63 -26.72
N ALA D 257 -20.87 -38.50 -26.13
CA ALA D 257 -19.92 -38.48 -25.02
C ALA D 257 -20.61 -38.90 -23.72
N ASP D 258 -19.87 -38.86 -22.62
CA ASP D 258 -20.46 -39.06 -21.29
C ASP D 258 -21.64 -38.11 -21.07
N SER D 259 -22.61 -38.58 -20.27
CA SER D 259 -23.78 -37.77 -19.98
C SER D 259 -23.41 -36.42 -19.35
N ASP D 260 -22.39 -36.42 -18.49
CA ASP D 260 -21.96 -35.22 -17.78
C ASP D 260 -20.70 -34.60 -18.37
N ALA D 261 -20.39 -34.87 -19.64
CA ALA D 261 -19.24 -34.26 -20.28
C ALA D 261 -19.37 -32.73 -20.32
N ILE D 262 -18.21 -32.07 -20.41
CA ILE D 262 -18.16 -30.62 -20.55
C ILE D 262 -17.42 -30.27 -21.84
N VAL D 263 -17.60 -29.02 -22.28
CA VAL D 263 -17.12 -28.56 -23.57
C VAL D 263 -16.23 -27.34 -23.36
N LEU D 264 -15.03 -27.39 -23.95
CA LEU D 264 -14.10 -26.26 -23.93
C LEU D 264 -13.87 -25.73 -25.33
N HIS D 265 -13.53 -24.45 -25.41
CA HIS D 265 -13.23 -23.79 -26.69
C HIS D 265 -12.41 -22.55 -26.38
N CYS D 266 -11.20 -22.45 -26.94
CA CYS D 266 -10.43 -21.22 -26.83
C CYS D 266 -11.11 -20.12 -27.62
N LEU D 267 -11.47 -19.00 -26.95
CA LEU D 267 -12.25 -17.98 -27.64
C LEU D 267 -11.35 -17.09 -28.49
N PRO D 268 -11.90 -16.50 -29.58
CA PRO D 268 -13.32 -16.50 -29.98
C PRO D 268 -13.78 -17.74 -30.72
N ALA D 269 -15.08 -17.94 -30.74
CA ALA D 269 -15.71 -19.06 -31.44
C ALA D 269 -16.45 -18.53 -32.67
N HIS D 270 -16.39 -19.31 -33.75
CA HIS D 270 -17.15 -19.02 -34.96
C HIS D 270 -18.41 -19.88 -34.90
N ARG D 271 -19.46 -19.33 -34.29
CA ARG D 271 -20.68 -20.08 -34.08
C ARG D 271 -21.26 -20.57 -35.42
N GLY D 272 -21.64 -21.84 -35.45
CA GLY D 272 -22.11 -22.45 -36.67
C GLY D 272 -21.02 -23.11 -37.49
N ASP D 273 -19.75 -22.80 -37.25
CA ASP D 273 -18.65 -23.50 -37.89
C ASP D 273 -18.16 -24.67 -37.03
N GLU D 274 -17.12 -24.46 -36.22
CA GLU D 274 -16.59 -25.58 -35.45
C GLU D 274 -17.47 -25.96 -34.26
N ILE D 275 -18.48 -25.17 -33.94
CA ILE D 275 -19.32 -25.42 -32.78
C ILE D 275 -20.66 -24.74 -33.01
N THR D 276 -21.72 -25.31 -32.47
CA THR D 276 -23.08 -24.79 -32.65
C THR D 276 -23.48 -23.95 -31.46
N ASP D 277 -24.48 -23.09 -31.69
CA ASP D 277 -25.04 -22.27 -30.61
C ASP D 277 -25.54 -23.13 -29.47
N ALA D 278 -26.24 -24.23 -29.79
CA ALA D 278 -26.82 -25.06 -28.76
C ALA D 278 -25.75 -25.56 -27.78
N VAL D 279 -24.59 -25.93 -28.30
CA VAL D 279 -23.55 -26.45 -27.42
C VAL D 279 -22.85 -25.30 -26.70
N MET D 280 -22.63 -24.21 -27.42
CA MET D 280 -21.96 -23.04 -26.86
C MET D 280 -22.72 -22.49 -25.65
N ASP D 281 -24.05 -22.50 -25.70
CA ASP D 281 -24.84 -21.85 -24.67
C ASP D 281 -25.53 -22.82 -23.71
N GLY D 282 -25.33 -24.13 -23.89
CA GLY D 282 -26.01 -25.10 -23.07
C GLY D 282 -25.33 -25.37 -21.75
N PRO D 283 -25.82 -26.38 -21.03
CA PRO D 283 -25.29 -26.64 -19.68
C PRO D 283 -23.91 -27.26 -19.66
N ALA D 284 -23.47 -27.91 -20.75
CA ALA D 284 -22.16 -28.55 -20.79
C ALA D 284 -21.03 -27.58 -21.12
N SER D 285 -21.34 -26.37 -21.58
CA SER D 285 -20.31 -25.41 -21.91
C SER D 285 -19.57 -24.94 -20.66
N ALA D 286 -18.25 -25.05 -20.68
CA ALA D 286 -17.39 -24.43 -19.69
C ALA D 286 -16.54 -23.29 -20.28
N VAL D 287 -16.95 -22.73 -21.42
CA VAL D 287 -16.05 -21.83 -22.14
C VAL D 287 -15.90 -20.47 -21.47
N TRP D 288 -16.89 -20.05 -20.67
CA TRP D 288 -16.81 -18.75 -20.01
C TRP D 288 -15.88 -18.82 -18.81
N ASP D 289 -16.04 -19.83 -17.97
CA ASP D 289 -15.09 -20.09 -16.89
C ASP D 289 -13.68 -20.32 -17.45
N GLU D 290 -13.59 -21.06 -18.56
CA GLU D 290 -12.30 -21.30 -19.18
C GLU D 290 -11.61 -19.99 -19.58
N ALA D 291 -12.37 -19.03 -20.13
CA ALA D 291 -11.78 -17.74 -20.51
C ALA D 291 -11.33 -16.96 -19.28
N GLU D 292 -12.14 -16.94 -18.22
CA GLU D 292 -11.73 -16.27 -16.99
C GLU D 292 -10.49 -16.91 -16.39
N ASN D 293 -10.38 -18.24 -16.42
CA ASN D 293 -9.26 -18.89 -15.76
C ASN D 293 -7.92 -18.59 -16.43
N ARG D 294 -7.91 -17.99 -17.63
CA ARG D 294 -6.65 -17.50 -18.19
C ARG D 294 -5.96 -16.54 -17.23
N LEU D 295 -6.73 -15.63 -16.64
CA LEU D 295 -6.19 -14.73 -15.62
C LEU D 295 -5.51 -15.50 -14.48
N HIS D 296 -6.23 -16.47 -13.91
CA HIS D 296 -5.75 -17.12 -12.71
C HIS D 296 -4.60 -18.08 -13.00
N ALA D 297 -4.73 -18.87 -14.06
CA ALA D 297 -3.69 -19.83 -14.42
C ALA D 297 -2.38 -19.13 -14.73
N GLN D 298 -2.44 -18.01 -15.44
CA GLN D 298 -1.23 -17.29 -15.83
C GLN D 298 -0.57 -16.61 -14.63
N LYS D 299 -1.38 -16.09 -13.70
CA LYS D 299 -0.83 -15.58 -12.44
C LYS D 299 -0.12 -16.68 -11.66
N ALA D 300 -0.75 -17.86 -11.56
CA ALA D 300 -0.12 -18.99 -10.89
C ALA D 300 1.20 -19.36 -11.56
N LEU D 301 1.20 -19.41 -12.90
CA LEU D 301 2.42 -19.73 -13.64
C LEU D 301 3.53 -18.75 -13.30
N LEU D 302 3.22 -17.45 -13.35
CA LEU D 302 4.20 -16.42 -13.00
C LEU D 302 4.71 -16.58 -11.58
N VAL D 303 3.80 -16.69 -10.60
CA VAL D 303 4.24 -16.85 -9.21
C VAL D 303 5.18 -18.02 -9.09
N TRP D 304 4.84 -19.14 -9.74
CA TRP D 304 5.63 -20.36 -9.60
C TRP D 304 7.00 -20.21 -10.27
N LEU D 305 7.04 -19.65 -11.47
CA LEU D 305 8.33 -19.48 -12.16
C LEU D 305 9.21 -18.49 -11.42
N LEU D 306 8.61 -17.44 -10.85
CA LEU D 306 9.40 -16.45 -10.15
C LEU D 306 10.06 -17.04 -8.90
N GLU D 307 9.37 -17.91 -8.16
CA GLU D 307 9.99 -18.39 -6.93
C GLU D 307 10.99 -19.50 -7.19
N ARG D 308 10.89 -20.17 -8.34
CA ARG D 308 11.87 -21.17 -8.76
C ARG D 308 13.04 -20.56 -9.53
N SER D 309 13.07 -19.24 -9.69
CA SER D 309 14.10 -18.58 -10.50
C SER D 309 14.73 -17.41 -9.76
N VAL E 3 -30.81 -3.58 -11.86
CA VAL E 3 -29.94 -3.35 -10.71
C VAL E 3 -28.57 -2.85 -11.20
N ILE E 4 -28.20 -3.21 -12.43
CA ILE E 4 -26.96 -2.74 -13.05
C ILE E 4 -27.24 -1.42 -13.76
N ARG E 5 -26.58 -0.36 -13.31
CA ARG E 5 -26.83 0.98 -13.85
C ARG E 5 -25.84 1.30 -14.97
N HIS E 6 -26.31 2.04 -15.96
CA HIS E 6 -25.46 2.52 -17.05
C HIS E 6 -25.60 4.03 -17.15
N PHE E 7 -24.66 4.65 -17.86
CA PHE E 7 -24.64 6.10 -18.12
C PHE E 7 -24.26 6.28 -19.58
N LEU E 8 -25.26 6.24 -20.46
CA LEU E 8 -25.07 6.45 -21.88
C LEU E 8 -25.50 7.83 -22.33
N ARG E 9 -26.25 8.53 -21.49
CA ARG E 9 -26.76 9.86 -21.77
C ARG E 9 -27.09 10.49 -20.43
N ASP E 10 -27.16 11.81 -20.45
CA ASP E 10 -27.24 12.67 -19.27
C ASP E 10 -28.42 12.29 -18.36
N ASP E 11 -29.59 12.08 -18.97
CA ASP E 11 -30.79 11.79 -18.20
C ASP E 11 -30.88 10.32 -17.77
N ASP E 12 -29.82 9.52 -17.95
CA ASP E 12 -29.78 8.24 -17.27
C ASP E 12 -29.71 8.40 -15.75
N LEU E 13 -29.36 9.59 -15.27
CA LEU E 13 -29.42 9.93 -13.86
C LEU E 13 -30.67 10.76 -13.62
N SER E 14 -31.41 10.41 -12.57
CA SER E 14 -32.48 11.28 -12.12
C SER E 14 -31.87 12.56 -11.54
N PRO E 15 -32.67 13.62 -11.40
CA PRO E 15 -32.15 14.82 -10.73
C PRO E 15 -31.51 14.52 -9.38
N ALA E 16 -32.16 13.67 -8.56
CA ALA E 16 -31.61 13.32 -7.26
C ALA E 16 -30.27 12.59 -7.39
N GLU E 17 -30.19 11.66 -8.35
CA GLU E 17 -28.95 10.92 -8.54
C GLU E 17 -27.84 11.80 -9.11
N GLN E 18 -28.17 12.70 -10.05
CA GLN E 18 -27.15 13.58 -10.58
C GLN E 18 -26.55 14.45 -9.49
N ALA E 19 -27.39 14.92 -8.56
CA ALA E 19 -26.89 15.72 -7.43
C ALA E 19 -25.91 14.92 -6.58
N GLU E 20 -26.16 13.62 -6.41
CA GLU E 20 -25.25 12.79 -5.61
C GLU E 20 -23.91 12.63 -6.30
N VAL E 21 -23.93 12.38 -7.61
CA VAL E 21 -22.68 12.25 -8.38
C VAL E 21 -21.89 13.54 -8.33
N LEU E 22 -22.57 14.68 -8.48
CA LEU E 22 -21.88 15.97 -8.46
C LEU E 22 -21.33 16.30 -7.07
N GLU E 23 -22.02 15.90 -6.01
CA GLU E 23 -21.47 16.06 -4.66
C GLU E 23 -20.24 15.19 -4.48
N LEU E 24 -20.29 13.96 -4.98
CA LEU E 24 -19.15 13.08 -4.90
C LEU E 24 -17.97 13.64 -5.68
N ALA E 25 -18.25 14.28 -6.81
CA ALA E 25 -17.19 14.89 -7.62
C ALA E 25 -16.45 15.97 -6.84
N ALA E 26 -17.19 16.75 -6.04
CA ALA E 26 -16.56 17.78 -5.22
C ALA E 26 -15.72 17.16 -4.10
N GLU E 27 -16.23 16.11 -3.45
CA GLU E 27 -15.44 15.45 -2.41
C GLU E 27 -14.17 14.82 -2.98
N LEU E 28 -14.27 14.22 -4.17
CA LEU E 28 -13.10 13.58 -4.79
C LEU E 28 -12.08 14.61 -5.27
N LYS E 29 -12.52 15.80 -5.67
CA LYS E 29 -11.54 16.83 -6.01
C LYS E 29 -10.75 17.27 -4.79
N LYS E 30 -11.39 17.32 -3.63
CA LYS E 30 -10.67 17.69 -2.40
C LYS E 30 -9.81 16.54 -1.87
N ASP E 31 -10.24 15.28 -2.02
CA ASP E 31 -9.47 14.14 -1.55
C ASP E 31 -9.43 13.09 -2.66
N PRO E 32 -8.45 13.19 -3.57
CA PRO E 32 -8.49 12.37 -4.78
C PRO E 32 -8.18 10.89 -4.60
N VAL E 33 -7.63 10.44 -3.47
CA VAL E 33 -7.28 9.03 -3.29
C VAL E 33 -8.00 8.41 -2.09
N SER E 34 -9.06 9.04 -1.60
CA SER E 34 -9.77 8.53 -0.43
C SER E 34 -10.82 7.47 -0.75
N ARG E 35 -11.12 7.23 -2.03
CA ARG E 35 -12.05 6.19 -2.41
C ARG E 35 -11.33 5.20 -3.30
N ARG E 36 -11.19 3.96 -2.85
CA ARG E 36 -10.50 2.95 -3.64
C ARG E 36 -11.38 1.73 -3.92
N PRO E 37 -12.57 1.91 -4.54
CA PRO E 37 -13.42 0.74 -4.80
C PRO E 37 -12.80 -0.24 -5.79
N LEU E 38 -11.77 0.17 -6.52
CA LEU E 38 -11.15 -0.72 -7.50
C LEU E 38 -9.80 -1.26 -7.01
N GLN E 39 -9.53 -1.14 -5.70
CA GLN E 39 -8.26 -1.60 -5.16
C GLN E 39 -8.04 -3.07 -5.49
N GLY E 40 -6.81 -3.40 -5.87
CA GLY E 40 -6.49 -4.76 -6.27
C GLY E 40 -5.17 -4.88 -7.01
N PRO E 41 -5.12 -4.36 -8.25
CA PRO E 41 -6.22 -3.64 -8.90
C PRO E 41 -7.26 -4.51 -9.60
N ARG E 42 -8.47 -4.00 -9.59
CA ARG E 42 -9.54 -4.50 -10.43
C ARG E 42 -9.51 -3.71 -11.74
N GLY E 43 -9.98 -4.33 -12.82
CA GLY E 43 -9.91 -3.73 -14.13
C GLY E 43 -11.13 -2.88 -14.49
N VAL E 44 -10.88 -1.87 -15.32
CA VAL E 44 -11.93 -1.16 -16.07
C VAL E 44 -11.49 -1.18 -17.53
N ALA E 45 -12.39 -1.62 -18.42
CA ALA E 45 -12.13 -1.56 -19.85
C ALA E 45 -12.42 -0.16 -20.36
N VAL E 46 -11.47 0.40 -21.11
CA VAL E 46 -11.60 1.72 -21.72
C VAL E 46 -11.42 1.52 -23.22
N ILE E 47 -12.52 1.52 -23.98
CA ILE E 47 -12.52 1.14 -25.39
C ILE E 47 -12.73 2.37 -26.26
N PHE E 48 -11.90 2.51 -27.30
CA PHE E 48 -11.99 3.63 -28.24
C PHE E 48 -12.24 3.08 -29.64
N ASP E 49 -13.42 3.33 -30.20
CA ASP E 49 -13.63 3.08 -31.62
C ASP E 49 -12.96 4.14 -32.47
N LYS E 50 -12.65 5.29 -31.86
CA LYS E 50 -11.87 6.35 -32.47
C LYS E 50 -11.07 6.96 -31.32
N ASN E 51 -9.77 7.12 -31.51
CA ASN E 51 -8.92 7.50 -30.40
C ASN E 51 -9.28 8.92 -29.93
N SER E 52 -9.08 9.14 -28.63
CA SER E 52 -9.36 10.43 -27.97
C SER E 52 -8.33 10.54 -26.83
N THR E 53 -7.22 11.20 -27.13
CA THR E 53 -6.12 11.31 -26.16
C THR E 53 -6.57 11.98 -24.86
N ARG E 54 -7.36 13.05 -24.97
CA ARG E 54 -7.83 13.76 -23.78
C ARG E 54 -8.68 12.85 -22.91
N THR E 55 -9.68 12.19 -23.52
CA THR E 55 -10.51 11.26 -22.78
C THR E 55 -9.66 10.16 -22.13
N ARG E 56 -8.58 9.75 -22.80
CA ARG E 56 -7.77 8.67 -22.26
C ARG E 56 -6.95 9.12 -21.05
N PHE E 57 -6.26 10.29 -21.10
CA PHE E 57 -5.67 10.85 -19.90
C PHE E 57 -6.60 10.81 -18.72
N SER E 58 -7.77 11.40 -18.90
CA SER E 58 -8.68 11.59 -17.79
C SER E 58 -9.11 10.26 -17.18
N PHE E 59 -9.48 9.28 -18.01
CA PHE E 59 -9.96 8.02 -17.45
C PHE E 59 -8.83 7.17 -16.90
N GLU E 60 -7.73 7.12 -17.64
CA GLU E 60 -6.61 6.27 -17.25
C GLU E 60 -6.09 6.68 -15.87
N LEU E 61 -5.93 7.99 -15.65
CA LEU E 61 -5.47 8.49 -14.36
C LEU E 61 -6.55 8.34 -13.30
N GLY E 62 -7.78 8.70 -13.64
CA GLY E 62 -8.87 8.58 -12.67
C GLY E 62 -9.07 7.15 -12.19
N ILE E 63 -9.02 6.19 -13.12
CA ILE E 63 -9.23 4.80 -12.71
C ILE E 63 -8.11 4.36 -11.78
N ALA E 64 -6.88 4.77 -12.08
CA ALA E 64 -5.76 4.40 -11.21
C ALA E 64 -5.92 5.00 -9.81
N GLN E 65 -6.40 6.26 -9.73
CA GLN E 65 -6.58 6.91 -8.44
C GLN E 65 -7.72 6.32 -7.63
N LEU E 66 -8.59 5.51 -8.27
CA LEU E 66 -9.57 4.67 -7.57
C LEU E 66 -9.02 3.30 -7.24
N GLY E 67 -7.70 3.10 -7.42
CA GLY E 67 -7.07 1.83 -7.14
C GLY E 67 -7.10 0.85 -8.29
N GLY E 68 -7.75 1.20 -9.41
CA GLY E 68 -7.95 0.26 -10.49
C GLY E 68 -6.83 0.29 -11.52
N HIS E 69 -7.00 -0.52 -12.54
CA HIS E 69 -6.11 -0.53 -13.70
C HIS E 69 -6.95 -0.44 -14.94
N ALA E 70 -6.77 0.63 -15.70
CA ALA E 70 -7.46 0.78 -16.97
C ALA E 70 -6.79 -0.10 -18.01
N VAL E 71 -7.57 -0.96 -18.65
CA VAL E 71 -7.10 -1.70 -19.82
C VAL E 71 -7.67 -1.00 -21.04
N VAL E 72 -6.79 -0.41 -21.83
CA VAL E 72 -7.19 0.49 -22.90
C VAL E 72 -7.20 -0.28 -24.21
N VAL E 73 -8.31 -0.20 -24.94
CA VAL E 73 -8.43 -0.82 -26.26
C VAL E 73 -8.64 0.29 -27.28
N ASP E 74 -7.68 0.46 -28.18
CA ASP E 74 -7.75 1.55 -29.15
C ASP E 74 -7.91 1.11 -30.60
N SER E 75 -8.51 -0.04 -30.87
CA SER E 75 -8.68 -0.45 -32.29
C SER E 75 -7.33 -0.66 -33.01
N LEU E 80 -14.18 -4.87 -33.35
CA LEU E 80 -15.18 -5.28 -32.37
C LEU E 80 -16.46 -5.62 -33.11
N GLY E 81 -16.99 -6.82 -32.86
CA GLY E 81 -18.05 -7.37 -33.66
C GLY E 81 -17.59 -8.18 -34.84
N ARG E 82 -16.29 -8.12 -35.17
CA ARG E 82 -15.77 -8.79 -36.37
C ARG E 82 -15.53 -10.28 -36.11
N ASP E 83 -14.60 -10.61 -35.22
CA ASP E 83 -14.26 -12.01 -35.00
C ASP E 83 -15.14 -12.70 -33.98
N GLU E 84 -16.10 -11.99 -33.38
CA GLU E 84 -16.85 -12.54 -32.25
C GLU E 84 -18.11 -11.71 -32.03
N THR E 85 -19.21 -12.38 -31.73
CA THR E 85 -20.47 -11.68 -31.47
C THR E 85 -20.33 -10.78 -30.26
N LEU E 86 -21.21 -9.77 -30.18
CA LEU E 86 -21.10 -8.79 -29.10
C LEU E 86 -21.45 -9.40 -27.78
N GLN E 87 -22.42 -10.32 -27.79
CA GLN E 87 -22.88 -10.89 -26.51
C GLN E 87 -21.75 -11.72 -25.91
N ASP E 88 -21.02 -12.45 -26.74
CA ASP E 88 -19.87 -13.23 -26.28
C ASP E 88 -18.78 -12.36 -25.71
N THR E 89 -18.50 -11.22 -26.35
CA THR E 89 -17.49 -10.30 -25.84
C THR E 89 -17.93 -9.67 -24.53
N ALA E 90 -19.17 -9.18 -24.47
CA ALA E 90 -19.66 -8.59 -23.22
C ALA E 90 -19.71 -9.61 -22.10
N LYS E 91 -20.02 -10.87 -22.41
CA LYS E 91 -20.06 -11.90 -21.38
C LYS E 91 -18.69 -12.07 -20.71
N VAL E 92 -17.62 -12.10 -21.49
CA VAL E 92 -16.32 -12.34 -20.89
C VAL E 92 -15.76 -11.08 -20.25
N LEU E 93 -15.91 -9.91 -20.90
CA LEU E 93 -15.47 -8.67 -20.26
C LEU E 93 -16.06 -8.50 -18.88
N SER E 94 -17.34 -8.84 -18.71
CA SER E 94 -17.98 -8.69 -17.42
C SER E 94 -17.32 -9.54 -16.33
N ARG E 95 -16.57 -10.58 -16.71
CA ARG E 95 -15.79 -11.33 -15.73
C ARG E 95 -14.41 -10.76 -15.48
N TYR E 96 -13.91 -9.91 -16.38
CA TYR E 96 -12.57 -9.39 -16.27
C TYR E 96 -12.51 -7.99 -15.67
N VAL E 97 -13.55 -7.18 -15.88
CA VAL E 97 -13.53 -5.78 -15.48
C VAL E 97 -14.78 -5.51 -14.65
N ASP E 98 -14.71 -4.42 -13.87
CA ASP E 98 -15.84 -3.98 -13.07
C ASP E 98 -16.67 -2.89 -13.75
N ALA E 99 -16.23 -2.39 -14.90
CA ALA E 99 -16.99 -1.42 -15.67
C ALA E 99 -16.41 -1.34 -17.07
N ILE E 100 -17.22 -0.83 -18.01
CA ILE E 100 -16.82 -0.65 -19.40
C ILE E 100 -17.03 0.81 -19.77
N VAL E 101 -15.94 1.49 -20.12
CA VAL E 101 -15.96 2.85 -20.63
C VAL E 101 -15.74 2.79 -22.13
N TRP E 102 -16.62 3.40 -22.91
CA TRP E 102 -16.63 3.21 -24.35
C TRP E 102 -16.82 4.52 -25.08
N ARG E 103 -15.86 4.88 -25.92
CA ARG E 103 -16.03 5.98 -26.88
C ARG E 103 -16.45 5.35 -28.19
N THR E 104 -17.67 5.64 -28.63
CA THR E 104 -18.11 5.04 -29.87
C THR E 104 -18.90 6.08 -30.66
N PHE E 105 -19.54 5.66 -31.74
CA PHE E 105 -20.21 6.62 -32.63
C PHE E 105 -21.71 6.62 -32.37
N GLY E 106 -22.42 5.67 -32.97
CA GLY E 106 -23.87 5.58 -32.78
C GLY E 106 -24.28 5.11 -31.39
N GLN E 107 -25.40 5.62 -30.89
CA GLN E 107 -25.89 5.26 -29.54
C GLN E 107 -26.39 3.82 -29.48
N GLU E 108 -26.69 3.23 -30.64
CA GLU E 108 -27.23 1.85 -30.72
C GLU E 108 -26.16 0.87 -30.25
N ARG E 109 -24.90 1.19 -30.52
CA ARG E 109 -23.79 0.33 -30.05
C ARG E 109 -23.79 0.35 -28.51
N LEU E 110 -23.85 1.54 -27.90
CA LEU E 110 -23.86 1.63 -26.44
C LEU E 110 -25.07 0.92 -25.86
N ASP E 111 -26.25 1.15 -26.45
CA ASP E 111 -27.48 0.50 -25.97
C ASP E 111 -27.34 -1.02 -25.99
N ALA E 112 -26.80 -1.56 -27.09
CA ALA E 112 -26.59 -3.00 -27.20
C ALA E 112 -25.70 -3.52 -26.07
N MET E 113 -24.55 -2.86 -25.87
CA MET E 113 -23.60 -3.30 -24.86
C MET E 113 -24.19 -3.22 -23.45
N ALA E 114 -24.91 -2.14 -23.15
CA ALA E 114 -25.48 -2.01 -21.81
C ALA E 114 -26.58 -3.05 -21.56
N SER E 115 -27.22 -3.57 -22.62
CA SER E 115 -28.32 -4.50 -22.41
C SER E 115 -27.85 -5.92 -22.13
N VAL E 116 -26.61 -6.26 -22.45
CA VAL E 116 -26.09 -7.59 -22.19
C VAL E 116 -24.98 -7.60 -21.15
N ALA E 117 -24.19 -6.53 -21.04
CA ALA E 117 -23.12 -6.51 -20.05
C ALA E 117 -23.70 -6.54 -18.63
N THR E 118 -23.03 -7.25 -17.73
CA THR E 118 -23.48 -7.28 -16.34
C THR E 118 -22.61 -6.42 -15.44
N VAL E 119 -21.93 -5.41 -16.01
CA VAL E 119 -21.24 -4.36 -15.27
C VAL E 119 -21.65 -3.02 -15.87
N PRO E 120 -21.48 -1.92 -15.14
CA PRO E 120 -21.91 -0.62 -15.67
C PRO E 120 -21.17 -0.26 -16.97
N VAL E 121 -21.91 0.34 -17.89
CA VAL E 121 -21.38 0.83 -19.15
C VAL E 121 -21.49 2.35 -19.17
N ILE E 122 -20.40 3.02 -19.54
CA ILE E 122 -20.32 4.50 -19.55
C ILE E 122 -19.99 5.02 -20.94
N ASN E 123 -20.74 6.00 -21.42
CA ASN E 123 -20.45 6.66 -22.70
C ASN E 123 -19.36 7.70 -22.43
N ALA E 124 -18.15 7.42 -22.88
CA ALA E 124 -17.03 8.37 -22.70
C ALA E 124 -17.21 9.57 -23.61
N LEU E 125 -17.83 9.37 -24.77
CA LEU E 125 -18.02 10.41 -25.81
C LEU E 125 -18.67 9.69 -26.99
N SER E 126 -19.79 10.20 -27.47
CA SER E 126 -20.48 9.58 -28.63
C SER E 126 -20.89 10.64 -29.64
N ASP E 127 -21.41 10.18 -30.77
CA ASP E 127 -21.94 11.11 -31.76
C ASP E 127 -23.05 11.96 -31.19
N GLU E 128 -23.93 11.36 -30.38
CA GLU E 128 -25.13 12.05 -29.94
C GLU E 128 -24.97 12.74 -28.59
N PHE E 129 -24.13 12.22 -27.69
CA PHE E 129 -24.06 12.76 -26.33
C PHE E 129 -22.62 12.80 -25.90
N HIS E 130 -22.33 13.67 -24.95
CA HIS E 130 -21.00 13.70 -24.31
C HIS E 130 -21.24 13.97 -22.83
N PRO E 131 -21.85 12.99 -22.15
CA PRO E 131 -22.41 13.26 -20.82
C PRO E 131 -21.37 13.35 -19.72
N CYS E 132 -20.17 12.79 -19.90
CA CYS E 132 -19.14 12.98 -18.88
C CYS E 132 -18.62 14.43 -18.88
N GLN E 133 -18.46 15.04 -20.05
CA GLN E 133 -18.09 16.45 -20.10
C GLN E 133 -19.12 17.34 -19.44
N VAL E 134 -20.41 17.05 -19.62
CA VAL E 134 -21.40 17.91 -19.00
C VAL E 134 -21.40 17.72 -17.49
N LEU E 135 -21.07 16.53 -16.99
CA LEU E 135 -20.90 16.37 -15.55
C LEU E 135 -19.80 17.29 -15.03
N ALA E 136 -18.65 17.31 -15.72
CA ALA E 136 -17.58 18.23 -15.36
C ALA E 136 -18.01 19.69 -15.51
N ASP E 137 -18.84 20.00 -16.50
CA ASP E 137 -19.33 21.36 -16.67
C ASP E 137 -20.18 21.78 -15.48
N LEU E 138 -21.11 20.90 -15.08
CA LEU E 138 -21.95 21.21 -13.92
C LEU E 138 -21.13 21.36 -12.66
N GLN E 139 -20.12 20.50 -12.47
CA GLN E 139 -19.24 20.66 -11.32
C GLN E 139 -18.52 22.01 -11.36
N THR E 140 -18.09 22.43 -12.56
CA THR E 140 -17.39 23.69 -12.71
C THR E 140 -18.30 24.88 -12.44
N ILE E 141 -19.55 24.82 -12.92
CA ILE E 141 -20.49 25.90 -12.65
C ILE E 141 -20.75 26.00 -11.15
N ALA E 142 -20.94 24.85 -10.50
CA ALA E 142 -21.22 24.88 -9.06
C ALA E 142 -20.07 25.52 -8.29
N GLU E 143 -18.83 25.18 -8.64
CA GLU E 143 -17.66 25.82 -8.05
C GLU E 143 -17.71 27.34 -8.17
N ARG E 144 -18.00 27.84 -9.38
CA ARG E 144 -17.96 29.28 -9.62
C ARG E 144 -19.23 30.00 -9.21
N LYS E 145 -20.35 29.30 -9.02
CA LYS E 145 -21.62 30.02 -8.79
C LYS E 145 -22.52 29.49 -7.66
N GLY E 146 -22.23 28.33 -7.06
CA GLY E 146 -23.06 27.84 -5.98
C GLY E 146 -24.19 26.97 -6.53
N ALA E 147 -25.43 27.30 -6.17
CA ALA E 147 -26.56 26.45 -6.54
C ALA E 147 -26.79 26.49 -8.04
N LEU E 148 -27.04 25.30 -8.63
CA LEU E 148 -27.32 25.20 -10.06
C LEU E 148 -28.76 25.56 -10.39
N ARG E 149 -29.70 25.25 -9.49
CA ARG E 149 -31.11 25.42 -9.78
C ARG E 149 -31.42 26.88 -10.06
N GLY E 150 -32.09 27.15 -11.18
CA GLY E 150 -32.47 28.49 -11.54
C GLY E 150 -31.48 29.24 -12.40
N LEU E 151 -30.26 28.74 -12.57
CA LEU E 151 -29.30 29.39 -13.45
C LEU E 151 -29.78 29.34 -14.90
N ARG E 152 -29.33 30.30 -15.69
CA ARG E 152 -29.64 30.38 -17.11
C ARG E 152 -28.37 30.12 -17.92
N LEU E 153 -28.37 29.03 -18.69
CA LEU E 153 -27.21 28.64 -19.49
C LEU E 153 -27.57 28.74 -20.97
N SER E 154 -26.66 29.33 -21.76
CA SER E 154 -26.84 29.41 -23.21
C SER E 154 -25.65 28.78 -23.93
N TYR E 155 -25.95 27.91 -24.89
CA TYR E 155 -24.97 27.28 -25.75
C TYR E 155 -25.09 27.87 -27.15
N PHE E 156 -23.95 28.16 -27.77
CA PHE E 156 -23.86 28.81 -29.07
C PHE E 156 -23.08 27.96 -30.06
N GLY E 157 -23.57 27.91 -31.29
CA GLY E 157 -22.81 27.31 -32.36
C GLY E 157 -23.54 26.20 -33.09
N ASP E 158 -22.93 25.02 -33.13
CA ASP E 158 -23.54 23.85 -33.74
C ASP E 158 -24.46 23.21 -32.71
N GLY E 159 -25.76 23.53 -32.79
CA GLY E 159 -26.70 23.02 -31.83
C GLY E 159 -27.13 21.59 -32.07
N ALA E 160 -26.57 20.92 -33.06
CA ALA E 160 -26.94 19.54 -33.33
C ALA E 160 -25.92 18.55 -32.80
N ASN E 161 -24.84 19.03 -32.19
CA ASN E 161 -23.77 18.12 -31.83
C ASN E 161 -23.97 17.55 -30.42
N ASN E 162 -22.97 16.77 -29.97
CA ASN E 162 -23.12 15.98 -28.75
C ASN E 162 -23.17 16.88 -27.51
N MET E 163 -22.37 17.96 -27.46
CA MET E 163 -22.46 18.89 -26.34
C MET E 163 -23.81 19.58 -26.26
N ALA E 164 -24.38 19.97 -27.40
CA ALA E 164 -25.67 20.64 -27.32
C ALA E 164 -26.73 19.70 -26.74
N HIS E 165 -26.73 18.45 -27.19
CA HIS E 165 -27.69 17.49 -26.63
C HIS E 165 -27.45 17.26 -25.15
N SER E 166 -26.18 17.15 -24.74
CA SER E 166 -25.91 16.85 -23.34
C SER E 166 -26.13 18.05 -22.44
N LEU E 167 -25.79 19.26 -22.91
CA LEU E 167 -26.10 20.43 -22.11
C LEU E 167 -27.61 20.53 -21.86
N LEU E 168 -28.42 20.17 -22.86
CA LEU E 168 -29.87 20.19 -22.70
C LEU E 168 -30.33 19.19 -21.63
N LEU E 169 -29.94 17.92 -21.78
CA LEU E 169 -30.43 16.89 -20.86
C LEU E 169 -29.80 17.04 -19.48
N GLY E 170 -28.49 17.27 -19.43
CA GLY E 170 -27.81 17.38 -18.15
C GLY E 170 -28.11 18.69 -17.45
N GLY E 171 -28.22 19.78 -18.22
CA GLY E 171 -28.62 21.05 -17.64
C GLY E 171 -30.00 21.03 -17.00
N VAL E 172 -31.01 20.57 -17.75
CA VAL E 172 -32.36 20.58 -17.17
C VAL E 172 -32.48 19.57 -16.03
N THR E 173 -31.71 18.48 -16.05
CA THR E 173 -31.70 17.57 -14.91
C THR E 173 -31.22 18.28 -13.66
N ALA E 174 -30.39 19.31 -13.82
CA ALA E 174 -29.86 20.08 -12.71
C ALA E 174 -30.70 21.32 -12.40
N GLY E 175 -31.84 21.48 -13.07
CA GLY E 175 -32.69 22.62 -12.80
C GLY E 175 -32.27 23.89 -13.51
N ILE E 176 -31.40 23.77 -14.52
CA ILE E 176 -30.85 24.90 -15.26
C ILE E 176 -31.75 25.19 -16.46
N HIS E 177 -32.05 26.47 -16.68
CA HIS E 177 -32.77 26.92 -17.87
C HIS E 177 -31.78 26.94 -19.03
N VAL E 178 -31.97 26.07 -20.02
CA VAL E 178 -30.98 25.89 -21.08
C VAL E 178 -31.50 26.53 -22.36
N THR E 179 -30.65 27.35 -22.98
CA THR E 179 -30.92 27.89 -24.31
C THR E 179 -29.86 27.39 -25.28
N VAL E 180 -30.29 26.93 -26.45
CA VAL E 180 -29.38 26.59 -27.54
C VAL E 180 -29.60 27.64 -28.62
N ALA E 181 -28.54 28.34 -29.00
CA ALA E 181 -28.57 29.34 -30.07
C ALA E 181 -27.76 28.82 -31.25
N ALA E 182 -28.46 28.50 -32.33
CA ALA E 182 -27.79 27.84 -33.47
C ALA E 182 -28.48 28.20 -34.79
N PRO E 183 -27.80 28.04 -35.96
CA PRO E 183 -28.44 28.25 -37.26
C PRO E 183 -29.48 27.17 -37.56
N GLU E 184 -30.41 27.46 -38.45
CA GLU E 184 -31.54 26.56 -38.73
C GLU E 184 -31.14 25.13 -39.12
N GLY E 185 -30.04 24.91 -39.82
CA GLY E 185 -29.74 23.52 -40.15
C GLY E 185 -29.02 22.75 -39.07
N PHE E 186 -28.76 23.38 -37.94
CA PHE E 186 -27.91 22.75 -36.90
C PHE E 186 -28.57 22.92 -35.55
N LEU E 187 -29.80 22.46 -35.46
CA LEU E 187 -30.59 22.62 -34.22
C LEU E 187 -30.66 21.29 -33.46
N PRO E 188 -31.00 21.23 -32.15
CA PRO E 188 -31.03 19.96 -31.44
C PRO E 188 -32.03 18.98 -32.05
N ASP E 189 -31.67 17.70 -31.99
CA ASP E 189 -32.57 16.62 -32.38
C ASP E 189 -33.92 16.77 -31.69
N PRO E 190 -35.04 16.74 -32.43
CA PRO E 190 -36.35 16.90 -31.77
C PRO E 190 -36.60 15.90 -30.66
N SER E 191 -36.18 14.64 -30.84
CA SER E 191 -36.40 13.64 -29.81
C SER E 191 -35.65 14.00 -28.54
N VAL E 192 -34.41 14.47 -28.68
CA VAL E 192 -33.62 14.89 -27.52
C VAL E 192 -34.27 16.10 -26.86
N ARG E 193 -34.66 17.10 -27.66
CA ARG E 193 -35.29 18.28 -27.08
C ARG E 193 -36.57 17.91 -26.34
N ALA E 194 -37.37 17.01 -26.92
CA ALA E 194 -38.59 16.58 -26.25
C ALA E 194 -38.26 15.89 -24.92
N ALA E 195 -37.25 15.01 -24.92
CA ALA E 195 -36.85 14.38 -23.67
C ALA E 195 -36.39 15.42 -22.65
N ALA E 196 -35.69 16.47 -23.12
CA ALA E 196 -35.24 17.52 -22.20
C ALA E 196 -36.41 18.34 -21.68
N GLU E 197 -37.39 18.62 -22.53
CA GLU E 197 -38.55 19.38 -22.06
C GLU E 197 -39.31 18.60 -21.00
N ARG E 198 -39.43 17.28 -21.18
CA ARG E 198 -40.14 16.45 -20.21
C ARG E 198 -39.40 16.43 -18.87
N ARG E 199 -38.07 16.26 -18.90
CA ARG E 199 -37.30 16.27 -17.67
C ARG E 199 -37.34 17.63 -16.98
N ALA E 200 -37.34 18.71 -17.77
CA ALA E 200 -37.42 20.06 -17.22
C ALA E 200 -38.73 20.34 -16.47
N GLN E 201 -39.79 19.60 -16.77
CA GLN E 201 -41.02 19.80 -16.01
C GLN E 201 -40.85 19.40 -14.55
N ASP E 202 -40.04 18.38 -14.30
CA ASP E 202 -39.81 17.89 -12.94
C ASP E 202 -38.87 18.78 -12.13
N THR E 203 -38.00 19.54 -12.78
CA THR E 203 -36.96 20.30 -12.09
C THR E 203 -37.25 21.79 -12.02
N GLY E 204 -38.35 22.25 -12.62
CA GLY E 204 -38.58 23.67 -12.76
C GLY E 204 -37.76 24.33 -13.84
N ALA E 205 -37.02 23.56 -14.62
CA ALA E 205 -36.14 24.09 -15.65
C ALA E 205 -36.93 24.40 -16.91
N SER E 206 -36.23 24.67 -18.01
CA SER E 206 -36.87 25.07 -19.25
C SER E 206 -35.89 24.85 -20.39
N VAL E 207 -36.44 24.78 -21.61
CA VAL E 207 -35.67 24.56 -22.83
C VAL E 207 -36.04 25.64 -23.83
N THR E 208 -35.04 26.27 -24.43
CA THR E 208 -35.27 27.25 -25.48
C THR E 208 -34.29 27.01 -26.63
N VAL E 209 -34.82 27.03 -27.86
CA VAL E 209 -34.01 26.96 -29.07
C VAL E 209 -34.26 28.22 -29.87
N THR E 210 -33.19 28.91 -30.25
CA THR E 210 -33.32 30.16 -31.00
C THR E 210 -32.20 30.27 -32.03
N ALA E 211 -32.41 31.13 -33.03
CA ALA E 211 -31.33 31.43 -33.97
C ALA E 211 -30.81 32.86 -33.76
N ASP E 212 -31.08 33.44 -32.60
CA ASP E 212 -30.73 34.84 -32.27
C ASP E 212 -29.69 34.81 -31.15
N ALA E 213 -28.41 34.94 -31.52
CA ALA E 213 -27.35 34.82 -30.51
C ALA E 213 -27.49 35.87 -29.42
N HIS E 214 -27.85 37.11 -29.79
CA HIS E 214 -27.97 38.19 -28.80
C HIS E 214 -29.10 37.93 -27.81
N ALA E 215 -30.25 37.48 -28.28
CA ALA E 215 -31.34 37.16 -27.36
C ALA E 215 -30.94 36.01 -26.43
N ALA E 216 -30.23 35.01 -26.96
CA ALA E 216 -29.79 33.92 -26.09
C ALA E 216 -28.74 34.36 -25.09
N ALA E 217 -27.90 35.34 -25.45
CA ALA E 217 -26.87 35.80 -24.53
C ALA E 217 -27.45 36.66 -23.40
N ALA E 218 -28.59 37.30 -23.65
CA ALA E 218 -29.13 38.31 -22.73
C ALA E 218 -29.40 37.73 -21.34
N GLY E 219 -28.74 38.31 -20.33
CA GLY E 219 -28.91 37.88 -18.96
C GLY E 219 -28.38 36.50 -18.62
N ALA E 220 -27.63 35.84 -19.50
CA ALA E 220 -27.20 34.48 -19.21
C ALA E 220 -26.18 34.44 -18.06
N ASP E 221 -26.24 33.36 -17.27
CA ASP E 221 -25.25 33.10 -16.22
C ASP E 221 -24.08 32.28 -16.72
N VAL E 222 -24.28 31.44 -17.73
CA VAL E 222 -23.24 30.59 -18.28
C VAL E 222 -23.36 30.64 -19.79
N LEU E 223 -22.24 30.88 -20.48
CA LEU E 223 -22.16 30.88 -21.93
C LEU E 223 -21.22 29.75 -22.32
N VAL E 224 -21.67 28.90 -23.24
CA VAL E 224 -20.92 27.70 -23.63
C VAL E 224 -20.82 27.64 -25.15
N THR E 225 -19.67 27.22 -25.67
CA THR E 225 -19.58 26.86 -27.07
C THR E 225 -18.64 25.67 -27.22
N ASP E 226 -18.39 25.29 -28.46
CA ASP E 226 -17.69 24.06 -28.81
C ASP E 226 -17.23 24.21 -30.25
N THR E 227 -16.27 23.37 -30.67
CA THR E 227 -15.83 23.44 -32.06
C THR E 227 -17.02 23.24 -32.99
N TRP E 228 -16.98 23.96 -34.10
CA TRP E 228 -18.06 23.90 -35.07
C TRP E 228 -18.00 22.63 -35.90
N THR E 229 -16.82 22.05 -36.07
CA THR E 229 -16.60 20.89 -36.93
C THR E 229 -15.32 20.21 -36.47
N LEU E 238 -16.16 27.34 -49.92
CA LEU E 238 -15.18 26.55 -49.19
C LEU E 238 -15.37 26.75 -47.68
N ASP E 239 -16.13 27.78 -47.30
CA ASP E 239 -16.32 28.13 -45.89
C ASP E 239 -17.51 27.34 -45.34
N ARG E 240 -17.24 26.06 -45.04
CA ARG E 240 -18.29 25.16 -44.56
C ARG E 240 -18.81 25.54 -43.17
N VAL E 241 -18.05 26.30 -42.38
CA VAL E 241 -18.53 26.71 -41.06
C VAL E 241 -19.12 28.12 -41.09
N LYS E 242 -19.30 28.71 -42.27
CA LYS E 242 -19.96 30.01 -42.38
C LYS E 242 -21.28 30.13 -41.61
N PRO E 243 -22.17 29.11 -41.57
CA PRO E 243 -23.42 29.30 -40.81
C PRO E 243 -23.21 29.60 -39.34
N PHE E 244 -22.10 29.16 -38.73
CA PHE E 244 -21.90 29.31 -37.30
C PHE E 244 -21.24 30.63 -36.92
N ARG E 245 -20.64 31.36 -37.86
CA ARG E 245 -19.85 32.54 -37.50
C ARG E 245 -20.63 33.64 -36.79
N PRO E 246 -21.91 33.91 -37.08
CA PRO E 246 -22.64 34.88 -36.27
C PRO E 246 -22.87 34.43 -34.83
N PHE E 247 -22.64 33.16 -34.52
CA PHE E 247 -22.79 32.62 -33.18
C PHE E 247 -21.48 32.53 -32.42
N GLN E 248 -20.43 33.16 -32.93
CA GLN E 248 -19.15 33.15 -32.22
C GLN E 248 -19.30 33.72 -30.81
N LEU E 249 -18.68 33.06 -29.85
CA LEU E 249 -18.68 33.55 -28.48
C LEU E 249 -17.52 34.52 -28.34
N ASN E 250 -17.84 35.82 -28.46
CA ASN E 250 -16.85 36.90 -28.42
C ASN E 250 -17.19 37.90 -27.32
N SER E 251 -16.46 38.99 -27.23
CA SER E 251 -16.61 39.95 -26.12
C SER E 251 -17.99 40.62 -26.10
N ARG E 252 -18.50 40.98 -27.25
CA ARG E 252 -19.81 41.67 -27.34
C ARG E 252 -20.88 40.73 -26.81
N LEU E 253 -20.81 39.46 -27.17
CA LEU E 253 -21.81 38.49 -26.71
C LEU E 253 -21.69 38.36 -25.19
N LEU E 254 -20.45 38.19 -24.72
CA LEU E 254 -20.29 38.07 -23.27
C LEU E 254 -20.81 39.30 -22.53
N ALA E 255 -20.72 40.47 -23.18
CA ALA E 255 -21.19 41.71 -22.57
C ALA E 255 -22.70 41.79 -22.44
N LEU E 256 -23.45 40.96 -23.17
CA LEU E 256 -24.90 40.94 -23.02
C LEU E 256 -25.38 40.01 -21.91
N ALA E 257 -24.51 39.17 -21.37
CA ALA E 257 -24.88 38.22 -20.33
C ALA E 257 -24.89 38.91 -18.96
N ASP E 258 -25.30 38.15 -17.93
CA ASP E 258 -25.22 38.64 -16.56
C ASP E 258 -23.80 39.09 -16.23
N SER E 259 -23.69 40.06 -15.33
CA SER E 259 -22.40 40.71 -15.07
C SER E 259 -21.35 39.76 -14.48
N ASP E 260 -21.75 38.60 -13.96
CA ASP E 260 -20.80 37.68 -13.36
C ASP E 260 -20.87 36.31 -14.06
N ALA E 261 -21.26 36.33 -15.34
CA ALA E 261 -21.36 35.11 -16.13
C ALA E 261 -20.00 34.46 -16.35
N ILE E 262 -20.00 33.13 -16.50
CA ILE E 262 -18.79 32.37 -16.79
C ILE E 262 -18.93 31.71 -18.16
N VAL E 263 -17.78 31.31 -18.71
CA VAL E 263 -17.67 30.81 -20.08
C VAL E 263 -17.09 29.41 -20.04
N LEU E 264 -17.75 28.45 -20.70
CA LEU E 264 -17.29 27.07 -20.79
C LEU E 264 -17.04 26.68 -22.24
N HIS E 265 -16.09 25.77 -22.45
CA HIS E 265 -15.76 25.27 -23.79
C HIS E 265 -15.15 23.89 -23.62
N CYS E 266 -15.73 22.88 -24.27
CA CYS E 266 -15.11 21.56 -24.30
C CYS E 266 -13.84 21.64 -25.14
N LEU E 267 -12.68 21.46 -24.53
CA LEU E 267 -11.44 21.66 -25.29
C LEU E 267 -11.18 20.48 -26.23
N PRO E 268 -10.46 20.71 -27.34
CA PRO E 268 -9.73 21.93 -27.74
C PRO E 268 -10.62 23.03 -28.32
N ALA E 269 -10.16 24.26 -28.17
CA ALA E 269 -10.80 25.41 -28.80
C ALA E 269 -10.01 25.80 -30.05
N HIS E 270 -10.73 26.31 -31.05
CA HIS E 270 -10.10 26.89 -32.24
C HIS E 270 -10.24 28.41 -32.10
N ARG E 271 -9.21 29.03 -31.52
CA ARG E 271 -9.28 30.45 -31.23
C ARG E 271 -9.50 31.24 -32.52
N GLY E 272 -10.33 32.28 -32.45
CA GLY E 272 -10.73 33.04 -33.63
C GLY E 272 -11.92 32.47 -34.37
N ASP E 273 -12.33 31.23 -34.08
CA ASP E 273 -13.52 30.69 -34.71
C ASP E 273 -14.70 30.76 -33.75
N GLU E 274 -15.01 29.64 -33.06
CA GLU E 274 -16.16 29.61 -32.18
C GLU E 274 -15.99 30.48 -30.94
N ILE E 275 -14.75 30.88 -30.61
CA ILE E 275 -14.46 31.64 -29.39
C ILE E 275 -13.25 32.51 -29.68
N THR E 276 -13.17 33.66 -29.01
CA THR E 276 -12.04 34.56 -29.21
C THR E 276 -11.03 34.43 -28.08
N ASP E 277 -9.79 34.86 -28.38
CA ASP E 277 -8.75 34.92 -27.35
C ASP E 277 -9.21 35.70 -26.12
N ALA E 278 -9.78 36.89 -26.35
CA ALA E 278 -10.16 37.75 -25.24
C ALA E 278 -11.12 37.03 -24.29
N VAL E 279 -12.12 36.35 -24.86
CA VAL E 279 -13.06 35.60 -24.04
C VAL E 279 -12.37 34.45 -23.36
N MET E 280 -11.62 33.68 -24.09
CA MET E 280 -11.09 32.49 -23.46
C MET E 280 -9.92 32.74 -22.52
N ASP E 281 -9.23 33.88 -22.62
CA ASP E 281 -8.18 34.24 -21.68
C ASP E 281 -8.62 35.24 -20.61
N GLY E 282 -9.88 35.66 -20.64
CA GLY E 282 -10.36 36.66 -19.70
C GLY E 282 -10.84 36.07 -18.39
N PRO E 283 -11.37 36.93 -17.52
CA PRO E 283 -11.73 36.49 -16.16
C PRO E 283 -13.00 35.65 -16.12
N ALA E 284 -13.89 35.74 -17.10
CA ALA E 284 -15.08 34.90 -17.12
C ALA E 284 -14.80 33.45 -17.54
N SER E 285 -13.64 33.17 -18.12
CA SER E 285 -13.38 31.82 -18.63
C SER E 285 -13.17 30.83 -17.49
N ALA E 286 -13.84 29.68 -17.58
CA ALA E 286 -13.61 28.59 -16.64
C ALA E 286 -13.13 27.32 -17.37
N VAL E 287 -12.54 27.48 -18.55
CA VAL E 287 -12.25 26.33 -19.41
C VAL E 287 -11.17 25.45 -18.80
N TRP E 288 -10.23 26.02 -18.03
CA TRP E 288 -9.14 25.22 -17.49
C TRP E 288 -9.60 24.36 -16.32
N ASP E 289 -10.39 24.94 -15.41
CA ASP E 289 -11.00 24.13 -14.36
C ASP E 289 -11.92 23.08 -14.97
N GLU E 290 -12.67 23.46 -16.00
CA GLU E 290 -13.59 22.55 -16.67
C GLU E 290 -12.84 21.35 -17.26
N ALA E 291 -11.69 21.58 -17.86
CA ALA E 291 -10.90 20.48 -18.41
C ALA E 291 -10.39 19.57 -17.28
N GLU E 292 -9.89 20.17 -16.20
CA GLU E 292 -9.40 19.38 -15.07
C GLU E 292 -10.52 18.58 -14.41
N ASN E 293 -11.72 19.14 -14.38
CA ASN E 293 -12.85 18.50 -13.72
C ASN E 293 -13.37 17.29 -14.46
N ARG E 294 -12.97 17.09 -15.72
CA ARG E 294 -13.22 15.80 -16.38
C ARG E 294 -12.74 14.65 -15.50
N LEU E 295 -11.55 14.80 -14.91
CA LEU E 295 -10.97 13.76 -14.06
C LEU E 295 -11.85 13.49 -12.84
N HIS E 296 -12.22 14.54 -12.11
CA HIS E 296 -12.97 14.36 -10.87
C HIS E 296 -14.39 13.87 -11.12
N ALA E 297 -15.06 14.40 -12.17
CA ALA E 297 -16.46 14.04 -12.40
C ALA E 297 -16.58 12.61 -12.89
N GLN E 298 -15.65 12.18 -13.76
CA GLN E 298 -15.62 10.79 -14.20
C GLN E 298 -15.31 9.83 -13.06
N LYS E 299 -14.39 10.20 -12.17
CA LYS E 299 -14.15 9.36 -11.01
C LYS E 299 -15.40 9.26 -10.15
N ALA E 300 -16.09 10.38 -9.95
CA ALA E 300 -17.33 10.39 -9.19
C ALA E 300 -18.37 9.46 -9.81
N LEU E 301 -18.52 9.53 -11.13
CA LEU E 301 -19.50 8.69 -11.82
C LEU E 301 -19.16 7.20 -11.67
N LEU E 302 -17.88 6.83 -11.83
CA LEU E 302 -17.49 5.44 -11.59
C LEU E 302 -17.78 4.99 -10.18
N VAL E 303 -17.32 5.77 -9.18
CA VAL E 303 -17.57 5.40 -7.78
C VAL E 303 -19.06 5.17 -7.55
N TRP E 304 -19.90 6.07 -8.08
CA TRP E 304 -21.33 5.98 -7.86
C TRP E 304 -21.92 4.75 -8.54
N LEU E 305 -21.59 4.54 -9.81
CA LEU E 305 -22.11 3.37 -10.52
C LEU E 305 -21.63 2.07 -9.88
N LEU E 306 -20.38 2.05 -9.40
CA LEU E 306 -19.83 0.82 -8.86
C LEU E 306 -20.52 0.43 -7.56
N GLU E 307 -20.85 1.41 -6.71
CA GLU E 307 -21.48 1.10 -5.44
C GLU E 307 -22.97 0.81 -5.57
N ARG E 308 -23.58 1.19 -6.68
CA ARG E 308 -25.00 0.89 -6.92
C ARG E 308 -25.18 -0.34 -7.80
N SER E 309 -24.11 -1.08 -8.09
CA SER E 309 -24.20 -2.21 -9.00
C SER E 309 -23.58 -3.46 -8.37
N SER F 2 10.33 27.71 -6.04
CA SER F 2 9.30 28.45 -6.74
C SER F 2 9.59 28.47 -8.25
N VAL F 3 10.88 28.59 -8.59
CA VAL F 3 11.26 28.51 -10.00
C VAL F 3 11.17 27.07 -10.46
N ILE F 4 10.62 26.89 -11.64
CA ILE F 4 10.37 25.55 -12.18
C ILE F 4 11.57 25.13 -13.01
N ARG F 5 12.24 24.06 -12.60
CA ARG F 5 13.44 23.60 -13.28
C ARG F 5 13.10 22.68 -14.45
N HIS F 6 13.86 22.80 -15.53
CA HIS F 6 13.74 21.88 -16.66
C HIS F 6 15.07 21.19 -16.92
N PHE F 7 15.02 20.10 -17.69
CA PHE F 7 16.24 19.39 -18.11
C PHE F 7 16.15 19.12 -19.60
N LEU F 8 16.55 20.10 -20.40
CA LEU F 8 16.46 19.99 -21.84
C LEU F 8 17.80 19.69 -22.48
N ARG F 9 18.86 19.99 -21.73
CA ARG F 9 20.24 19.74 -22.17
C ARG F 9 21.10 19.47 -20.92
N ASP F 10 22.21 18.78 -21.07
CA ASP F 10 23.06 18.34 -19.93
C ASP F 10 23.56 19.48 -19.05
N ASP F 11 23.83 20.64 -19.65
CA ASP F 11 24.36 21.81 -18.91
C ASP F 11 23.25 22.55 -18.15
N ASP F 12 21.99 22.09 -18.25
CA ASP F 12 20.91 22.67 -17.42
C ASP F 12 21.23 22.38 -15.95
N LEU F 13 22.00 21.33 -15.67
CA LEU F 13 22.48 21.09 -14.32
C LEU F 13 23.87 21.70 -14.16
N SER F 14 24.06 22.49 -13.12
CA SER F 14 25.42 22.91 -12.74
C SER F 14 26.23 21.68 -12.32
N PRO F 15 27.56 21.79 -12.21
CA PRO F 15 28.34 20.63 -11.75
C PRO F 15 27.90 20.13 -10.37
N ALA F 16 27.62 21.04 -9.44
CA ALA F 16 27.13 20.62 -8.13
C ALA F 16 25.77 19.91 -8.24
N GLU F 17 24.88 20.43 -9.08
CA GLU F 17 23.55 19.82 -9.22
C GLU F 17 23.63 18.45 -9.89
N GLN F 18 24.43 18.33 -10.95
CA GLN F 18 24.65 17.03 -11.60
C GLN F 18 25.16 15.98 -10.62
N ALA F 19 26.10 16.36 -9.75
CA ALA F 19 26.57 15.44 -8.72
C ALA F 19 25.44 15.01 -7.80
N GLU F 20 24.52 15.92 -7.45
CA GLU F 20 23.39 15.53 -6.61
C GLU F 20 22.52 14.50 -7.33
N VAL F 21 22.27 14.71 -8.62
CA VAL F 21 21.42 13.78 -9.38
C VAL F 21 22.09 12.42 -9.49
N LEU F 22 23.41 12.41 -9.71
CA LEU F 22 24.12 11.14 -9.87
C LEU F 22 24.22 10.40 -8.56
N GLU F 23 24.37 11.12 -7.44
CA GLU F 23 24.34 10.46 -6.14
C GLU F 23 22.95 9.89 -5.87
N LEU F 24 21.90 10.65 -6.21
CA LEU F 24 20.55 10.12 -6.07
C LEU F 24 20.35 8.87 -6.93
N ALA F 25 20.91 8.86 -8.14
CA ALA F 25 20.74 7.70 -9.01
C ALA F 25 21.35 6.46 -8.37
N ALA F 26 22.51 6.61 -7.71
CA ALA F 26 23.13 5.49 -7.01
C ALA F 26 22.26 5.01 -5.85
N GLU F 27 21.67 5.95 -5.09
CA GLU F 27 20.81 5.57 -3.98
C GLU F 27 19.54 4.87 -4.48
N LEU F 28 19.00 5.32 -5.59
CA LEU F 28 17.78 4.71 -6.12
C LEU F 28 18.04 3.33 -6.72
N LYS F 29 19.24 3.10 -7.24
CA LYS F 29 19.58 1.77 -7.71
C LYS F 29 19.65 0.77 -6.56
N LYS F 30 20.16 1.22 -5.40
CA LYS F 30 20.19 0.36 -4.21
C LYS F 30 18.81 0.17 -3.60
N ASP F 31 17.98 1.24 -3.56
CA ASP F 31 16.63 1.17 -3.00
C ASP F 31 15.64 1.76 -3.99
N PRO F 32 15.14 0.95 -4.94
CA PRO F 32 14.38 1.51 -6.07
C PRO F 32 12.96 1.96 -5.75
N VAL F 33 12.42 1.66 -4.56
CA VAL F 33 11.05 2.07 -4.27
C VAL F 33 10.96 2.85 -2.98
N SER F 34 12.10 3.37 -2.50
CA SER F 34 12.10 4.15 -1.26
C SER F 34 11.67 5.60 -1.45
N ARG F 35 11.62 6.11 -2.68
CA ARG F 35 11.17 7.48 -2.94
C ARG F 35 9.87 7.42 -3.71
N ARG F 36 8.82 8.01 -3.15
CA ARG F 36 7.48 7.97 -3.74
C ARG F 36 6.88 9.37 -3.83
N PRO F 37 7.55 10.30 -4.51
CA PRO F 37 6.95 11.63 -4.70
C PRO F 37 5.69 11.64 -5.57
N LEU F 38 5.43 10.57 -6.34
CA LEU F 38 4.26 10.55 -7.20
C LEU F 38 3.16 9.62 -6.70
N GLN F 39 3.21 9.24 -5.42
CA GLN F 39 2.19 8.36 -4.82
C GLN F 39 0.78 8.92 -5.01
N GLY F 40 -0.17 8.06 -5.36
CA GLY F 40 -1.56 8.46 -5.60
C GLY F 40 -2.34 7.41 -6.37
N PRO F 41 -2.06 7.14 -7.65
CA PRO F 41 -0.94 7.76 -8.33
C PRO F 41 -1.10 9.14 -8.97
N ARG F 42 -0.03 9.91 -8.93
CA ARG F 42 -0.04 11.19 -9.66
C ARG F 42 0.51 10.90 -11.05
N GLY F 43 0.14 11.72 -12.01
CA GLY F 43 0.55 11.42 -13.36
C GLY F 43 1.80 12.10 -13.86
N VAL F 44 2.47 11.46 -14.79
CA VAL F 44 3.55 12.07 -15.57
C VAL F 44 3.24 11.83 -17.03
N ALA F 45 3.25 12.89 -17.84
CA ALA F 45 3.05 12.75 -19.28
C ALA F 45 4.36 12.36 -19.92
N VAL F 46 4.31 11.32 -20.76
CA VAL F 46 5.47 10.82 -21.52
C VAL F 46 5.04 10.86 -22.99
N ILE F 47 5.55 11.84 -23.73
CA ILE F 47 5.04 12.20 -25.05
C ILE F 47 6.12 11.90 -26.09
N PHE F 48 5.73 11.26 -27.19
CA PHE F 48 6.66 10.94 -28.26
C PHE F 48 6.20 11.54 -29.57
N ASP F 49 7.01 12.45 -30.11
CA ASP F 49 6.81 12.88 -31.50
C ASP F 49 7.34 11.84 -32.47
N LYS F 50 8.29 11.03 -32.03
CA LYS F 50 8.74 9.86 -32.75
C LYS F 50 8.92 8.77 -31.71
N ASN F 51 8.37 7.59 -31.97
CA ASN F 51 8.34 6.54 -30.97
C ASN F 51 9.75 6.10 -30.61
N SER F 52 9.94 5.75 -29.34
CA SER F 52 11.20 5.18 -28.86
C SER F 52 10.85 4.16 -27.78
N THR F 53 10.87 2.88 -28.14
CA THR F 53 10.44 1.85 -27.20
C THR F 53 11.32 1.83 -25.97
N ARG F 54 12.64 2.01 -26.15
CA ARG F 54 13.56 1.97 -25.03
C ARG F 54 13.32 3.12 -24.06
N THR F 55 13.08 4.32 -24.58
CA THR F 55 12.78 5.47 -23.73
C THR F 55 11.44 5.28 -23.01
N ARG F 56 10.44 4.83 -23.76
CA ARG F 56 9.12 4.62 -23.16
C ARG F 56 9.19 3.59 -22.05
N PHE F 57 9.90 2.48 -22.31
CA PHE F 57 10.02 1.38 -21.37
C PHE F 57 10.61 1.86 -20.06
N SER F 58 11.79 2.49 -20.13
CA SER F 58 12.50 2.94 -18.94
C SER F 58 11.71 3.99 -18.16
N PHE F 59 11.10 4.96 -18.85
CA PHE F 59 10.31 5.97 -18.13
C PHE F 59 9.03 5.39 -17.53
N GLU F 60 8.38 4.47 -18.22
CA GLU F 60 7.10 3.89 -17.71
C GLU F 60 7.32 3.18 -16.36
N LEU F 61 8.33 2.32 -16.28
CA LEU F 61 8.62 1.55 -15.05
C LEU F 61 9.16 2.50 -13.98
N GLY F 62 10.08 3.37 -14.37
CA GLY F 62 10.63 4.36 -13.43
C GLY F 62 9.56 5.17 -12.74
N ILE F 63 8.68 5.75 -13.53
CA ILE F 63 7.59 6.54 -12.96
C ILE F 63 6.72 5.70 -12.03
N ALA F 64 6.41 4.46 -12.44
CA ALA F 64 5.61 3.58 -11.59
C ALA F 64 6.31 3.32 -10.25
N GLN F 65 7.65 3.19 -10.27
CA GLN F 65 8.39 2.89 -9.05
C GLN F 65 8.58 4.11 -8.15
N LEU F 66 8.32 5.32 -8.66
CA LEU F 66 8.14 6.51 -7.82
C LEU F 66 6.72 6.66 -7.31
N GLY F 67 5.84 5.72 -7.59
CA GLY F 67 4.46 5.80 -7.15
C GLY F 67 3.50 6.37 -8.18
N GLY F 68 4.00 6.79 -9.34
CA GLY F 68 3.21 7.54 -10.28
C GLY F 68 2.57 6.68 -11.35
N HIS F 69 1.91 7.34 -12.29
CA HIS F 69 1.35 6.65 -13.44
C HIS F 69 1.75 7.43 -14.69
N ALA F 70 2.54 6.79 -15.54
CA ALA F 70 2.93 7.41 -16.80
C ALA F 70 1.75 7.36 -17.76
N VAL F 71 1.35 8.51 -18.30
CA VAL F 71 0.40 8.56 -19.39
C VAL F 71 1.20 8.80 -20.67
N VAL F 72 1.25 7.78 -21.51
CA VAL F 72 2.08 7.79 -22.70
C VAL F 72 1.26 8.27 -23.88
N VAL F 73 1.85 9.15 -24.67
CA VAL F 73 1.23 9.64 -25.91
C VAL F 73 2.22 9.34 -27.01
N ASP F 74 1.80 8.49 -27.93
CA ASP F 74 2.70 8.10 -29.04
C ASP F 74 2.52 8.99 -30.27
N SER F 75 3.35 8.75 -31.27
CA SER F 75 3.37 9.56 -32.51
C SER F 75 2.03 9.50 -33.23
N GLY F 76 1.33 8.38 -33.10
CA GLY F 76 0.01 8.24 -33.71
C GLY F 76 -0.88 9.44 -33.43
N SER F 77 -0.79 9.99 -32.23
CA SER F 77 -1.68 11.12 -31.84
C SER F 77 -1.38 12.37 -32.67
N THR F 78 -2.40 13.18 -32.93
CA THR F 78 -2.19 14.48 -33.64
C THR F 78 -0.99 15.17 -32.99
N GLN F 79 0.02 15.49 -33.78
CA GLN F 79 1.24 16.10 -33.20
C GLN F 79 0.92 17.33 -32.34
N LEU F 80 1.65 17.50 -31.25
CA LEU F 80 1.46 18.66 -30.35
C LEU F 80 1.53 19.95 -31.16
N GLY F 81 0.45 20.72 -31.15
CA GLY F 81 0.40 21.98 -31.86
C GLY F 81 -0.55 22.00 -33.04
N ARG F 82 -1.03 20.84 -33.48
CA ARG F 82 -1.91 20.78 -34.66
C ARG F 82 -3.35 21.14 -34.29
N ASP F 83 -3.99 20.31 -33.46
CA ASP F 83 -5.40 20.52 -33.15
C ASP F 83 -5.67 21.59 -32.09
N GLU F 84 -4.62 22.20 -31.54
CA GLU F 84 -4.71 23.05 -30.37
C GLU F 84 -3.37 23.74 -30.21
N THR F 85 -3.38 24.98 -29.75
CA THR F 85 -2.12 25.70 -29.56
C THR F 85 -1.31 25.00 -28.48
N LEU F 86 0.02 25.02 -28.65
CA LEU F 86 0.87 24.48 -27.63
C LEU F 86 0.59 25.14 -26.27
N GLN F 87 0.26 26.41 -26.19
CA GLN F 87 0.13 27.03 -24.86
C GLN F 87 -1.08 26.43 -24.14
N ASP F 88 -2.18 26.26 -24.87
CA ASP F 88 -3.38 25.63 -24.32
C ASP F 88 -3.06 24.24 -23.79
N THR F 89 -2.33 23.44 -24.58
CA THR F 89 -2.02 22.08 -24.15
C THR F 89 -1.16 22.09 -22.91
N ALA F 90 -0.13 22.95 -22.86
CA ALA F 90 0.73 22.99 -21.70
C ALA F 90 -0.02 23.44 -20.45
N LYS F 91 -1.02 24.31 -20.62
CA LYS F 91 -1.75 24.76 -19.45
C LYS F 91 -2.64 23.65 -18.89
N VAL F 92 -3.27 22.85 -19.75
CA VAL F 92 -4.10 21.76 -19.23
C VAL F 92 -3.22 20.64 -18.69
N LEU F 93 -2.12 20.31 -19.38
CA LEU F 93 -1.21 19.28 -18.88
C LEU F 93 -0.71 19.60 -17.49
N SER F 94 -0.38 20.86 -17.24
CA SER F 94 0.15 21.24 -15.93
C SER F 94 -0.86 21.05 -14.81
N ARG F 95 -2.15 20.88 -15.13
CA ARG F 95 -3.14 20.52 -14.14
C ARG F 95 -3.32 19.01 -13.99
N TYR F 96 -2.92 18.23 -14.99
CA TYR F 96 -3.13 16.79 -14.94
C TYR F 96 -1.92 16.01 -14.46
N VAL F 97 -0.71 16.48 -14.72
CA VAL F 97 0.50 15.71 -14.44
C VAL F 97 1.46 16.61 -13.68
N ASP F 98 2.47 15.98 -13.09
CA ASP F 98 3.49 16.66 -12.30
C ASP F 98 4.80 16.92 -13.03
N ALA F 99 4.98 16.34 -14.21
CA ALA F 99 6.16 16.56 -15.05
C ALA F 99 5.76 16.15 -16.45
N ILE F 100 6.49 16.69 -17.42
CA ILE F 100 6.28 16.39 -18.83
C ILE F 100 7.58 15.83 -19.38
N VAL F 101 7.55 14.60 -19.85
CA VAL F 101 8.68 13.95 -20.49
C VAL F 101 8.39 13.90 -21.98
N TRP F 102 9.30 14.45 -22.78
CA TRP F 102 9.00 14.66 -24.19
C TRP F 102 10.17 14.23 -25.07
N ARG F 103 9.89 13.36 -26.04
CA ARG F 103 10.85 13.03 -27.08
C ARG F 103 10.38 13.77 -28.33
N THR F 104 11.17 14.76 -28.77
CA THR F 104 10.79 15.59 -29.90
C THR F 104 12.01 15.76 -30.80
N PHE F 105 11.91 16.67 -31.76
CA PHE F 105 12.95 16.79 -32.77
C PHE F 105 13.85 17.97 -32.45
N GLY F 106 13.48 19.16 -32.95
CA GLY F 106 14.29 20.33 -32.74
C GLY F 106 14.22 20.84 -31.31
N GLN F 107 15.28 21.54 -30.91
CA GLN F 107 15.38 22.02 -29.54
C GLN F 107 14.43 23.19 -29.27
N GLU F 108 13.96 23.88 -30.32
CA GLU F 108 13.06 25.02 -30.13
C GLU F 108 11.71 24.60 -29.54
N ARG F 109 11.30 23.38 -29.83
CA ARG F 109 10.02 22.86 -29.31
C ARG F 109 10.15 22.63 -27.79
N LEU F 110 11.20 21.96 -27.35
CA LEU F 110 11.41 21.80 -25.92
C LEU F 110 11.42 23.16 -25.23
N ASP F 111 12.18 24.12 -25.79
CA ASP F 111 12.25 25.46 -25.22
C ASP F 111 10.87 26.12 -25.14
N ALA F 112 10.07 26.00 -26.20
CA ALA F 112 8.73 26.59 -26.18
C ALA F 112 7.84 25.94 -25.11
N MET F 113 7.89 24.62 -24.98
CA MET F 113 7.14 23.95 -23.93
C MET F 113 7.59 24.39 -22.55
N ALA F 114 8.90 24.39 -22.30
CA ALA F 114 9.40 24.76 -20.98
C ALA F 114 9.07 26.22 -20.66
N SER F 115 8.90 27.07 -21.68
CA SER F 115 8.54 28.48 -21.47
C SER F 115 7.23 28.63 -20.71
N VAL F 116 6.23 27.81 -21.02
CA VAL F 116 4.87 28.03 -20.55
C VAL F 116 4.40 27.00 -19.52
N ALA F 117 4.90 25.78 -19.54
CA ALA F 117 4.45 24.79 -18.57
C ALA F 117 4.90 25.17 -17.17
N THR F 118 4.03 24.89 -16.18
CA THR F 118 4.35 25.17 -14.79
C THR F 118 4.75 23.91 -14.03
N VAL F 119 5.17 22.86 -14.75
CA VAL F 119 5.75 21.65 -14.17
C VAL F 119 7.04 21.38 -14.93
N PRO F 120 7.97 20.61 -14.33
CA PRO F 120 9.24 20.32 -15.02
C PRO F 120 9.04 19.63 -16.37
N VAL F 121 9.83 20.05 -17.36
CA VAL F 121 9.90 19.46 -18.68
C VAL F 121 11.25 18.77 -18.82
N ILE F 122 11.24 17.51 -19.26
CA ILE F 122 12.44 16.70 -19.42
C ILE F 122 12.60 16.32 -20.88
N ASN F 123 13.78 16.55 -21.44
CA ASN F 123 14.13 16.05 -22.77
C ASN F 123 14.43 14.55 -22.68
N ALA F 124 13.48 13.71 -23.11
CA ALA F 124 13.73 12.27 -23.08
C ALA F 124 14.78 11.85 -24.11
N LEU F 125 14.87 12.58 -25.21
CA LEU F 125 15.75 12.31 -26.35
C LEU F 125 15.36 13.29 -27.45
N SER F 126 16.31 13.98 -28.07
CA SER F 126 15.97 14.90 -29.15
C SER F 126 17.02 14.80 -30.26
N ASP F 127 16.85 15.59 -31.30
CA ASP F 127 17.81 15.54 -32.41
C ASP F 127 19.19 16.00 -31.96
N GLU F 128 19.25 16.98 -31.08
CA GLU F 128 20.56 17.59 -30.71
C GLU F 128 21.16 17.01 -29.43
N PHE F 129 20.33 16.49 -28.53
CA PHE F 129 20.85 16.01 -27.23
C PHE F 129 20.18 14.72 -26.75
N HIS F 130 20.91 13.94 -25.98
CA HIS F 130 20.36 12.73 -25.31
C HIS F 130 20.84 12.83 -23.86
N PRO F 131 20.37 13.83 -23.09
CA PRO F 131 20.90 14.05 -21.74
C PRO F 131 20.61 12.98 -20.68
N CYS F 132 19.49 12.29 -20.81
CA CYS F 132 19.15 11.21 -19.88
C CYS F 132 20.08 10.01 -20.10
N GLN F 133 20.38 9.68 -21.36
CA GLN F 133 21.34 8.59 -21.57
C GLN F 133 22.69 8.96 -20.99
N VAL F 134 23.09 10.24 -21.07
CA VAL F 134 24.41 10.59 -20.57
C VAL F 134 24.46 10.60 -19.03
N LEU F 135 23.36 10.95 -18.36
CA LEU F 135 23.31 10.71 -16.91
C LEU F 135 23.54 9.24 -16.60
N ALA F 136 22.88 8.35 -17.35
CA ALA F 136 23.07 6.92 -17.14
C ALA F 136 24.51 6.52 -17.43
N ASP F 137 25.13 7.13 -18.44
CA ASP F 137 26.53 6.85 -18.76
C ASP F 137 27.43 7.25 -17.60
N LEU F 138 27.23 8.46 -17.05
CA LEU F 138 28.05 8.90 -15.93
C LEU F 138 27.83 8.03 -14.70
N GLN F 139 26.59 7.63 -14.42
CA GLN F 139 26.36 6.67 -13.34
C GLN F 139 27.14 5.38 -13.58
N THR F 140 27.17 4.92 -14.84
CA THR F 140 27.82 3.64 -15.16
C THR F 140 29.33 3.76 -14.98
N ILE F 141 29.92 4.86 -15.44
CA ILE F 141 31.35 5.10 -15.30
C ILE F 141 31.74 5.16 -13.82
N ALA F 142 30.94 5.85 -13.01
CA ALA F 142 31.27 6.01 -11.60
C ALA F 142 31.26 4.68 -10.87
N GLU F 143 30.32 3.78 -11.20
CA GLU F 143 30.30 2.51 -10.50
C GLU F 143 31.42 1.57 -10.96
N ARG F 144 31.95 1.73 -12.17
CA ARG F 144 33.14 0.94 -12.55
C ARG F 144 34.46 1.59 -12.13
N LYS F 145 34.50 2.92 -12.05
CA LYS F 145 35.79 3.63 -11.83
C LYS F 145 35.84 4.62 -10.66
N GLY F 146 34.74 4.94 -9.96
CA GLY F 146 34.83 5.82 -8.83
C GLY F 146 34.68 7.27 -9.24
N ALA F 147 35.57 8.13 -8.75
CA ALA F 147 35.46 9.57 -9.01
C ALA F 147 35.52 9.84 -10.50
N LEU F 148 34.61 10.68 -11.00
CA LEU F 148 34.60 11.02 -12.41
C LEU F 148 35.62 12.10 -12.76
N ARG F 149 35.89 13.01 -11.83
CA ARG F 149 36.77 14.14 -12.12
C ARG F 149 38.12 13.66 -12.63
N GLY F 150 38.55 14.18 -13.77
CA GLY F 150 39.85 13.85 -14.31
C GLY F 150 39.89 12.62 -15.19
N LEU F 151 38.80 11.86 -15.30
CA LEU F 151 38.81 10.74 -16.23
C LEU F 151 38.89 11.26 -17.66
N ARG F 152 39.40 10.40 -18.56
CA ARG F 152 39.56 10.73 -19.97
C ARG F 152 38.58 9.87 -20.76
N LEU F 153 37.65 10.51 -21.44
CA LEU F 153 36.62 9.83 -22.22
C LEU F 153 36.76 10.20 -23.69
N SER F 154 36.75 9.20 -24.57
CA SER F 154 36.77 9.43 -26.01
C SER F 154 35.54 8.82 -26.67
N TYR F 155 34.87 9.62 -27.49
CA TYR F 155 33.74 9.17 -28.29
C TYR F 155 34.18 9.08 -29.74
N PHE F 156 33.72 8.02 -30.43
CA PHE F 156 34.16 7.72 -31.79
C PHE F 156 32.97 7.59 -32.73
N GLY F 157 33.11 8.13 -33.94
CA GLY F 157 32.13 7.90 -34.98
C GLY F 157 31.48 9.17 -35.48
N ASP F 158 30.15 9.21 -35.45
CA ASP F 158 29.42 10.40 -35.90
C ASP F 158 29.42 11.41 -34.76
N GLY F 159 30.36 12.36 -34.82
CA GLY F 159 30.49 13.32 -33.76
C GLY F 159 29.52 14.46 -33.83
N ALA F 160 28.52 14.38 -34.71
CA ALA F 160 27.52 15.43 -34.82
C ALA F 160 26.17 15.01 -34.28
N ASN F 161 26.02 13.80 -33.73
CA ASN F 161 24.71 13.37 -33.29
C ASN F 161 24.49 13.73 -31.83
N ASN F 162 23.33 13.32 -31.31
CA ASN F 162 22.92 13.80 -29.99
C ASN F 162 23.82 13.27 -28.89
N MET F 163 24.38 12.05 -29.07
CA MET F 163 25.20 11.48 -28.02
C MET F 163 26.52 12.22 -27.90
N ALA F 164 27.13 12.59 -29.02
CA ALA F 164 28.39 13.35 -28.96
C ALA F 164 28.18 14.69 -28.27
N HIS F 165 27.07 15.36 -28.59
CA HIS F 165 26.80 16.66 -27.99
C HIS F 165 26.60 16.53 -26.49
N SER F 166 25.85 15.50 -26.06
CA SER F 166 25.58 15.36 -24.64
C SER F 166 26.78 14.81 -23.90
N LEU F 167 27.57 13.93 -24.53
CA LEU F 167 28.79 13.50 -23.87
C LEU F 167 29.72 14.69 -23.63
N LEU F 168 29.80 15.61 -24.59
CA LEU F 168 30.61 16.82 -24.42
C LEU F 168 30.12 17.64 -23.23
N LEU F 169 28.84 18.02 -23.23
CA LEU F 169 28.32 18.90 -22.18
C LEU F 169 28.21 18.18 -20.85
N GLY F 170 27.62 16.97 -20.84
CA GLY F 170 27.52 16.22 -19.60
C GLY F 170 28.87 15.79 -19.07
N GLY F 171 29.76 15.38 -19.97
CA GLY F 171 31.09 14.97 -19.54
C GLY F 171 31.88 16.09 -18.88
N VAL F 172 31.94 17.26 -19.52
CA VAL F 172 32.74 18.34 -18.92
C VAL F 172 32.07 18.84 -17.64
N THR F 173 30.74 18.72 -17.53
CA THR F 173 30.09 19.11 -16.28
C THR F 173 30.55 18.22 -15.12
N ALA F 174 30.87 16.96 -15.39
CA ALA F 174 31.38 16.04 -14.36
C ALA F 174 32.89 16.13 -14.20
N GLY F 175 33.56 17.02 -14.92
CA GLY F 175 35.00 17.15 -14.85
C GLY F 175 35.77 16.15 -15.67
N ILE F 176 35.12 15.50 -16.64
CA ILE F 176 35.76 14.55 -17.53
C ILE F 176 36.38 15.27 -18.72
N HIS F 177 37.61 14.88 -19.09
CA HIS F 177 38.26 15.33 -20.31
C HIS F 177 37.66 14.58 -21.49
N VAL F 178 36.95 15.28 -22.36
CA VAL F 178 36.17 14.64 -23.41
C VAL F 178 36.87 14.85 -24.74
N THR F 179 37.03 13.78 -25.51
CA THR F 179 37.52 13.83 -26.87
C THR F 179 36.46 13.25 -27.80
N VAL F 180 36.21 13.92 -28.91
CA VAL F 180 35.36 13.41 -29.96
C VAL F 180 36.23 13.15 -31.17
N ALA F 181 36.24 11.90 -31.64
CA ALA F 181 37.01 11.51 -32.83
C ALA F 181 36.01 11.17 -33.93
N ALA F 182 36.00 11.98 -34.99
CA ALA F 182 35.01 11.88 -36.05
C ALA F 182 35.63 12.37 -37.34
N PRO F 183 35.13 11.93 -38.48
CA PRO F 183 35.57 12.53 -39.74
C PRO F 183 35.05 13.95 -39.90
N GLU F 184 35.75 14.68 -40.76
CA GLU F 184 35.58 16.12 -40.97
C GLU F 184 34.12 16.53 -41.20
N GLY F 185 33.38 15.75 -41.97
CA GLY F 185 32.02 16.21 -42.18
C GLY F 185 31.01 15.94 -41.07
N PHE F 186 31.45 15.41 -39.93
CA PHE F 186 30.53 14.96 -38.88
C PHE F 186 31.09 15.34 -37.50
N LEU F 187 31.37 16.62 -37.31
CA LEU F 187 31.97 17.14 -36.10
C LEU F 187 30.91 17.76 -35.19
N PRO F 188 31.22 17.94 -33.91
CA PRO F 188 30.25 18.57 -33.00
C PRO F 188 29.86 19.96 -33.47
N ASP F 189 28.57 20.28 -33.31
CA ASP F 189 28.08 21.61 -33.61
C ASP F 189 28.92 22.65 -32.86
N PRO F 190 29.42 23.68 -33.53
CA PRO F 190 30.36 24.62 -32.88
C PRO F 190 29.78 25.36 -31.68
N SER F 191 28.48 25.67 -31.67
CA SER F 191 27.96 26.34 -30.48
C SER F 191 27.91 25.38 -29.29
N VAL F 192 27.61 24.11 -29.56
CA VAL F 192 27.66 23.12 -28.48
C VAL F 192 29.09 22.95 -27.98
N ARG F 193 30.05 22.87 -28.90
CA ARG F 193 31.44 22.73 -28.49
C ARG F 193 31.87 23.91 -27.62
N ALA F 194 31.51 25.12 -28.02
CA ALA F 194 31.87 26.31 -27.25
C ALA F 194 31.24 26.29 -25.87
N ALA F 195 29.97 25.90 -25.76
CA ALA F 195 29.34 25.79 -24.45
C ALA F 195 30.08 24.78 -23.58
N ALA F 196 30.54 23.68 -24.20
CA ALA F 196 31.26 22.68 -23.42
C ALA F 196 32.64 23.18 -23.02
N GLU F 197 33.30 23.93 -23.91
CA GLU F 197 34.58 24.54 -23.54
C GLU F 197 34.42 25.53 -22.38
N ARG F 198 33.36 26.33 -22.40
CA ARG F 198 33.15 27.28 -21.29
C ARG F 198 32.86 26.55 -20.00
N ARG F 199 32.04 25.49 -20.05
CA ARG F 199 31.71 24.79 -18.82
C ARG F 199 32.93 24.04 -18.28
N ALA F 200 33.77 23.51 -19.19
CA ALA F 200 34.98 22.83 -18.73
C ALA F 200 35.95 23.75 -17.98
N GLN F 201 35.86 25.07 -18.17
CA GLN F 201 36.70 25.99 -17.42
C GLN F 201 36.37 25.97 -15.93
N ASP F 202 35.12 25.70 -15.57
CA ASP F 202 34.73 25.68 -14.17
C ASP F 202 35.06 24.35 -13.48
N THR F 203 35.28 23.28 -14.23
CA THR F 203 35.44 21.95 -13.65
C THR F 203 36.83 21.36 -13.84
N GLY F 204 37.73 22.08 -14.51
CA GLY F 204 39.04 21.54 -14.79
C GLY F 204 39.06 20.51 -15.91
N ALA F 205 37.99 20.41 -16.67
CA ALA F 205 37.92 19.46 -17.78
C ALA F 205 38.49 20.09 -19.04
N SER F 206 38.37 19.38 -20.16
CA SER F 206 38.82 19.92 -21.43
C SER F 206 37.96 19.31 -22.52
N VAL F 207 38.02 19.93 -23.70
CA VAL F 207 37.31 19.46 -24.89
C VAL F 207 38.33 19.31 -26.00
N THR F 208 38.32 18.14 -26.66
CA THR F 208 39.19 17.89 -27.80
C THR F 208 38.36 17.31 -28.94
N VAL F 209 38.56 17.85 -30.14
CA VAL F 209 37.94 17.32 -31.36
C VAL F 209 39.06 16.95 -32.31
N THR F 210 39.02 15.73 -32.84
CA THR F 210 40.09 15.22 -33.69
C THR F 210 39.49 14.27 -34.74
N ALA F 211 40.24 14.08 -35.82
CA ALA F 211 39.88 13.08 -36.83
C ALA F 211 40.78 11.87 -36.76
N ASP F 212 41.57 11.73 -35.68
CA ASP F 212 42.59 10.69 -35.55
C ASP F 212 42.13 9.72 -34.45
N ALA F 213 41.52 8.60 -34.87
CA ALA F 213 40.96 7.65 -33.92
C ALA F 213 42.04 7.10 -33.00
N HIS F 214 43.19 6.72 -33.55
CA HIS F 214 44.22 6.09 -32.73
C HIS F 214 44.75 7.05 -31.67
N ALA F 215 44.87 8.34 -32.00
CA ALA F 215 45.29 9.30 -30.99
C ALA F 215 44.20 9.52 -29.95
N ALA F 216 42.92 9.45 -30.34
CA ALA F 216 41.86 9.61 -29.35
C ALA F 216 41.77 8.42 -28.40
N ALA F 217 42.16 7.24 -28.87
CA ALA F 217 42.09 6.06 -28.03
C ALA F 217 43.23 6.00 -27.03
N ALA F 218 44.39 6.55 -27.36
CA ALA F 218 45.54 6.48 -26.46
C ALA F 218 45.26 7.17 -25.13
N GLY F 219 45.44 6.43 -24.04
CA GLY F 219 45.23 6.95 -22.71
C GLY F 219 43.80 7.08 -22.27
N ALA F 220 42.84 6.63 -23.07
CA ALA F 220 41.44 6.81 -22.72
C ALA F 220 41.05 5.83 -21.61
N ASP F 221 40.23 6.32 -20.67
CA ASP F 221 39.62 5.47 -19.64
C ASP F 221 38.29 4.91 -20.07
N VAL F 222 37.59 5.63 -20.94
CA VAL F 222 36.27 5.26 -21.43
C VAL F 222 36.25 5.48 -22.93
N LEU F 223 35.78 4.48 -23.68
CA LEU F 223 35.60 4.59 -25.12
C LEU F 223 34.11 4.43 -25.41
N VAL F 224 33.56 5.34 -26.18
CA VAL F 224 32.13 5.38 -26.42
C VAL F 224 31.91 5.42 -27.93
N THR F 225 30.86 4.74 -28.40
CA THR F 225 30.40 4.98 -29.75
C THR F 225 28.88 4.89 -29.77
N ASP F 226 28.31 5.00 -30.96
CA ASP F 226 26.86 5.13 -31.14
C ASP F 226 26.58 4.76 -32.59
N THR F 227 25.30 4.48 -32.90
CA THR F 227 24.97 4.18 -34.28
C THR F 227 25.41 5.30 -35.21
N TRP F 228 25.94 4.92 -36.37
CA TRP F 228 26.28 5.88 -37.39
C TRP F 228 25.02 6.48 -38.03
N THR F 229 23.88 5.79 -37.94
CA THR F 229 22.66 6.13 -38.65
C THR F 229 21.60 6.77 -37.75
N SER F 230 22.02 7.57 -36.77
CA SER F 230 21.17 8.46 -35.96
C SER F 230 21.99 9.20 -34.92
N ASP F 239 27.84 2.76 -49.86
CA ASP F 239 28.21 2.69 -48.44
C ASP F 239 27.50 3.76 -47.63
N ARG F 240 28.05 4.98 -47.67
CA ARG F 240 27.49 6.16 -46.99
C ARG F 240 27.74 6.14 -45.49
N VAL F 241 28.09 4.97 -44.94
CA VAL F 241 28.73 4.88 -43.63
C VAL F 241 30.23 4.69 -43.76
N LYS F 242 30.74 4.63 -44.99
CA LYS F 242 32.17 4.56 -45.25
C LYS F 242 33.01 5.57 -44.46
N PRO F 243 32.60 6.84 -44.27
CA PRO F 243 33.47 7.77 -43.52
C PRO F 243 33.67 7.38 -42.07
N PHE F 244 32.81 6.55 -41.50
CA PHE F 244 32.95 6.17 -40.10
C PHE F 244 33.72 4.87 -39.89
N ARG F 245 33.95 4.07 -40.94
CA ARG F 245 34.68 2.81 -40.81
C ARG F 245 36.01 2.92 -40.06
N PRO F 246 36.90 3.88 -40.34
CA PRO F 246 38.15 3.96 -39.55
C PRO F 246 37.91 4.27 -38.08
N PHE F 247 36.71 4.70 -37.70
CA PHE F 247 36.40 5.04 -36.31
C PHE F 247 35.65 3.93 -35.59
N GLN F 248 35.63 2.74 -36.16
CA GLN F 248 34.96 1.57 -35.52
C GLN F 248 35.58 1.27 -34.16
N LEU F 249 34.74 1.05 -33.15
CA LEU F 249 35.23 0.66 -31.82
C LEU F 249 35.50 -0.85 -31.87
N ASN F 250 36.74 -1.19 -32.15
CA ASN F 250 37.10 -2.61 -32.32
C ASN F 250 38.19 -3.01 -31.34
N SER F 251 38.55 -4.29 -31.34
CA SER F 251 39.56 -4.80 -30.39
C SER F 251 40.88 -4.06 -30.57
N ARG F 252 41.20 -3.70 -31.80
CA ARG F 252 42.47 -3.00 -32.07
C ARG F 252 42.42 -1.69 -31.32
N LEU F 253 41.40 -0.86 -31.58
CA LEU F 253 41.24 0.44 -30.91
C LEU F 253 41.27 0.28 -29.38
N LEU F 254 40.51 -0.66 -28.86
CA LEU F 254 40.43 -0.84 -27.39
C LEU F 254 41.82 -1.13 -26.85
N ALA F 255 42.61 -1.92 -27.60
CA ALA F 255 43.94 -2.26 -27.11
C ALA F 255 44.88 -1.07 -27.08
N LEU F 256 44.49 0.05 -27.70
CA LEU F 256 45.33 1.24 -27.69
C LEU F 256 45.11 2.02 -26.39
N ALA F 257 44.00 1.77 -25.71
CA ALA F 257 43.58 2.56 -24.56
C ALA F 257 44.18 2.00 -23.28
N ASP F 258 43.80 2.58 -22.14
CA ASP F 258 44.25 2.06 -20.86
C ASP F 258 43.83 0.60 -20.71
N SER F 259 44.67 -0.16 -20.01
CA SER F 259 44.44 -1.60 -19.87
C SER F 259 43.13 -1.92 -19.14
N ASP F 260 42.59 -0.97 -18.37
CA ASP F 260 41.33 -1.17 -17.66
C ASP F 260 40.21 -0.27 -18.21
N ALA F 261 40.34 0.18 -19.45
CA ALA F 261 39.33 1.04 -20.03
C ALA F 261 38.02 0.28 -20.16
N ILE F 262 36.91 1.02 -20.16
CA ILE F 262 35.60 0.40 -20.37
C ILE F 262 34.97 1.00 -21.61
N VAL F 263 33.93 0.33 -22.12
CA VAL F 263 33.29 0.66 -23.38
C VAL F 263 31.81 0.91 -23.12
N LEU F 264 31.30 2.00 -23.69
CA LEU F 264 29.89 2.37 -23.60
C LEU F 264 29.31 2.53 -25.00
N HIS F 265 28.01 2.34 -25.12
CA HIS F 265 27.33 2.43 -26.41
C HIS F 265 25.85 2.60 -26.11
N CYS F 266 25.27 3.72 -26.53
CA CYS F 266 23.82 3.88 -26.42
C CYS F 266 23.15 2.85 -27.33
N LEU F 267 22.33 2.00 -26.74
CA LEU F 267 21.69 0.95 -27.54
C LEU F 267 20.59 1.54 -28.42
N PRO F 268 20.30 0.91 -29.57
CA PRO F 268 20.79 -0.36 -30.11
C PRO F 268 22.12 -0.26 -30.80
N ALA F 269 22.89 -1.34 -30.78
CA ALA F 269 24.15 -1.43 -31.49
C ALA F 269 23.95 -2.24 -32.76
N HIS F 270 24.57 -1.79 -33.85
CA HIS F 270 24.64 -2.55 -35.09
C HIS F 270 26.00 -3.24 -35.06
N ARG F 271 26.00 -4.50 -34.62
CA ARG F 271 27.26 -5.24 -34.47
C ARG F 271 27.94 -5.44 -35.81
N GLY F 272 29.26 -5.21 -35.82
CA GLY F 272 30.01 -5.23 -37.06
C GLY F 272 30.11 -3.88 -37.75
N ASP F 273 29.33 -2.89 -37.34
CA ASP F 273 29.48 -1.55 -37.91
C ASP F 273 30.30 -0.67 -36.98
N GLU F 274 29.65 0.12 -36.11
CA GLU F 274 30.39 1.01 -35.22
C GLU F 274 31.11 0.26 -34.11
N ILE F 275 30.72 -0.98 -33.81
CA ILE F 275 31.30 -1.75 -32.73
C ILE F 275 31.31 -3.22 -33.13
N THR F 276 32.23 -3.99 -32.54
CA THR F 276 32.37 -5.39 -32.91
C THR F 276 31.76 -6.28 -31.85
N ASP F 277 31.39 -7.51 -32.28
CA ASP F 277 30.92 -8.52 -31.34
C ASP F 277 31.92 -8.71 -30.22
N ALA F 278 33.21 -8.76 -30.54
CA ALA F 278 34.22 -9.05 -29.52
C ALA F 278 34.23 -7.98 -28.43
N VAL F 279 34.14 -6.72 -28.83
CA VAL F 279 34.13 -5.63 -27.86
C VAL F 279 32.83 -5.62 -27.07
N MET F 280 31.68 -5.67 -27.77
CA MET F 280 30.39 -5.69 -27.09
C MET F 280 30.29 -6.78 -26.04
N ASP F 281 30.79 -7.97 -26.34
CA ASP F 281 30.58 -9.13 -25.50
C ASP F 281 31.76 -9.43 -24.58
N GLY F 282 32.84 -8.63 -24.65
CA GLY F 282 34.03 -8.89 -23.87
C GLY F 282 33.98 -8.21 -22.52
N PRO F 283 35.08 -8.29 -21.76
CA PRO F 283 35.05 -7.83 -20.36
C PRO F 283 35.13 -6.32 -20.18
N ALA F 284 35.46 -5.56 -21.22
CA ALA F 284 35.49 -4.11 -21.09
C ALA F 284 34.13 -3.48 -21.30
N SER F 285 33.18 -4.25 -21.82
CA SER F 285 31.87 -3.72 -22.14
C SER F 285 31.11 -3.39 -20.86
N ALA F 286 30.61 -2.16 -20.78
CA ALA F 286 29.68 -1.79 -19.71
C ALA F 286 28.30 -1.49 -20.27
N VAL F 287 28.04 -1.90 -21.51
CA VAL F 287 26.85 -1.42 -22.22
C VAL F 287 25.59 -1.97 -21.58
N TRP F 288 25.66 -3.12 -20.90
CA TRP F 288 24.46 -3.71 -20.31
C TRP F 288 24.05 -2.95 -19.04
N ASP F 289 25.00 -2.72 -18.13
CA ASP F 289 24.70 -1.88 -16.98
C ASP F 289 24.31 -0.47 -17.40
N GLU F 290 24.89 0.00 -18.52
CA GLU F 290 24.59 1.35 -18.98
C GLU F 290 23.15 1.45 -19.45
N ALA F 291 22.65 0.42 -20.14
CA ALA F 291 21.24 0.38 -20.54
C ALA F 291 20.32 0.34 -19.32
N GLU F 292 20.62 -0.54 -18.35
CA GLU F 292 19.82 -0.59 -17.12
C GLU F 292 19.79 0.76 -16.41
N ASN F 293 20.93 1.45 -16.36
CA ASN F 293 21.03 2.69 -15.60
C ASN F 293 20.18 3.84 -16.17
N ARG F 294 19.68 3.74 -17.40
CA ARG F 294 18.65 4.68 -17.85
C ARG F 294 17.53 4.76 -16.85
N LEU F 295 17.08 3.60 -16.34
CA LEU F 295 15.98 3.55 -15.38
C LEU F 295 16.32 4.35 -14.13
N HIS F 296 17.48 4.09 -13.55
CA HIS F 296 17.86 4.72 -12.27
C HIS F 296 18.16 6.20 -12.43
N ALA F 297 18.90 6.57 -13.48
CA ALA F 297 19.24 7.99 -13.66
C ALA F 297 18.01 8.82 -13.96
N GLN F 298 17.08 8.28 -14.74
CA GLN F 298 15.87 9.04 -15.04
C GLN F 298 14.99 9.19 -13.81
N LYS F 299 14.89 8.15 -12.97
CA LYS F 299 14.17 8.31 -11.71
C LYS F 299 14.82 9.38 -10.83
N ALA F 300 16.15 9.39 -10.76
CA ALA F 300 16.85 10.38 -9.94
C ALA F 300 16.55 11.79 -10.44
N LEU F 301 16.63 11.99 -11.75
CA LEU F 301 16.33 13.28 -12.35
C LEU F 301 14.90 13.72 -12.04
N LEU F 302 13.92 12.82 -12.19
CA LEU F 302 12.54 13.18 -11.87
C LEU F 302 12.40 13.57 -10.40
N VAL F 303 12.95 12.73 -9.50
CA VAL F 303 12.87 13.03 -8.07
C VAL F 303 13.47 14.40 -7.76
N TRP F 304 14.65 14.68 -8.30
CA TRP F 304 15.35 15.93 -8.04
C TRP F 304 14.58 17.14 -8.57
N LEU F 305 14.08 17.05 -9.81
CA LEU F 305 13.29 18.13 -10.40
C LEU F 305 11.96 18.33 -9.67
N LEU F 306 11.28 17.23 -9.34
CA LEU F 306 10.02 17.36 -8.61
C LEU F 306 10.21 18.10 -7.29
N GLU F 307 11.33 17.85 -6.61
CA GLU F 307 11.44 18.49 -5.31
C GLU F 307 11.95 19.92 -5.39
N ARG F 308 12.65 20.30 -6.47
CA ARG F 308 13.11 21.67 -6.68
C ARG F 308 12.00 22.56 -7.21
N SER F 309 10.88 21.99 -7.61
CA SER F 309 9.84 22.74 -8.30
C SER F 309 8.56 22.82 -7.47
B02 NMR G . 1.66 17.17 24.39
C03 NMR G . 2.47 16.45 23.24
C04 NMR G . 3.80 16.77 23.03
C05 NMR G . 4.48 16.13 22.01
C07 NMR G . 3.87 15.18 21.22
C08 NMR G . 2.54 14.87 21.44
C10 NMR G . 1.83 15.50 22.46
O01 NMR G . 0.37 16.86 24.58
O11 NMR G . 2.33 17.87 25.31
CL1 NMR G . 6.19 16.47 21.69
CL2 NMR G . 1.79 13.64 20.40
P PO4 H . 3.62 37.50 33.48
O1 PO4 H . 4.52 37.93 34.62
O2 PO4 H . 2.81 38.65 32.92
O3 PO4 H . 2.67 36.45 34.01
O4 PO4 H . 4.48 36.91 32.38
B02 NMR I . -0.36 13.62 28.71
C03 NMR I . -0.74 13.10 27.28
C04 NMR I . 0.20 13.05 26.27
C05 NMR I . -0.14 12.59 25.02
C07 NMR I . -1.44 12.19 24.75
C08 NMR I . -2.38 12.24 25.75
C10 NMR I . -2.04 12.70 27.02
O01 NMR I . -1.32 14.15 29.49
O11 NMR I . 0.95 13.86 28.95
CL1 NMR I . 1.07 12.50 23.73
CL2 NMR I . -4.05 11.73 25.42
B02 NMR J . 15.65 -11.61 22.91
C03 NMR J . 14.50 -11.89 21.85
C04 NMR J . 14.08 -13.18 21.62
C05 NMR J . 13.07 -13.43 20.69
C07 NMR J . 12.48 -12.39 20.01
C08 NMR J . 12.91 -11.10 20.27
C10 NMR J . 13.92 -10.83 21.19
O01 NMR J . 16.02 -10.35 23.16
O11 NMR J . 15.97 -12.56 23.79
CL1 NMR J . 12.48 -15.06 20.35
CL2 NMR J . 12.11 -9.80 19.38
B02 NMR K . 13.71 -8.57 27.43
C03 NMR K . 13.32 -7.97 26.02
C04 NMR K . 13.69 -6.67 25.72
C05 NMR K . 13.37 -6.13 24.48
C07 NMR K . 12.70 -6.87 23.54
C08 NMR K . 12.33 -8.17 23.84
C10 NMR K . 12.64 -8.72 25.08
O01 NMR K . 14.87 -8.18 27.99
O11 NMR K . 13.24 -9.79 27.77
CL1 NMR K . 13.86 -4.47 24.08
CL2 NMR K . 11.45 -9.09 22.61
P PO4 L . -35.70 -18.91 30.46
O1 PO4 L . -36.34 -18.66 31.81
O2 PO4 L . -34.30 -19.45 30.67
O3 PO4 L . -35.61 -17.62 29.68
O4 PO4 L . -36.53 -19.92 29.69
B02 NMR M . -16.80 -9.56 23.38
C03 NMR M . -16.46 -8.40 22.37
C04 NMR M . -17.36 -7.36 22.18
C05 NMR M . -17.05 -6.33 21.29
C07 NMR M . -15.86 -6.33 20.59
C08 NMR M . -14.98 -7.38 20.78
C10 NMR M . -15.26 -8.41 21.67
O01 NMR M . -15.93 -10.57 23.56
O11 NMR M . -17.70 -9.32 24.33
CL1 NMR M . -18.17 -4.98 21.01
CL2 NMR M . -13.46 -7.34 19.86
B02 NMR N . -12.81 -9.76 27.88
C03 NMR N . -12.21 -9.60 26.43
C04 NMR N . -12.64 -8.60 25.57
C05 NMR N . -12.09 -8.48 24.30
C07 NMR N . -11.11 -9.37 23.88
C08 NMR N . -10.68 -10.35 24.73
C10 NMR N . -11.23 -10.47 25.98
O01 NMR N . -13.01 -11.00 28.40
O11 NMR N . -13.25 -8.67 28.55
CL1 NMR N . -12.60 -7.21 23.18
CL2 NMR N . -9.43 -11.49 24.20
B02 NMR O . 10.96 -6.08 -26.78
C03 NMR O . 11.79 -4.81 -27.12
C04 NMR O . 11.95 -3.89 -26.11
C05 NMR O . 12.69 -2.75 -26.35
C07 NMR O . 13.24 -2.55 -27.61
C08 NMR O . 13.07 -3.48 -28.63
C10 NMR O . 12.34 -4.63 -28.37
O01 NMR O . 10.28 -6.69 -27.76
O11 NMR O . 10.61 -6.17 -25.50
CL1 NMR O . 12.86 -1.57 -25.03
CL2 NMR O . 13.79 -3.24 -30.25
B02 NMR P . -13.40 -12.74 -25.27
C03 NMR P . -12.30 -12.59 -24.16
C04 NMR P . -12.19 -11.38 -23.50
C05 NMR P . -11.24 -11.20 -22.52
C07 NMR P . -10.37 -12.24 -22.19
C08 NMR P . -10.48 -13.46 -22.86
C10 NMR P . -11.44 -13.63 -23.85
O01 NMR P . -14.23 -11.71 -25.51
O11 NMR P . -13.39 -13.80 -26.08
CL1 NMR P . -11.22 -9.60 -21.73
CL2 NMR P . -9.40 -14.85 -22.50
B02 NMR Q . 17.51 -2.70 -25.53
C03 NMR Q . 17.00 -1.74 -24.39
C04 NMR Q . 15.84 -2.06 -23.69
C05 NMR Q . 15.42 -1.21 -22.68
C07 NMR Q . 16.13 -0.05 -22.39
C08 NMR Q . 17.28 0.25 -23.08
C10 NMR Q . 17.72 -0.60 -24.08
O01 NMR Q . 16.87 -3.87 -25.78
O11 NMR Q . 18.45 -2.23 -26.35
CL1 NMR Q . 13.95 -1.55 -21.76
CL2 NMR Q . 18.16 1.75 -22.65
P PO4 R . -13.27 40.00 -29.17
O1 PO4 R . -13.88 39.11 -28.11
O2 PO4 R . -14.24 40.16 -30.30
O3 PO4 R . -12.02 39.37 -29.73
O4 PO4 R . -12.94 41.35 -28.54
P PO4 S . -11.12 14.49 -28.40
O1 PO4 S . -12.02 14.60 -27.17
O2 PO4 S . -10.98 15.84 -29.09
O3 PO4 S . -11.75 13.54 -29.39
O4 PO4 S . -9.75 14.01 -27.93
B02 NMR T . -6.22 19.52 -23.67
C03 NMR T . -6.67 18.48 -22.59
C04 NMR T . -5.71 17.70 -22.01
C05 NMR T . -6.08 16.76 -21.05
C07 NMR T . -7.41 16.60 -20.68
C08 NMR T . -8.37 17.40 -21.27
C10 NMR T . -7.99 18.34 -22.22
O01 NMR T . -4.91 19.78 -23.84
O11 NMR T . -7.13 20.40 -24.12
CL1 NMR T . -4.80 15.78 -20.33
CL2 NMR T . -10.10 17.24 -20.82
B02 NMR U . -3.78 15.37 -29.32
C03 NMR U . -2.98 15.52 -27.97
C04 NMR U . -1.59 15.45 -27.94
C05 NMR U . -0.92 15.59 -26.73
C07 NMR U . -1.62 15.79 -25.56
C08 NMR U . -2.99 15.87 -25.60
C10 NMR U . -3.69 15.73 -26.79
O01 NMR U . -5.08 15.03 -29.25
O11 NMR U . -3.08 14.98 -30.39
CL1 NMR U . 0.86 15.50 -26.65
CL2 NMR U . -3.87 16.12 -24.08
#